data_1BZS
# 
_entry.id   1BZS 
# 
_audit_conform.dict_name       mmcif_pdbx.dic 
_audit_conform.dict_version    5.375 
_audit_conform.dict_location   http://mmcif.pdb.org/dictionaries/ascii/mmcif_pdbx.dic 
# 
loop_
_database_2.database_id 
_database_2.database_code 
_database_2.pdbx_database_accession 
_database_2.pdbx_DOI 
PDB   1BZS         pdb_00001bzs 10.2210/pdb1bzs/pdb 
RCSB  RCSB007243   ?            ?                   
WWPDB D_1000007243 ?            ?                   
# 
_pdbx_database_status.status_code                     REL 
_pdbx_database_status.entry_id                        1BZS 
_pdbx_database_status.recvd_initial_deposition_date   1998-11-04 
_pdbx_database_status.deposit_site                    BNL 
_pdbx_database_status.process_site                    RCSB 
_pdbx_database_status.status_code_sf                  REL 
_pdbx_database_status.SG_entry                        . 
_pdbx_database_status.pdb_format_compatible           Y 
_pdbx_database_status.status_code_mr                  ? 
_pdbx_database_status.status_code_cs                  ? 
_pdbx_database_status.status_code_nmr_data            ? 
_pdbx_database_status.methods_development_category    ? 
# 
loop_
_audit_author.name 
_audit_author.pdbx_ordinal 
'Schreuder, H.'  1 
'Brachvogel, V.' 2 
'Loenze, P.'     3 
# 
_citation.id                        primary 
_citation.title                     
;Quantitative structure-activity relationship of human neutrophil collagenase (MMP-8) inhibitors using comparative molecular field analysis and X-ray structure analysis.
;
_citation.journal_abbrev            J.Med.Chem. 
_citation.journal_volume            42 
_citation.page_first                1908 
_citation.page_last                 1920 
_citation.year                      1999 
_citation.journal_id_ASTM           JMCMAR 
_citation.country                   US 
_citation.journal_id_ISSN           0022-2623 
_citation.journal_id_CSD            0151 
_citation.book_publisher            ? 
_citation.pdbx_database_id_PubMed   10354399 
_citation.pdbx_database_id_DOI      10.1021/jm980631s 
# 
loop_
_citation_author.citation_id 
_citation_author.name 
_citation_author.ordinal 
_citation_author.identifier_ORCID 
primary 'Matter, H.'      1  ? 
primary 'Schwab, W.'      2  ? 
primary 'Barbier, D.'     3  ? 
primary 'Billen, G.'      4  ? 
primary 'Haase, B.'       5  ? 
primary 'Neises, B.'      6  ? 
primary 'Schudok, M.'     7  ? 
primary 'Thorwart, W.'    8  ? 
primary 'Schreuder, H.'   9  ? 
primary 'Brachvogel, V.'  10 ? 
primary 'Lonze, P.'       11 ? 
primary 'Weithmann, K.U.' 12 ? 
# 
_cell.entry_id           1BZS 
_cell.length_a           33.100 
_cell.length_b           68.900 
_cell.length_c           70.500 
_cell.angle_alpha        90.00 
_cell.angle_beta         90.00 
_cell.angle_gamma        90.00 
_cell.Z_PDB              4 
_cell.pdbx_unique_axis   ? 
# 
_symmetry.entry_id                         1BZS 
_symmetry.space_group_name_H-M             'P 21 21 21' 
_symmetry.pdbx_full_space_group_name_H-M   ? 
_symmetry.cell_setting                     ? 
_symmetry.Int_Tables_number                19 
# 
loop_
_entity.id 
_entity.type 
_entity.src_method 
_entity.pdbx_description 
_entity.formula_weight 
_entity.pdbx_number_of_molecules 
_entity.pdbx_ec 
_entity.pdbx_mutation 
_entity.pdbx_fragment 
_entity.details 
1 polymer     man 'NEUTROPHIL COLLAGENASE'                                                    18374.008 1   3.4.24.34 ? 
'CATALYTIC DOMAIN' ? 
2 non-polymer syn 'CALCIUM ION'                                                               40.078    2   ?         ? ? ? 
3 non-polymer syn 'ZINC ION'                                                                  65.409    2   ?         ? ? ? 
4 non-polymer syn '2-(BIPHENYL-4-SULFONYL)-1,2,3,4-TETRAHYDRO-ISOQUINOLINE-3-CARBOXYLIC ACID' 393.456   1   ?         ? ? ? 
5 non-polymer syn '4-(2-HYDROXYETHYL)-1-PIPERAZINE ETHANESULFONIC ACID'                       238.305   1   ?         ? ? ? 
6 water       nat water                                                                       18.015    208 ?         ? ? ? 
# 
_entity_name_com.entity_id   1 
_entity_name_com.name        MMP-8 
# 
_entity_name_sys.entity_id   1 
_entity_name_sys.name        'E.C.3.4.24.34 HYDROLASE' 
# 
_entity_poly.entity_id                      1 
_entity_poly.type                           'polypeptide(L)' 
_entity_poly.nstd_linkage                   no 
_entity_poly.nstd_monomer                   no 
_entity_poly.pdbx_seq_one_letter_code       
;FMLTPGNPKWERTNLTYRIRNYTPQLSEAEVERAIKDAFELWSVASPLIFTRISQGEADINIAFYQRDHGDNSPFDGPNG
ILAHAFQPGQGIGGDAHFDAEETWTNTSANYNLFLVAAHEFGHSLGLAHSSDPGALMYPNYAFRETSNYSLPQDDIDGIQ
AIYGD
;
_entity_poly.pdbx_seq_one_letter_code_can   
;FMLTPGNPKWERTNLTYRIRNYTPQLSEAEVERAIKDAFELWSVASPLIFTRISQGEADINIAFYQRDHGDNSPFDGPNG
ILAHAFQPGQGIGGDAHFDAEETWTNTSANYNLFLVAAHEFGHSLGLAHSSDPGALMYPNYAFRETSNYSLPQDDIDGIQ
AIYGD
;
_entity_poly.pdbx_strand_id                 A 
_entity_poly.pdbx_target_identifier         ? 
# 
loop_
_entity_poly_seq.entity_id 
_entity_poly_seq.num 
_entity_poly_seq.mon_id 
_entity_poly_seq.hetero 
1 1   PHE n 
1 2   MET n 
1 3   LEU n 
1 4   THR n 
1 5   PRO n 
1 6   GLY n 
1 7   ASN n 
1 8   PRO n 
1 9   LYS n 
1 10  TRP n 
1 11  GLU n 
1 12  ARG n 
1 13  THR n 
1 14  ASN n 
1 15  LEU n 
1 16  THR n 
1 17  TYR n 
1 18  ARG n 
1 19  ILE n 
1 20  ARG n 
1 21  ASN n 
1 22  TYR n 
1 23  THR n 
1 24  PRO n 
1 25  GLN n 
1 26  LEU n 
1 27  SER n 
1 28  GLU n 
1 29  ALA n 
1 30  GLU n 
1 31  VAL n 
1 32  GLU n 
1 33  ARG n 
1 34  ALA n 
1 35  ILE n 
1 36  LYS n 
1 37  ASP n 
1 38  ALA n 
1 39  PHE n 
1 40  GLU n 
1 41  LEU n 
1 42  TRP n 
1 43  SER n 
1 44  VAL n 
1 45  ALA n 
1 46  SER n 
1 47  PRO n 
1 48  LEU n 
1 49  ILE n 
1 50  PHE n 
1 51  THR n 
1 52  ARG n 
1 53  ILE n 
1 54  SER n 
1 55  GLN n 
1 56  GLY n 
1 57  GLU n 
1 58  ALA n 
1 59  ASP n 
1 60  ILE n 
1 61  ASN n 
1 62  ILE n 
1 63  ALA n 
1 64  PHE n 
1 65  TYR n 
1 66  GLN n 
1 67  ARG n 
1 68  ASP n 
1 69  HIS n 
1 70  GLY n 
1 71  ASP n 
1 72  ASN n 
1 73  SER n 
1 74  PRO n 
1 75  PHE n 
1 76  ASP n 
1 77  GLY n 
1 78  PRO n 
1 79  ASN n 
1 80  GLY n 
1 81  ILE n 
1 82  LEU n 
1 83  ALA n 
1 84  HIS n 
1 85  ALA n 
1 86  PHE n 
1 87  GLN n 
1 88  PRO n 
1 89  GLY n 
1 90  GLN n 
1 91  GLY n 
1 92  ILE n 
1 93  GLY n 
1 94  GLY n 
1 95  ASP n 
1 96  ALA n 
1 97  HIS n 
1 98  PHE n 
1 99  ASP n 
1 100 ALA n 
1 101 GLU n 
1 102 GLU n 
1 103 THR n 
1 104 TRP n 
1 105 THR n 
1 106 ASN n 
1 107 THR n 
1 108 SER n 
1 109 ALA n 
1 110 ASN n 
1 111 TYR n 
1 112 ASN n 
1 113 LEU n 
1 114 PHE n 
1 115 LEU n 
1 116 VAL n 
1 117 ALA n 
1 118 ALA n 
1 119 HIS n 
1 120 GLU n 
1 121 PHE n 
1 122 GLY n 
1 123 HIS n 
1 124 SER n 
1 125 LEU n 
1 126 GLY n 
1 127 LEU n 
1 128 ALA n 
1 129 HIS n 
1 130 SER n 
1 131 SER n 
1 132 ASP n 
1 133 PRO n 
1 134 GLY n 
1 135 ALA n 
1 136 LEU n 
1 137 MET n 
1 138 TYR n 
1 139 PRO n 
1 140 ASN n 
1 141 TYR n 
1 142 ALA n 
1 143 PHE n 
1 144 ARG n 
1 145 GLU n 
1 146 THR n 
1 147 SER n 
1 148 ASN n 
1 149 TYR n 
1 150 SER n 
1 151 LEU n 
1 152 PRO n 
1 153 GLN n 
1 154 ASP n 
1 155 ASP n 
1 156 ILE n 
1 157 ASP n 
1 158 GLY n 
1 159 ILE n 
1 160 GLN n 
1 161 ALA n 
1 162 ILE n 
1 163 TYR n 
1 164 GLY n 
1 165 ASP n 
# 
_entity_src_gen.entity_id                          1 
_entity_src_gen.pdbx_src_id                        1 
_entity_src_gen.pdbx_alt_source_flag               sample 
_entity_src_gen.pdbx_seq_type                      ? 
_entity_src_gen.pdbx_beg_seq_num                   ? 
_entity_src_gen.pdbx_end_seq_num                   ? 
_entity_src_gen.gene_src_common_name               human 
_entity_src_gen.gene_src_genus                     Homo 
_entity_src_gen.pdbx_gene_src_gene                 ? 
_entity_src_gen.gene_src_species                   ? 
_entity_src_gen.gene_src_strain                    ? 
_entity_src_gen.gene_src_tissue                    ? 
_entity_src_gen.gene_src_tissue_fraction           ? 
_entity_src_gen.gene_src_details                   ? 
_entity_src_gen.pdbx_gene_src_fragment             ? 
_entity_src_gen.pdbx_gene_src_scientific_name      'Homo sapiens' 
_entity_src_gen.pdbx_gene_src_ncbi_taxonomy_id     9606 
_entity_src_gen.pdbx_gene_src_variant              ? 
_entity_src_gen.pdbx_gene_src_cell_line            ? 
_entity_src_gen.pdbx_gene_src_atcc                 ? 
_entity_src_gen.pdbx_gene_src_organ                ? 
_entity_src_gen.pdbx_gene_src_organelle            ? 
_entity_src_gen.pdbx_gene_src_cell                 NEUTROPHIL 
_entity_src_gen.pdbx_gene_src_cellular_location    ? 
_entity_src_gen.host_org_common_name               ? 
_entity_src_gen.pdbx_host_org_scientific_name      'Escherichia coli BL21' 
_entity_src_gen.pdbx_host_org_ncbi_taxonomy_id     511693 
_entity_src_gen.host_org_genus                     Escherichia 
_entity_src_gen.pdbx_host_org_gene                 ? 
_entity_src_gen.pdbx_host_org_organ                ? 
_entity_src_gen.host_org_species                   'Escherichia coli' 
_entity_src_gen.pdbx_host_org_tissue               ? 
_entity_src_gen.pdbx_host_org_tissue_fraction      ? 
_entity_src_gen.pdbx_host_org_strain               BL21 
_entity_src_gen.pdbx_host_org_variant              BL21 
_entity_src_gen.pdbx_host_org_cell_line            ? 
_entity_src_gen.pdbx_host_org_atcc                 ? 
_entity_src_gen.pdbx_host_org_culture_collection   ? 
_entity_src_gen.pdbx_host_org_cell                 ? 
_entity_src_gen.pdbx_host_org_organelle            ? 
_entity_src_gen.pdbx_host_org_cellular_location    ? 
_entity_src_gen.pdbx_host_org_vector_type          ? 
_entity_src_gen.pdbx_host_org_vector               ? 
_entity_src_gen.host_org_details                   ? 
_entity_src_gen.expression_system_id               ? 
_entity_src_gen.plasmid_name                       PET 
_entity_src_gen.plasmid_details                    ? 
_entity_src_gen.pdbx_description                   ? 
# 
_struct_ref.id                         1 
_struct_ref.db_name                    UNP 
_struct_ref.db_code                    MMP8_HUMAN 
_struct_ref.entity_id                  1 
_struct_ref.pdbx_db_accession          P22894 
_struct_ref.pdbx_align_begin           ? 
_struct_ref.pdbx_seq_one_letter_code   ? 
_struct_ref.pdbx_db_isoform            ? 
# 
_struct_ref_seq.align_id                      1 
_struct_ref_seq.ref_id                        1 
_struct_ref_seq.pdbx_PDB_id_code              1BZS 
_struct_ref_seq.pdbx_strand_id                A 
_struct_ref_seq.seq_align_beg                 1 
_struct_ref_seq.pdbx_seq_align_beg_ins_code   ? 
_struct_ref_seq.seq_align_end                 165 
_struct_ref_seq.pdbx_seq_align_end_ins_code   ? 
_struct_ref_seq.pdbx_db_accession             P22894 
_struct_ref_seq.db_align_beg                  99 
_struct_ref_seq.pdbx_db_align_beg_ins_code    ? 
_struct_ref_seq.db_align_end                  263 
_struct_ref_seq.pdbx_db_align_end_ins_code    ? 
_struct_ref_seq.pdbx_auth_seq_align_beg       79 
_struct_ref_seq.pdbx_auth_seq_align_end       243 
# 
_struct_ref_seq_dif.align_id                     1 
_struct_ref_seq_dif.pdbx_pdb_id_code             1BZS 
_struct_ref_seq_dif.mon_id                       ASP 
_struct_ref_seq_dif.pdbx_pdb_strand_id           A 
_struct_ref_seq_dif.seq_num                      165 
_struct_ref_seq_dif.pdbx_pdb_ins_code            ? 
_struct_ref_seq_dif.pdbx_seq_db_name             UNP 
_struct_ref_seq_dif.pdbx_seq_db_accession_code   P22894 
_struct_ref_seq_dif.db_mon_id                    LEU 
_struct_ref_seq_dif.pdbx_seq_db_seq_num          263 
_struct_ref_seq_dif.details                      conflict 
_struct_ref_seq_dif.pdbx_auth_seq_num            243 
_struct_ref_seq_dif.pdbx_ordinal                 1 
# 
loop_
_chem_comp.id 
_chem_comp.type 
_chem_comp.mon_nstd_flag 
_chem_comp.name 
_chem_comp.pdbx_synonyms 
_chem_comp.formula 
_chem_comp.formula_weight 
ALA 'L-peptide linking' y ALANINE                                                                     ?     'C3 H7 N O2'     
89.093  
ARG 'L-peptide linking' y ARGININE                                                                    ?     'C6 H15 N4 O2 1' 
175.209 
ASN 'L-peptide linking' y ASPARAGINE                                                                  ?     'C4 H8 N2 O3'    
132.118 
ASP 'L-peptide linking' y 'ASPARTIC ACID'                                                             ?     'C4 H7 N O4'     
133.103 
BSI non-polymer         . '2-(BIPHENYL-4-SULFONYL)-1,2,3,4-TETRAHYDRO-ISOQUINOLINE-3-CARBOXYLIC ACID' ?     'C22 H19 N O4 S' 
393.456 
CA  non-polymer         . 'CALCIUM ION'                                                               ?     'Ca 2'           
40.078  
EPE non-polymer         . '4-(2-HYDROXYETHYL)-1-PIPERAZINE ETHANESULFONIC ACID'                       HEPES 'C8 H18 N2 O4 S' 
238.305 
GLN 'L-peptide linking' y GLUTAMINE                                                                   ?     'C5 H10 N2 O3'   
146.144 
GLU 'L-peptide linking' y 'GLUTAMIC ACID'                                                             ?     'C5 H9 N O4'     
147.129 
GLY 'peptide linking'   y GLYCINE                                                                     ?     'C2 H5 N O2'     
75.067  
HIS 'L-peptide linking' y HISTIDINE                                                                   ?     'C6 H10 N3 O2 1' 
156.162 
HOH non-polymer         . WATER                                                                       ?     'H2 O'           
18.015  
ILE 'L-peptide linking' y ISOLEUCINE                                                                  ?     'C6 H13 N O2'    
131.173 
LEU 'L-peptide linking' y LEUCINE                                                                     ?     'C6 H13 N O2'    
131.173 
LYS 'L-peptide linking' y LYSINE                                                                      ?     'C6 H15 N2 O2 1' 
147.195 
MET 'L-peptide linking' y METHIONINE                                                                  ?     'C5 H11 N O2 S'  
149.211 
PHE 'L-peptide linking' y PHENYLALANINE                                                               ?     'C9 H11 N O2'    
165.189 
PRO 'L-peptide linking' y PROLINE                                                                     ?     'C5 H9 N O2'     
115.130 
SER 'L-peptide linking' y SERINE                                                                      ?     'C3 H7 N O3'     
105.093 
THR 'L-peptide linking' y THREONINE                                                                   ?     'C4 H9 N O3'     
119.119 
TRP 'L-peptide linking' y TRYPTOPHAN                                                                  ?     'C11 H12 N2 O2'  
204.225 
TYR 'L-peptide linking' y TYROSINE                                                                    ?     'C9 H11 N O3'    
181.189 
VAL 'L-peptide linking' y VALINE                                                                      ?     'C5 H11 N O2'    
117.146 
ZN  non-polymer         . 'ZINC ION'                                                                  ?     'Zn 2'           
65.409  
# 
_exptl.entry_id          1BZS 
_exptl.method            'X-RAY DIFFRACTION' 
_exptl.crystals_number   1 
# 
_exptl_crystal.id                    1 
_exptl_crystal.density_meas          ? 
_exptl_crystal.density_Matthews      2.16 
_exptl_crystal.density_percent_sol   43 
_exptl_crystal.description           ? 
# 
_exptl_crystal_grow.crystal_id      1 
_exptl_crystal_grow.method          'VAPOR DIFFUSION, HANGING DROP' 
_exptl_crystal_grow.temp            298 
_exptl_crystal_grow.temp_details    ? 
_exptl_crystal_grow.pH              6.0 
_exptl_crystal_grow.pdbx_details    
;PROTEIN SOLUTION: 10 MG/ML MMP8 IN 25 MM MES, 
 100 MM NACL, 20 MM CACL2, 0.1 MM ZNCL2, PH 6.0, WITH THREEFOLD EXCESS  
INHIBITOR IN DMF ADDED. RESERVOIR SOLUTION: 10-25% (W/W) PEG6000. CRYSTALS  
APPEAR IN ABOUT 1 WEEK., VAPOR DIFFUSION, HANGING DROP, temperature 298K
;
_exptl_crystal_grow.pdbx_pH_range   . 
# 
_diffrn.id                     1 
_diffrn.ambient_temp           100 
_diffrn.ambient_temp_details   ? 
_diffrn.crystal_id             1 
# 
_diffrn_detector.diffrn_id              1 
_diffrn_detector.detector               'IMAGE PLATE' 
_diffrn_detector.type                   MARRESEARCH 
_diffrn_detector.pdbx_collection_date   1997-08-29 
_diffrn_detector.details                COLLIMATOR 
# 
_diffrn_radiation.diffrn_id                        1 
_diffrn_radiation.wavelength_id                    1 
_diffrn_radiation.pdbx_monochromatic_or_laue_m_l   M 
_diffrn_radiation.monochromator                    GRAPHITE 
_diffrn_radiation.pdbx_diffrn_protocol             'SINGLE WAVELENGTH' 
_diffrn_radiation.pdbx_scattering_type             x-ray 
# 
_diffrn_radiation_wavelength.id           1 
_diffrn_radiation_wavelength.wavelength   1.5418 
_diffrn_radiation_wavelength.wt           1.0 
# 
_diffrn_source.diffrn_id                   1 
_diffrn_source.source                      'ROTATING ANODE' 
_diffrn_source.type                        'ENRAF-NONIUS FR571' 
_diffrn_source.pdbx_synchrotron_site       ? 
_diffrn_source.pdbx_synchrotron_beamline   ? 
_diffrn_source.pdbx_wavelength             1.5418 
_diffrn_source.pdbx_wavelength_list        ? 
# 
_reflns.entry_id                     1BZS 
_reflns.observed_criterion_sigma_I   ? 
_reflns.observed_criterion_sigma_F   ? 
_reflns.d_resolution_low             20.0 
_reflns.d_resolution_high            1.7 
_reflns.number_obs                   18344 
_reflns.number_all                   ? 
_reflns.percent_possible_obs         99.8 
_reflns.pdbx_Rmerge_I_obs            ? 
_reflns.pdbx_Rsym_value              4.8000000 
_reflns.pdbx_netI_over_sigmaI        26.9 
_reflns.B_iso_Wilson_estimate        ? 
_reflns.pdbx_redundancy              7.0 
_reflns.R_free_details               ? 
_reflns.limit_h_max                  ? 
_reflns.limit_h_min                  ? 
_reflns.limit_k_max                  ? 
_reflns.limit_k_min                  ? 
_reflns.limit_l_max                  ? 
_reflns.limit_l_min                  ? 
_reflns.observed_criterion_F_max     ? 
_reflns.observed_criterion_F_min     ? 
_reflns.pdbx_diffrn_id               1 
_reflns.pdbx_ordinal                 1 
# 
_reflns_shell.d_res_high             1.7 
_reflns_shell.d_res_low              2.0 
_reflns_shell.percent_possible_all   99.7 
_reflns_shell.Rmerge_I_obs           ? 
_reflns_shell.pdbx_Rsym_value        9.6000000 
_reflns_shell.meanI_over_sigI_obs    17.2 
_reflns_shell.pdbx_redundancy        7.3 
_reflns_shell.percent_possible_obs   ? 
_reflns_shell.number_unique_all      ? 
_reflns_shell.pdbx_diffrn_id         ? 
_reflns_shell.pdbx_ordinal           1 
# 
_refine.entry_id                                 1BZS 
_refine.ls_number_reflns_obs                     18017 
_refine.ls_number_reflns_all                     ? 
_refine.pdbx_ls_sigma_I                          ? 
_refine.pdbx_ls_sigma_F                          0.0 
_refine.pdbx_data_cutoff_high_absF               10000000 
_refine.pdbx_data_cutoff_low_absF                0.1 
_refine.pdbx_data_cutoff_high_rms_absF           ? 
_refine.ls_d_res_low                             8.0 
_refine.ls_d_res_high                            1.7 
_refine.ls_percent_reflns_obs                    99.1 
_refine.ls_R_factor_obs                          0.1920000 
_refine.ls_R_factor_all                          ? 
_refine.ls_R_factor_R_work                       0.1920000 
_refine.ls_R_factor_R_free                       ? 
_refine.ls_R_factor_R_free_error                 ? 
_refine.ls_R_factor_R_free_error_details         ? 
_refine.ls_percent_reflns_R_free                 ? 
_refine.ls_number_reflns_R_free                  ? 
_refine.ls_number_parameters                     ? 
_refine.ls_number_restraints                     ? 
_refine.occupancy_min                            ? 
_refine.occupancy_max                            ? 
_refine.B_iso_mean                               13.3 
_refine.aniso_B[1][1]                            ? 
_refine.aniso_B[2][2]                            ? 
_refine.aniso_B[3][3]                            ? 
_refine.aniso_B[1][2]                            ? 
_refine.aniso_B[1][3]                            ? 
_refine.aniso_B[2][3]                            ? 
_refine.solvent_model_details                    ? 
_refine.solvent_model_param_ksol                 ? 
_refine.solvent_model_param_bsol                 ? 
_refine.pdbx_ls_cross_valid_method               ? 
_refine.details                                  ? 
_refine.pdbx_starting_model                      'PDB ENTRY 1JAN' 
_refine.pdbx_method_to_determine_struct          'MOLECULAR REPLACEMENT' 
_refine.pdbx_isotropic_thermal_model             RESTRAINED 
_refine.pdbx_stereochemistry_target_values       ? 
_refine.pdbx_stereochem_target_val_spec_case     ? 
_refine.pdbx_R_Free_selection_details            ? 
_refine.pdbx_overall_ESU_R                       ? 
_refine.pdbx_overall_ESU_R_Free                  ? 
_refine.overall_SU_ML                            ? 
_refine.overall_SU_B                             ? 
_refine.ls_redundancy_reflns_obs                 ? 
_refine.B_iso_min                                ? 
_refine.B_iso_max                                ? 
_refine.pdbx_refine_id                           'X-RAY DIFFRACTION' 
_refine.pdbx_diffrn_id                           1 
_refine.pdbx_TLS_residual_ADP_flag               ? 
_refine.correlation_coeff_Fo_to_Fc               ? 
_refine.correlation_coeff_Fo_to_Fc_free          ? 
_refine.pdbx_solvent_vdw_probe_radii             ? 
_refine.pdbx_solvent_ion_probe_radii             ? 
_refine.pdbx_solvent_shrinkage_radii             ? 
_refine.pdbx_overall_phase_error                 ? 
_refine.overall_SU_R_Cruickshank_DPI             ? 
_refine.pdbx_overall_SU_R_free_Cruickshank_DPI   ? 
_refine.pdbx_overall_SU_R_Blow_DPI               ? 
_refine.pdbx_overall_SU_R_free_Blow_DPI          ? 
# 
_refine_hist.pdbx_refine_id                   'X-RAY DIFFRACTION' 
_refine_hist.cycle_id                         LAST 
_refine_hist.pdbx_number_atoms_protein        1302 
_refine_hist.pdbx_number_atoms_nucleic_acid   0 
_refine_hist.pdbx_number_atoms_ligand         47 
_refine_hist.number_atoms_solvent             208 
_refine_hist.number_atoms_total               1557 
_refine_hist.d_res_high                       1.7 
_refine_hist.d_res_low                        8.0 
# 
loop_
_refine_ls_restr.type 
_refine_ls_restr.dev_ideal 
_refine_ls_restr.dev_ideal_target 
_refine_ls_restr.weight 
_refine_ls_restr.number 
_refine_ls_restr.pdbx_refine_id 
_refine_ls_restr.pdbx_restraint_function 
x_bond_d                0.012 ? ? ? 'X-RAY DIFFRACTION' ? 
x_bond_d_na             ?     ? ? ? 'X-RAY DIFFRACTION' ? 
x_bond_d_prot           ?     ? ? ? 'X-RAY DIFFRACTION' ? 
x_angle_d               ?     ? ? ? 'X-RAY DIFFRACTION' ? 
x_angle_d_na            ?     ? ? ? 'X-RAY DIFFRACTION' ? 
x_angle_d_prot          ?     ? ? ? 'X-RAY DIFFRACTION' ? 
x_angle_deg             1.54  ? ? ? 'X-RAY DIFFRACTION' ? 
x_angle_deg_na          ?     ? ? ? 'X-RAY DIFFRACTION' ? 
x_angle_deg_prot        ?     ? ? ? 'X-RAY DIFFRACTION' ? 
x_dihedral_angle_d      24.7  ? ? ? 'X-RAY DIFFRACTION' ? 
x_dihedral_angle_d_na   ?     ? ? ? 'X-RAY DIFFRACTION' ? 
x_dihedral_angle_d_prot ?     ? ? ? 'X-RAY DIFFRACTION' ? 
x_improper_angle_d      1.42  ? ? ? 'X-RAY DIFFRACTION' ? 
x_improper_angle_d_na   ?     ? ? ? 'X-RAY DIFFRACTION' ? 
x_improper_angle_d_prot ?     ? ? ? 'X-RAY DIFFRACTION' ? 
x_mcbond_it             ?     ? ? ? 'X-RAY DIFFRACTION' ? 
x_mcangle_it            ?     ? ? ? 'X-RAY DIFFRACTION' ? 
x_scbond_it             ?     ? ? ? 'X-RAY DIFFRACTION' ? 
x_scangle_it            ?     ? ? ? 'X-RAY DIFFRACTION' ? 
# 
_refine_ls_shell.pdbx_total_number_of_bins_used   8 
_refine_ls_shell.d_res_high                       1.7 
_refine_ls_shell.d_res_low                        1.78 
_refine_ls_shell.number_reflns_R_work             ? 
_refine_ls_shell.R_factor_R_work                  0.2730000 
_refine_ls_shell.percent_reflns_obs               98.0 
_refine_ls_shell.R_factor_R_free                  ? 
_refine_ls_shell.R_factor_R_free_error            ? 
_refine_ls_shell.percent_reflns_R_free            ? 
_refine_ls_shell.number_reflns_R_free             ? 
_refine_ls_shell.redundancy_reflns_obs            ? 
_refine_ls_shell.number_reflns_all                ? 
_refine_ls_shell.number_reflns_obs                ? 
_refine_ls_shell.pdbx_refine_id                   'X-RAY DIFFRACTION' 
_refine_ls_shell.R_factor_all                     ? 
# 
loop_
_pdbx_xplor_file.serial_no 
_pdbx_xplor_file.param_file 
_pdbx_xplor_file.topol_file 
_pdbx_xplor_file.pdbx_refine_id 
1 PARHCSDX.PRO  TOPHCSDX.PRO 'X-RAY DIFFRACTION' 
2 INHIBITOR.PAR WAT.TOP      'X-RAY DIFFRACTION' 
3 WAT.PAR       HEPES.TOP    'X-RAY DIFFRACTION' 
4 METALS.PAR    2909.TOP     'X-RAY DIFFRACTION' 
# 
_struct.entry_id                  1BZS 
_struct.title                     'CRYSTAL STRUCTURE OF MMP8 COMPLEXED WITH HMR2909' 
_struct.pdbx_model_details        ? 
_struct.pdbx_CASP_flag            ? 
_struct.pdbx_model_type_details   ? 
# 
_struct_keywords.entry_id        1BZS 
_struct_keywords.pdbx_keywords   HYDROLASE 
_struct_keywords.text            'METALLO PROTEINASE, HYDROXAMATE, MATRIX DEGRADATION, HYDROLASE' 
# 
loop_
_struct_asym.id 
_struct_asym.pdbx_blank_PDB_chainid_flag 
_struct_asym.pdbx_modified 
_struct_asym.entity_id 
_struct_asym.details 
A N N 1 ? 
B N N 2 ? 
C N N 2 ? 
D N N 3 ? 
E N N 3 ? 
F N N 4 ? 
G N N 5 ? 
H N N 6 ? 
# 
_struct_biol.id   1 
# 
loop_
_struct_conf.conf_type_id 
_struct_conf.id 
_struct_conf.pdbx_PDB_helix_id 
_struct_conf.beg_label_comp_id 
_struct_conf.beg_label_asym_id 
_struct_conf.beg_label_seq_id 
_struct_conf.pdbx_beg_PDB_ins_code 
_struct_conf.end_label_comp_id 
_struct_conf.end_label_asym_id 
_struct_conf.end_label_seq_id 
_struct_conf.pdbx_end_PDB_ins_code 
_struct_conf.beg_auth_comp_id 
_struct_conf.beg_auth_asym_id 
_struct_conf.beg_auth_seq_id 
_struct_conf.end_auth_comp_id 
_struct_conf.end_auth_asym_id 
_struct_conf.end_auth_seq_id 
_struct_conf.pdbx_PDB_helix_class 
_struct_conf.details 
_struct_conf.pdbx_PDB_helix_length 
HELX_P HELX_P1 1 GLU A 28  ? ALA A 45  ? GLU A 106 ALA A 123 1 ? 18 
HELX_P HELX_P2 2 LEU A 113 ? SER A 124 ? LEU A 191 SER A 202 1 ? 12 
HELX_P HELX_P3 3 GLN A 153 ? TYR A 163 ? GLN A 231 TYR A 241 1 ? 11 
# 
_struct_conf_type.id          HELX_P 
_struct_conf_type.criteria    ? 
_struct_conf_type.reference   ? 
# 
loop_
_struct_conn.id 
_struct_conn.conn_type_id 
_struct_conn.pdbx_leaving_atom_flag 
_struct_conn.pdbx_PDB_id 
_struct_conn.ptnr1_label_asym_id 
_struct_conn.ptnr1_label_comp_id 
_struct_conn.ptnr1_label_seq_id 
_struct_conn.ptnr1_label_atom_id 
_struct_conn.pdbx_ptnr1_label_alt_id 
_struct_conn.pdbx_ptnr1_PDB_ins_code 
_struct_conn.pdbx_ptnr1_standard_comp_id 
_struct_conn.ptnr1_symmetry 
_struct_conn.ptnr2_label_asym_id 
_struct_conn.ptnr2_label_comp_id 
_struct_conn.ptnr2_label_seq_id 
_struct_conn.ptnr2_label_atom_id 
_struct_conn.pdbx_ptnr2_label_alt_id 
_struct_conn.pdbx_ptnr2_PDB_ins_code 
_struct_conn.ptnr1_auth_asym_id 
_struct_conn.ptnr1_auth_comp_id 
_struct_conn.ptnr1_auth_seq_id 
_struct_conn.ptnr2_auth_asym_id 
_struct_conn.ptnr2_auth_comp_id 
_struct_conn.ptnr2_auth_seq_id 
_struct_conn.ptnr2_symmetry 
_struct_conn.pdbx_ptnr3_label_atom_id 
_struct_conn.pdbx_ptnr3_label_seq_id 
_struct_conn.pdbx_ptnr3_label_comp_id 
_struct_conn.pdbx_ptnr3_label_asym_id 
_struct_conn.pdbx_ptnr3_label_alt_id 
_struct_conn.pdbx_ptnr3_PDB_ins_code 
_struct_conn.details 
_struct_conn.pdbx_dist_value 
_struct_conn.pdbx_value_order 
_struct_conn.pdbx_role 
metalc1  metalc ? ? A ASP 59  O   ? ? ? 1_555 B CA  . CA ? ? A ASP 137 A CA  996  1_555 ? ? ? ? ? ? ? 2.302 ? ? 
metalc2  metalc ? ? A HIS 69  NE2 ? ? ? 1_555 D ZN  . ZN ? ? A HIS 147 A ZN  998  1_555 ? ? ? ? ? ? ? 2.159 ? ? 
metalc3  metalc ? ? A ASP 71  OD2 ? ? ? 1_555 D ZN  . ZN ? ? A ASP 149 A ZN  998  1_555 ? ? ? ? ? ? ? 1.931 ? ? 
metalc4  metalc ? ? A ASP 76  OD1 ? ? ? 1_555 C CA  . CA ? ? A ASP 154 A CA  997  1_555 ? ? ? ? ? ? ? 2.428 ? ? 
metalc5  metalc ? ? A GLY 77  O   ? ? ? 1_555 C CA  . CA ? ? A GLY 155 A CA  997  1_555 ? ? ? ? ? ? ? 2.328 ? ? 
metalc6  metalc ? ? A ASN 79  O   ? ? ? 1_555 C CA  . CA ? ? A ASN 157 A CA  997  1_555 ? ? ? ? ? ? ? 2.256 ? ? 
metalc7  metalc ? ? A ILE 81  O   ? ? ? 1_555 C CA  . CA ? ? A ILE 159 A CA  997  1_555 ? ? ? ? ? ? ? 2.223 ? ? 
metalc8  metalc ? ? A HIS 84  NE2 ? ? ? 1_555 D ZN  . ZN ? ? A HIS 162 A ZN  998  1_555 ? ? ? ? ? ? ? 2.189 ? ? 
metalc9  metalc ? ? A GLY 91  O   ? ? ? 1_555 B CA  . CA ? ? A GLY 169 A CA  996  1_555 ? ? ? ? ? ? ? 2.243 ? ? 
metalc10 metalc ? ? A GLY 93  O   ? ? ? 1_555 B CA  . CA ? ? A GLY 171 A CA  996  1_555 ? ? ? ? ? ? ? 2.346 ? ? 
metalc11 metalc ? ? A ASP 95  OD1 ? ? ? 1_555 B CA  . CA ? ? A ASP 173 A CA  996  1_555 ? ? ? ? ? ? ? 2.526 ? ? 
metalc12 metalc ? ? A HIS 97  ND1 ? ? ? 1_555 D ZN  . ZN ? ? A HIS 175 A ZN  998  1_555 ? ? ? ? ? ? ? 2.227 ? ? 
metalc13 metalc ? ? A ASP 99  OD2 ? ? ? 1_555 C CA  . CA ? ? A ASP 177 A CA  997  1_555 ? ? ? ? ? ? ? 2.450 ? ? 
metalc14 metalc ? ? A GLU 102 OE2 ? ? ? 1_555 C CA  . CA ? ? A GLU 180 A CA  997  1_555 ? ? ? ? ? ? ? 2.326 ? ? 
metalc15 metalc ? ? A HIS 119 NE2 ? ? ? 1_555 E ZN  . ZN ? ? A HIS 197 A ZN  999  1_555 ? ? ? ? ? ? ? 2.122 ? ? 
metalc16 metalc ? ? A HIS 123 NE2 ? ? ? 1_555 E ZN  . ZN ? ? A HIS 201 A ZN  999  1_555 ? ? ? ? ? ? ? 2.177 ? ? 
metalc17 metalc ? ? A HIS 129 NE2 ? ? ? 1_555 E ZN  . ZN ? ? A HIS 207 A ZN  999  1_555 ? ? ? ? ? ? ? 2.172 ? ? 
metalc18 metalc ? ? F BSI .   O46 ? ? ? 1_555 E ZN  . ZN ? ? A BSI 250 A ZN  999  1_555 ? ? ? ? ? ? ? 1.967 ? ? 
metalc19 metalc ? ? F BSI .   O45 ? ? ? 1_555 E ZN  . ZN ? ? A BSI 250 A ZN  999  1_555 ? ? ? ? ? ? ? 2.650 ? ? 
metalc20 metalc ? ? B CA  .   CA  ? ? ? 1_555 H HOH . O  ? ? A CA  996 A HOH 1042 1_555 ? ? ? ? ? ? ? 2.297 ? ? 
metalc21 metalc ? ? B CA  .   CA  ? ? ? 1_555 H HOH . O  ? ? A CA  996 A HOH 1050 1_555 ? ? ? ? ? ? ? 2.241 ? ? 
# 
_struct_conn_type.id          metalc 
_struct_conn_type.criteria    ? 
_struct_conn_type.reference   ? 
# 
_struct_mon_prot_cis.pdbx_id                1 
_struct_mon_prot_cis.label_comp_id          ASN 
_struct_mon_prot_cis.label_seq_id           110 
_struct_mon_prot_cis.label_asym_id          A 
_struct_mon_prot_cis.label_alt_id           . 
_struct_mon_prot_cis.pdbx_PDB_ins_code      ? 
_struct_mon_prot_cis.auth_comp_id           ASN 
_struct_mon_prot_cis.auth_seq_id            188 
_struct_mon_prot_cis.auth_asym_id           A 
_struct_mon_prot_cis.pdbx_label_comp_id_2   TYR 
_struct_mon_prot_cis.pdbx_label_seq_id_2    111 
_struct_mon_prot_cis.pdbx_label_asym_id_2   A 
_struct_mon_prot_cis.pdbx_PDB_ins_code_2    ? 
_struct_mon_prot_cis.pdbx_auth_comp_id_2    TYR 
_struct_mon_prot_cis.pdbx_auth_seq_id_2     189 
_struct_mon_prot_cis.pdbx_auth_asym_id_2    A 
_struct_mon_prot_cis.pdbx_PDB_model_num     1 
_struct_mon_prot_cis.pdbx_omega_angle       0.74 
# 
_struct_sheet.id               A 
_struct_sheet.type             ? 
_struct_sheet.number_strands   5 
_struct_sheet.details          ? 
# 
loop_
_struct_sheet_order.sheet_id 
_struct_sheet_order.range_id_1 
_struct_sheet_order.range_id_2 
_struct_sheet_order.offset 
_struct_sheet_order.sense 
A 1 2 ? parallel      
A 2 3 ? parallel      
A 3 4 ? parallel      
A 4 5 ? anti-parallel 
# 
loop_
_struct_sheet_range.sheet_id 
_struct_sheet_range.id 
_struct_sheet_range.beg_label_comp_id 
_struct_sheet_range.beg_label_asym_id 
_struct_sheet_range.beg_label_seq_id 
_struct_sheet_range.pdbx_beg_PDB_ins_code 
_struct_sheet_range.end_label_comp_id 
_struct_sheet_range.end_label_asym_id 
_struct_sheet_range.end_label_seq_id 
_struct_sheet_range.pdbx_end_PDB_ins_code 
_struct_sheet_range.beg_auth_comp_id 
_struct_sheet_range.beg_auth_asym_id 
_struct_sheet_range.beg_auth_seq_id 
_struct_sheet_range.end_auth_comp_id 
_struct_sheet_range.end_auth_asym_id 
_struct_sheet_range.end_auth_seq_id 
A 1 ILE A 49 ? ARG A 52 ? ILE A 127 ARG A 130 
A 2 ASN A 14 ? ILE A 19 ? ASN A 92  ILE A 97  
A 3 ILE A 60 ? TYR A 65 ? ILE A 138 TYR A 143 
A 4 ALA A 96 ? ASP A 99 ? ALA A 174 ASP A 177 
A 5 ALA A 83 ? ALA A 85 ? ALA A 161 ALA A 163 
# 
loop_
_pdbx_struct_sheet_hbond.sheet_id 
_pdbx_struct_sheet_hbond.range_id_1 
_pdbx_struct_sheet_hbond.range_id_2 
_pdbx_struct_sheet_hbond.range_1_label_atom_id 
_pdbx_struct_sheet_hbond.range_1_label_comp_id 
_pdbx_struct_sheet_hbond.range_1_label_asym_id 
_pdbx_struct_sheet_hbond.range_1_label_seq_id 
_pdbx_struct_sheet_hbond.range_1_PDB_ins_code 
_pdbx_struct_sheet_hbond.range_1_auth_atom_id 
_pdbx_struct_sheet_hbond.range_1_auth_comp_id 
_pdbx_struct_sheet_hbond.range_1_auth_asym_id 
_pdbx_struct_sheet_hbond.range_1_auth_seq_id 
_pdbx_struct_sheet_hbond.range_2_label_atom_id 
_pdbx_struct_sheet_hbond.range_2_label_comp_id 
_pdbx_struct_sheet_hbond.range_2_label_asym_id 
_pdbx_struct_sheet_hbond.range_2_label_seq_id 
_pdbx_struct_sheet_hbond.range_2_PDB_ins_code 
_pdbx_struct_sheet_hbond.range_2_auth_atom_id 
_pdbx_struct_sheet_hbond.range_2_auth_comp_id 
_pdbx_struct_sheet_hbond.range_2_auth_asym_id 
_pdbx_struct_sheet_hbond.range_2_auth_seq_id 
A 1 2 O ILE A 49 ? O ILE A 127 N LEU A 15 ? N LEU A 93  
A 2 3 O ARG A 18 ? O ARG A 96  N ILE A 60 ? N ILE A 138 
A 3 4 O ALA A 63 ? O ALA A 141 N ALA A 96 ? N ALA A 174 
A 4 5 O HIS A 97 ? O HIS A 175 N HIS A 84 ? N HIS A 162 
# 
loop_
_struct_site.id 
_struct_site.pdbx_evidence_code 
_struct_site.pdbx_auth_asym_id 
_struct_site.pdbx_auth_comp_id 
_struct_site.pdbx_auth_seq_id 
_struct_site.pdbx_auth_ins_code 
_struct_site.pdbx_num_residues 
_struct_site.details 
AC1 Software A CA  996 ? 6  'BINDING SITE FOR RESIDUE CA A 996'  
AC2 Software A CA  997 ? 6  'BINDING SITE FOR RESIDUE CA A 997'  
AC3 Software A ZN  998 ? 4  'BINDING SITE FOR RESIDUE ZN A 998'  
AC4 Software A ZN  999 ? 4  'BINDING SITE FOR RESIDUE ZN A 999'  
AC5 Software A BSI 250 ? 13 'BINDING SITE FOR RESIDUE BSI A 250' 
AC6 Software A EPE 260 ? 15 'BINDING SITE FOR RESIDUE EPE A 260' 
# 
loop_
_struct_site_gen.id 
_struct_site_gen.site_id 
_struct_site_gen.pdbx_num_res 
_struct_site_gen.label_comp_id 
_struct_site_gen.label_asym_id 
_struct_site_gen.label_seq_id 
_struct_site_gen.pdbx_auth_ins_code 
_struct_site_gen.auth_comp_id 
_struct_site_gen.auth_asym_id 
_struct_site_gen.auth_seq_id 
_struct_site_gen.label_atom_id 
_struct_site_gen.label_alt_id 
_struct_site_gen.symmetry 
_struct_site_gen.details 
1  AC1 6  ASP A 59  ? ASP A 137  . ? 1_555 ? 
2  AC1 6  GLY A 91  ? GLY A 169  . ? 1_555 ? 
3  AC1 6  GLY A 93  ? GLY A 171  . ? 1_555 ? 
4  AC1 6  ASP A 95  ? ASP A 173  . ? 1_555 ? 
5  AC1 6  HOH H .   ? HOH A 1042 . ? 1_555 ? 
6  AC1 6  HOH H .   ? HOH A 1050 . ? 1_555 ? 
7  AC2 6  ASP A 76  ? ASP A 154  . ? 1_555 ? 
8  AC2 6  GLY A 77  ? GLY A 155  . ? 1_555 ? 
9  AC2 6  ASN A 79  ? ASN A 157  . ? 1_555 ? 
10 AC2 6  ILE A 81  ? ILE A 159  . ? 1_555 ? 
11 AC2 6  ASP A 99  ? ASP A 177  . ? 1_555 ? 
12 AC2 6  GLU A 102 ? GLU A 180  . ? 1_555 ? 
13 AC3 4  HIS A 69  ? HIS A 147  . ? 1_555 ? 
14 AC3 4  ASP A 71  ? ASP A 149  . ? 1_555 ? 
15 AC3 4  HIS A 84  ? HIS A 162  . ? 1_555 ? 
16 AC3 4  HIS A 97  ? HIS A 175  . ? 1_555 ? 
17 AC4 4  HIS A 119 ? HIS A 197  . ? 1_555 ? 
18 AC4 4  HIS A 123 ? HIS A 201  . ? 1_555 ? 
19 AC4 4  HIS A 129 ? HIS A 207  . ? 1_555 ? 
20 AC4 4  BSI F .   ? BSI A 250  . ? 1_555 ? 
21 AC5 13 LEU A 82  ? LEU A 160  . ? 1_555 ? 
22 AC5 13 ALA A 83  ? ALA A 161  . ? 1_555 ? 
23 AC5 13 HIS A 119 ? HIS A 197  . ? 1_555 ? 
24 AC5 13 GLU A 120 ? GLU A 198  . ? 1_555 ? 
25 AC5 13 HIS A 123 ? HIS A 201  . ? 1_555 ? 
26 AC5 13 HIS A 129 ? HIS A 207  . ? 1_555 ? 
27 AC5 13 LEU A 136 ? LEU A 214  . ? 1_555 ? 
28 AC5 13 TYR A 138 ? TYR A 216  . ? 1_555 ? 
29 AC5 13 PRO A 139 ? PRO A 217  . ? 1_555 ? 
30 AC5 13 ASN A 140 ? ASN A 218  . ? 1_555 ? 
31 AC5 13 TYR A 141 ? TYR A 219  . ? 1_555 ? 
32 AC5 13 ZN  E .   ? ZN  A 999  . ? 1_555 ? 
33 AC5 13 HOH H .   ? HOH A 1072 . ? 1_655 ? 
34 AC6 15 ARG A 33  ? ARG A 111  . ? 1_555 ? 
35 AC6 15 ASP A 37  ? ASP A 115  . ? 1_555 ? 
36 AC6 15 ASN A 106 ? ASN A 184  . ? 1_555 ? 
37 AC6 15 SER A 108 ? SER A 186  . ? 4_466 ? 
38 AC6 15 PHE A 114 ? PHE A 192  . ? 1_555 ? 
39 AC6 15 THR A 146 ? THR A 224  . ? 1_555 ? 
40 AC6 15 SER A 147 ? SER A 225  . ? 1_555 ? 
41 AC6 15 TYR A 149 ? TYR A 227  . ? 1_555 ? 
42 AC6 15 HOH H .   ? HOH A 1002 . ? 1_555 ? 
43 AC6 15 HOH H .   ? HOH A 1045 . ? 1_555 ? 
44 AC6 15 HOH H .   ? HOH A 1114 . ? 1_555 ? 
45 AC6 15 HOH H .   ? HOH A 1147 . ? 1_555 ? 
46 AC6 15 HOH H .   ? HOH A 1150 . ? 1_555 ? 
47 AC6 15 HOH H .   ? HOH A 1187 . ? 1_555 ? 
48 AC6 15 HOH H .   ? HOH A 1189 . ? 1_555 ? 
# 
_atom_sites.entry_id                    1BZS 
_atom_sites.fract_transf_matrix[1][1]   0.02175572 
_atom_sites.fract_transf_matrix[1][2]   -0.01774817 
_atom_sites.fract_transf_matrix[1][3]   0.01115329 
_atom_sites.fract_transf_matrix[2][1]   0.00458835 
_atom_sites.fract_transf_matrix[2][2]   0.01090652 
_atom_sites.fract_transf_matrix[2][3]   0.00840542 
_atom_sites.fract_transf_matrix[3][1]   -0.00876061 
_atom_sites.fract_transf_matrix[3][2]   -0.00425992 
_atom_sites.fract_transf_matrix[3][3]   0.01030974 
_atom_sites.fract_transf_vector[1]      0.534164 
_atom_sites.fract_transf_vector[2]      0.838429 
_atom_sites.fract_transf_vector[3]      0.712399 
# 
loop_
_atom_type.symbol 
C  
CA 
N  
O  
S  
ZN 
# 
loop_
_atom_site.group_PDB 
_atom_site.id 
_atom_site.type_symbol 
_atom_site.label_atom_id 
_atom_site.label_alt_id 
_atom_site.label_comp_id 
_atom_site.label_asym_id 
_atom_site.label_entity_id 
_atom_site.label_seq_id 
_atom_site.pdbx_PDB_ins_code 
_atom_site.Cartn_x 
_atom_site.Cartn_y 
_atom_site.Cartn_z 
_atom_site.occupancy 
_atom_site.B_iso_or_equiv 
_atom_site.pdbx_formal_charge 
_atom_site.auth_seq_id 
_atom_site.auth_comp_id 
_atom_site.auth_asym_id 
_atom_site.auth_atom_id 
_atom_site.pdbx_PDB_model_num 
ATOM   1    N  N   . PHE A 1 1   ? -3.510  -16.845 1.195   1.00 15.91 ? 79   PHE A N   1 
ATOM   2    C  CA  . PHE A 1 1   ? -3.743  -15.482 1.762   1.00 17.01 ? 79   PHE A CA  1 
ATOM   3    C  C   . PHE A 1 1   ? -4.160  -15.607 3.226   1.00 17.70 ? 79   PHE A C   1 
ATOM   4    O  O   . PHE A 1 1   ? -4.576  -16.679 3.680   1.00 17.25 ? 79   PHE A O   1 
ATOM   5    C  CB  . PHE A 1 1   ? -4.849  -14.761 0.984   1.00 15.98 ? 79   PHE A CB  1 
ATOM   6    C  CG  . PHE A 1 1   ? -6.206  -15.372 1.167   1.00 17.15 ? 79   PHE A CG  1 
ATOM   7    C  CD1 . PHE A 1 1   ? -7.028  -14.962 2.212   1.00 15.98 ? 79   PHE A CD1 1 
ATOM   8    C  CD2 . PHE A 1 1   ? -6.675  -16.331 0.276   1.00 16.54 ? 79   PHE A CD2 1 
ATOM   9    C  CE1 . PHE A 1 1   ? -8.295  -15.493 2.369   1.00 18.09 ? 79   PHE A CE1 1 
ATOM   10   C  CE2 . PHE A 1 1   ? -7.942  -16.871 0.418   1.00 18.33 ? 79   PHE A CE2 1 
ATOM   11   C  CZ  . PHE A 1 1   ? -8.756  -16.450 1.465   1.00 20.73 ? 79   PHE A CZ  1 
ATOM   12   N  N   . MET A 1 2   ? -4.050  -14.510 3.960   1.00 18.00 ? 80   MET A N   1 
ATOM   13   C  CA  . MET A 1 2   ? -4.439  -14.501 5.355   1.00 19.75 ? 80   MET A CA  1 
ATOM   14   C  C   . MET A 1 2   ? -5.063  -13.148 5.668   1.00 19.90 ? 80   MET A C   1 
ATOM   15   O  O   . MET A 1 2   ? -4.542  -12.106 5.270   1.00 17.58 ? 80   MET A O   1 
ATOM   16   C  CB  . MET A 1 2   ? -3.241  -14.755 6.278   1.00 23.30 ? 80   MET A CB  1 
ATOM   17   C  CG  . MET A 1 2   ? -3.664  -14.887 7.745   1.00 33.23 ? 80   MET A CG  1 
ATOM   18   S  SD  . MET A 1 2   ? -2.316  -15.116 8.935   1.00 45.05 ? 80   MET A SD  1 
ATOM   19   C  CE  . MET A 1 2   ? -2.572  -13.701 10.053  1.00 46.06 ? 80   MET A CE  1 
ATOM   20   N  N   . LEU A 1 3   ? -6.223  -13.180 6.315   1.00 20.45 ? 81   LEU A N   1 
ATOM   21   C  CA  . LEU A 1 3   ? -6.906  -11.950 6.685   1.00 20.91 ? 81   LEU A CA  1 
ATOM   22   C  C   . LEU A 1 3   ? -6.328  -11.487 8.028   1.00 21.14 ? 81   LEU A C   1 
ATOM   23   O  O   . LEU A 1 3   ? -5.889  -12.307 8.859   1.00 19.93 ? 81   LEU A O   1 
ATOM   24   C  CB  . LEU A 1 3   ? -8.423  -12.173 6.782   1.00 21.64 ? 81   LEU A CB  1 
ATOM   25   C  CG  . LEU A 1 3   ? -9.102  -12.939 5.627   1.00 23.42 ? 81   LEU A CG  1 
ATOM   26   C  CD1 . LEU A 1 3   ? -10.589 -12.972 5.871   1.00 26.11 ? 81   LEU A CD1 1 
ATOM   27   C  CD2 . LEU A 1 3   ? -8.813  -12.335 4.253   1.00 21.44 ? 81   LEU A CD2 1 
ATOM   28   N  N   . THR A 1 4   ? -6.236  -10.171 8.187   1.00 19.60 ? 82   THR A N   1 
ATOM   29   C  CA  . THR A 1 4   ? -5.720  -9.594  9.412   1.00 19.91 ? 82   THR A CA  1 
ATOM   30   C  C   . THR A 1 4   ? -6.615  -10.022 10.578  1.00 20.87 ? 82   THR A C   1 
ATOM   31   O  O   . THR A 1 4   ? -7.842  -10.141 10.419  1.00 20.31 ? 82   THR A O   1 
ATOM   32   C  CB  . THR A 1 4   ? -5.705  -8.063  9.325   1.00 18.14 ? 82   THR A CB  1 
ATOM   33   O  OG1 . THR A 1 4   ? -4.861  -7.660  8.244   1.00 14.68 ? 82   THR A OG1 1 
ATOM   34   C  CG2 . THR A 1 4   ? -5.185  -7.438  10.632  1.00 17.99 ? 82   THR A CG2 1 
ATOM   35   N  N   . PRO A 1 5   ? -6.006  -10.339 11.740  1.00 21.64 ? 83   PRO A N   1 
ATOM   36   C  CA  . PRO A 1 5   ? -6.763  -10.759 12.927  1.00 22.34 ? 83   PRO A CA  1 
ATOM   37   C  C   . PRO A 1 5   ? -7.858  -9.769  13.295  1.00 21.86 ? 83   PRO A C   1 
ATOM   38   O  O   . PRO A 1 5   ? -7.631  -8.561  13.302  1.00 20.82 ? 83   PRO A O   1 
ATOM   39   C  CB  . PRO A 1 5   ? -5.687  -10.833 14.016  1.00 23.47 ? 83   PRO A CB  1 
ATOM   40   C  CG  . PRO A 1 5   ? -4.500  -11.347 13.250  1.00 24.71 ? 83   PRO A CG  1 
ATOM   41   C  CD  . PRO A 1 5   ? -4.552  -10.515 11.952  1.00 23.42 ? 83   PRO A CD  1 
ATOM   42   N  N   . GLY A 1 6   ? -9.041  -10.296 13.598  1.00 22.10 ? 84   GLY A N   1 
ATOM   43   C  CA  . GLY A 1 6   ? -10.177 -9.453  13.945  1.00 23.19 ? 84   GLY A CA  1 
ATOM   44   C  C   . GLY A 1 6   ? -11.041 -9.156  12.719  1.00 23.06 ? 84   GLY A C   1 
ATOM   45   O  O   . GLY A 1 6   ? -12.183 -8.685  12.838  1.00 22.33 ? 84   GLY A O   1 
ATOM   46   N  N   . ASN A 1 7   ? -10.488 -9.449  11.540  1.00 22.02 ? 85   ASN A N   1 
ATOM   47   C  CA  . ASN A 1 7   ? -11.160 -9.222  10.262  1.00 21.71 ? 85   ASN A CA  1 
ATOM   48   C  C   . ASN A 1 7   ? -11.568 -7.761  10.072  1.00 20.39 ? 85   ASN A C   1 
ATOM   49   O  O   . ASN A 1 7   ? -12.689 -7.467  9.660   1.00 18.67 ? 85   ASN A O   1 
ATOM   50   C  CB  . ASN A 1 7   ? -12.380 -10.142 10.120  1.00 22.58 ? 85   ASN A CB  1 
ATOM   51   C  CG  . ASN A 1 7   ? -12.011 -11.611 10.176  1.00 27.02 ? 85   ASN A CG  1 
ATOM   52   O  OD1 . ASN A 1 7   ? -12.638 -12.391 10.897  1.00 29.10 ? 85   ASN A OD1 1 
ATOM   53   N  ND2 . ASN A 1 7   ? -10.975 -11.996 9.435   1.00 25.29 ? 85   ASN A ND2 1 
ATOM   54   N  N   . PRO A 1 8   ? -10.641 -6.823  10.330  1.00 19.87 ? 86   PRO A N   1 
ATOM   55   C  CA  . PRO A 1 8   ? -10.992 -5.414  10.161  1.00 19.72 ? 86   PRO A CA  1 
ATOM   56   C  C   . PRO A 1 8   ? -11.165 -5.082  8.678   1.00 18.91 ? 86   PRO A C   1 
ATOM   57   O  O   . PRO A 1 8   ? -10.366 -5.510  7.835   1.00 18.02 ? 86   PRO A O   1 
ATOM   58   C  CB  . PRO A 1 8   ? -9.788  -4.699  10.779  1.00 20.69 ? 86   PRO A CB  1 
ATOM   59   C  CG  . PRO A 1 8   ? -8.652  -5.586  10.363  1.00 21.49 ? 86   PRO A CG  1 
ATOM   60   C  CD  . PRO A 1 8   ? -9.208  -6.971  10.651  1.00 19.93 ? 86   PRO A CD  1 
ATOM   61   N  N   . LYS A 1 9   ? -12.223 -4.350  8.360   1.00 16.69 ? 87   LYS A N   1 
ATOM   62   C  CA  . LYS A 1 9   ? -12.482 -3.966  6.982   1.00 17.21 ? 87   LYS A CA  1 
ATOM   63   C  C   . LYS A 1 9   ? -13.302 -2.684  6.857   1.00 15.78 ? 87   LYS A C   1 
ATOM   64   O  O   . LYS A 1 9   ? -14.029 -2.285  7.772   1.00 14.71 ? 87   LYS A O   1 
ATOM   65   C  CB  . LYS A 1 9   ? -13.158 -5.107  6.214   1.00 18.88 ? 87   LYS A CB  1 
ATOM   66   C  CG  . LYS A 1 9   ? -14.297 -5.766  6.949   1.00 24.38 ? 87   LYS A CG  1 
ATOM   67   C  CD  . LYS A 1 9   ? -15.615 -5.423  6.335   1.00 30.22 ? 87   LYS A CD  1 
ATOM   68   C  CE  . LYS A 1 9   ? -15.777 -6.036  4.968   1.00 26.16 ? 87   LYS A CE  1 
ATOM   69   N  NZ  . LYS A 1 9   ? -16.996 -5.472  4.354   1.00 31.31 ? 87   LYS A NZ  1 
ATOM   70   N  N   . TRP A 1 10  ? -13.135 -2.019  5.728   1.00 13.87 ? 88   TRP A N   1 
ATOM   71   C  CA  . TRP A 1 10  ? -13.856 -0.801  5.479   1.00 14.41 ? 88   TRP A CA  1 
ATOM   72   C  C   . TRP A 1 10  ? -15.312 -1.154  5.258   1.00 16.05 ? 88   TRP A C   1 
ATOM   73   O  O   . TRP A 1 10  ? -15.627 -2.175  4.639   1.00 14.35 ? 88   TRP A O   1 
ATOM   74   C  CB  . TRP A 1 10  ? -13.289 -0.096  4.258   1.00 12.64 ? 88   TRP A CB  1 
ATOM   75   C  CG  . TRP A 1 10  ? -11.858 0.304   4.450   1.00 13.29 ? 88   TRP A CG  1 
ATOM   76   C  CD1 . TRP A 1 10  ? -10.752 -0.347  3.981   1.00 9.99  ? 88   TRP A CD1 1 
ATOM   77   C  CD2 . TRP A 1 10  ? -11.378 1.442   5.173   1.00 12.69 ? 88   TRP A CD2 1 
ATOM   78   N  NE1 . TRP A 1 10  ? -9.614  0.312   4.370   1.00 6.08  ? 88   TRP A NE1 1 
ATOM   79   C  CE2 . TRP A 1 10  ? -9.964  1.412   5.105   1.00 12.67 ? 88   TRP A CE2 1 
ATOM   80   C  CE3 . TRP A 1 10  ? -12.005 2.483   5.883   1.00 15.09 ? 88   TRP A CE3 1 
ATOM   81   C  CZ2 . TRP A 1 10  ? -9.154  2.396   5.714   1.00 12.80 ? 88   TRP A CZ2 1 
ATOM   82   C  CZ3 . TRP A 1 10  ? -11.195 3.467   6.493   1.00 14.74 ? 88   TRP A CZ3 1 
ATOM   83   C  CH2 . TRP A 1 10  ? -9.782  3.404   6.402   1.00 11.55 ? 88   TRP A CH2 1 
ATOM   84   N  N   . GLU A 1 11  ? -16.192 -0.351  5.839   1.00 17.57 ? 89   GLU A N   1 
ATOM   85   C  CA  . GLU A 1 11  ? -17.616 -0.581  5.684   1.00 21.11 ? 89   GLU A CA  1 
ATOM   86   C  C   . GLU A 1 11  ? -18.226 0.309   4.593   1.00 20.86 ? 89   GLU A C   1 
ATOM   87   O  O   . GLU A 1 11  ? -19.438 0.361   4.414   1.00 21.59 ? 89   GLU A O   1 
ATOM   88   C  CB  . GLU A 1 11  ? -18.329 -0.447  7.035   1.00 26.52 ? 89   GLU A CB  1 
ATOM   89   C  CG  . GLU A 1 11  ? -19.239 -1.653  7.394   1.00 38.83 ? 89   GLU A CG  1 
ATOM   90   C  CD  . GLU A 1 11  ? -18.545 -3.034  7.312   1.00 43.83 ? 89   GLU A CD  1 
ATOM   91   O  OE1 . GLU A 1 11  ? -17.632 -3.309  8.127   1.00 46.16 ? 89   GLU A OE1 1 
ATOM   92   O  OE2 . GLU A 1 11  ? -18.939 -3.852  6.444   1.00 45.35 ? 89   GLU A OE2 1 
ATOM   93   N  N   . ARG A 1 12  ? -17.366 0.990   3.847   1.00 20.65 ? 90   ARG A N   1 
ATOM   94   C  CA  . ARG A 1 12  ? -17.791 1.837   2.743   1.00 21.00 ? 90   ARG A CA  1 
ATOM   95   C  C   . ARG A 1 12  ? -16.885 1.418   1.601   1.00 20.20 ? 90   ARG A C   1 
ATOM   96   O  O   . ARG A 1 12  ? -15.712 1.104   1.820   1.00 19.05 ? 90   ARG A O   1 
ATOM   97   C  CB  . ARG A 1 12  ? -17.558 3.315   3.048   1.00 23.79 ? 90   ARG A CB  1 
ATOM   98   C  CG  . ARG A 1 12  ? -17.979 3.736   4.438   1.00 31.52 ? 90   ARG A CG  1 
ATOM   99   C  CD  . ARG A 1 12  ? -18.004 5.250   4.591   1.00 37.39 ? 90   ARG A CD  1 
ATOM   100  N  NE  . ARG A 1 12  ? -17.044 5.929   3.729   1.00 39.16 ? 90   ARG A NE  1 
ATOM   101  C  CZ  . ARG A 1 12  ? -15.778 6.182   4.049   1.00 40.20 ? 90   ARG A CZ  1 
ATOM   102  N  NH1 . ARG A 1 12  ? -15.290 5.809   5.228   1.00 40.20 ? 90   ARG A NH1 1 
ATOM   103  N  NH2 . ARG A 1 12  ? -15.006 6.830   3.186   1.00 36.47 ? 90   ARG A NH2 1 
ATOM   104  N  N   . THR A 1 13  ? -17.418 1.424   0.387   1.00 18.97 ? 91   THR A N   1 
ATOM   105  C  CA  . THR A 1 13  ? -16.635 1.026   -0.774  1.00 18.59 ? 91   THR A CA  1 
ATOM   106  C  C   . THR A 1 13  ? -15.898 2.162   -1.475  1.00 16.71 ? 91   THR A C   1 
ATOM   107  O  O   . THR A 1 13  ? -14.946 1.900   -2.212  1.00 14.25 ? 91   THR A O   1 
ATOM   108  C  CB  . THR A 1 13  ? -17.488 0.273   -1.791  1.00 20.20 ? 91   THR A CB  1 
ATOM   109  O  OG1 . THR A 1 13  ? -18.662 1.042   -2.085  1.00 24.82 ? 91   THR A OG1 1 
ATOM   110  C  CG2 . THR A 1 13  ? -17.882 -1.075  -1.242  1.00 22.86 ? 91   THR A CG2 1 
ATOM   111  N  N   . ASN A 1 14  ? -16.381 3.400   -1.336  1.00 15.17 ? 92   ASN A N   1 
ATOM   112  C  CA  . ASN A 1 14  ? -15.677 4.537   -1.943  1.00 15.02 ? 92   ASN A CA  1 
ATOM   113  C  C   . ASN A 1 14  ? -14.824 5.123   -0.826  1.00 13.76 ? 92   ASN A C   1 
ATOM   114  O  O   . ASN A 1 14  ? -15.344 5.593   0.202   1.00 12.16 ? 92   ASN A O   1 
ATOM   115  C  CB  . ASN A 1 14  ? -16.633 5.608   -2.507  1.00 17.91 ? 92   ASN A CB  1 
ATOM   116  C  CG  . ASN A 1 14  ? -15.900 6.734   -3.322  1.00 23.31 ? 92   ASN A CG  1 
ATOM   117  O  OD1 . ASN A 1 14  ? -16.544 7.696   -3.766  1.00 25.14 ? 92   ASN A OD1 1 
ATOM   118  N  ND2 . ASN A 1 14  ? -14.584 6.600   -3.531  1.00 20.42 ? 92   ASN A ND2 1 
ATOM   119  N  N   . LEU A 1 15  ? -13.513 5.018   -1.011  1.00 11.15 ? 93   LEU A N   1 
ATOM   120  C  CA  . LEU A 1 15  ? -12.548 5.518   -0.044  1.00 11.19 ? 93   LEU A CA  1 
ATOM   121  C  C   . LEU A 1 15  ? -11.702 6.620   -0.661  1.00 9.44  ? 93   LEU A C   1 
ATOM   122  O  O   . LEU A 1 15  ? -11.466 6.641   -1.875  1.00 9.81  ? 93   LEU A O   1 
ATOM   123  C  CB  . LEU A 1 15  ? -11.636 4.374   0.441   1.00 12.76 ? 93   LEU A CB  1 
ATOM   124  C  CG  . LEU A 1 15  ? -12.368 3.169   1.048   1.00 13.38 ? 93   LEU A CG  1 
ATOM   125  C  CD1 . LEU A 1 15  ? -11.376 2.067   1.368   1.00 15.59 ? 93   LEU A CD1 1 
ATOM   126  C  CD2 . LEU A 1 15  ? -13.167 3.554   2.274   1.00 13.25 ? 93   LEU A CD2 1 
ATOM   127  N  N   . THR A 1 16  ? -11.282 7.560   0.177   1.00 8.10  ? 94   THR A N   1 
ATOM   128  C  CA  . THR A 1 16  ? -10.447 8.654   -0.285  1.00 8.09  ? 94   THR A CA  1 
ATOM   129  C  C   . THR A 1 16  ? -9.025  8.446   0.208   1.00 7.00  ? 94   THR A C   1 
ATOM   130  O  O   . THR A 1 16  ? -8.798  7.788   1.233   1.00 7.27  ? 94   THR A O   1 
ATOM   131  C  CB  . THR A 1 16  ? -10.938 10.013  0.268   1.00 10.05 ? 94   THR A CB  1 
ATOM   132  O  OG1 . THR A 1 16  ? -10.967 9.949   1.694   1.00 6.05  ? 94   THR A OG1 1 
ATOM   133  C  CG2 . THR A 1 16  ? -12.348 10.361  -0.268  1.00 11.18 ? 94   THR A CG2 1 
ATOM   134  N  N   . TYR A 1 17  ? -8.077  9.030   -0.504  1.00 5.33  ? 95   TYR A N   1 
ATOM   135  C  CA  . TYR A 1 17  ? -6.696  8.943   -0.093  1.00 6.68  ? 95   TYR A CA  1 
ATOM   136  C  C   . TYR A 1 17  ? -6.042  10.281  -0.370  1.00 6.39  ? 95   TYR A C   1 
ATOM   137  O  O   . TYR A 1 17  ? -6.498  11.048  -1.227  1.00 4.81  ? 95   TYR A O   1 
ATOM   138  C  CB  . TYR A 1 17  ? -5.963  7.801   -0.825  1.00 8.88  ? 95   TYR A CB  1 
ATOM   139  C  CG  . TYR A 1 17  ? -5.684  8.000   -2.311  1.00 9.77  ? 95   TYR A CG  1 
ATOM   140  C  CD1 . TYR A 1 17  ? -4.510  8.631   -2.740  1.00 7.58  ? 95   TYR A CD1 1 
ATOM   141  C  CD2 . TYR A 1 17  ? -6.551  7.476   -3.287  1.00 8.54  ? 95   TYR A CD2 1 
ATOM   142  C  CE1 . TYR A 1 17  ? -4.190  8.729   -4.105  1.00 9.03  ? 95   TYR A CE1 1 
ATOM   143  C  CE2 . TYR A 1 17  ? -6.246  7.576   -4.646  1.00 8.72  ? 95   TYR A CE2 1 
ATOM   144  C  CZ  . TYR A 1 17  ? -5.074  8.192   -5.051  1.00 8.84  ? 95   TYR A CZ  1 
ATOM   145  O  OH  . TYR A 1 17  ? -4.766  8.259   -6.382  1.00 5.77  ? 95   TYR A OH  1 
ATOM   146  N  N   . ARG A 1 18  ? -4.954  10.548  0.333   1.00 6.20  ? 96   ARG A N   1 
ATOM   147  C  CA  . ARG A 1 18  ? -4.233  11.782  0.146   1.00 7.34  ? 96   ARG A CA  1 
ATOM   148  C  C   . ARG A 1 18  ? -2.727  11.539  0.272   1.00 6.53  ? 96   ARG A C   1 
ATOM   149  O  O   . ARG A 1 18  ? -2.284  10.876  1.219   1.00 6.17  ? 96   ARG A O   1 
ATOM   150  C  CB  . ARG A 1 18  ? -4.682  12.806  1.198   1.00 10.20 ? 96   ARG A CB  1 
ATOM   151  C  CG  . ARG A 1 18  ? -3.886  14.113  1.175   1.00 13.26 ? 96   ARG A CG  1 
ATOM   152  C  CD  . ARG A 1 18  ? -4.305  15.036  2.314   1.00 14.15 ? 96   ARG A CD  1 
ATOM   153  N  NE  . ARG A 1 18  ? -3.304  16.071  2.542   1.00 14.40 ? 96   ARG A NE  1 
ATOM   154  C  CZ  . ARG A 1 18  ? -3.315  16.910  3.571   1.00 13.41 ? 96   ARG A CZ  1 
ATOM   155  N  NH1 . ARG A 1 18  ? -4.289  16.852  4.471   1.00 12.86 ? 96   ARG A NH1 1 
ATOM   156  N  NH2 . ARG A 1 18  ? -2.317  17.764  3.725   1.00 15.74 ? 96   ARG A NH2 1 
ATOM   157  N  N   . ILE A 1 19  ? -1.973  12.023  -0.709  1.00 4.86  ? 97   ILE A N   1 
ATOM   158  C  CA  . ILE A 1 19  ? -0.511  11.926  -0.713  1.00 7.34  ? 97   ILE A CA  1 
ATOM   159  C  C   . ILE A 1 19  ? -0.028  13.218  -0.017  1.00 7.08  ? 97   ILE A C   1 
ATOM   160  O  O   . ILE A 1 19  ? -0.078  14.322  -0.593  1.00 6.56  ? 97   ILE A O   1 
ATOM   161  C  CB  . ILE A 1 19  ? 0.035   11.826  -2.152  1.00 7.67  ? 97   ILE A CB  1 
ATOM   162  C  CG1 . ILE A 1 19  ? -0.511  10.530  -2.806  1.00 10.38 ? 97   ILE A CG1 1 
ATOM   163  C  CG2 . ILE A 1 19  ? 1.582   11.847  -2.151  1.00 7.34  ? 97   ILE A CG2 1 
ATOM   164  C  CD1 . ILE A 1 19  ? -0.254  10.380  -4.292  1.00 9.99  ? 97   ILE A CD1 1 
ATOM   165  N  N   . ARG A 1 20  ? 0.424   13.065  1.222   1.00 6.90  ? 98   ARG A N   1 
ATOM   166  C  CA  . ARG A 1 20  ? 0.843   14.190  2.059   1.00 7.29  ? 98   ARG A CA  1 
ATOM   167  C  C   . ARG A 1 20  ? 2.187   14.841  1.731   1.00 8.24  ? 98   ARG A C   1 
ATOM   168  O  O   . ARG A 1 20  ? 2.368   16.043  1.981   1.00 6.99  ? 98   ARG A O   1 
ATOM   169  C  CB  . ARG A 1 20  ? 0.801   13.780  3.534   1.00 7.17  ? 98   ARG A CB  1 
ATOM   170  C  CG  . ARG A 1 20  ? -0.512  13.106  3.964   1.00 7.40  ? 98   ARG A CG  1 
ATOM   171  C  CD  . ARG A 1 20  ? -0.599  13.001  5.474   1.00 10.73 ? 98   ARG A CD  1 
ATOM   172  N  NE  . ARG A 1 20  ? -0.584  14.332  6.068   1.00 9.45  ? 98   ARG A NE  1 
ATOM   173  C  CZ  . ARG A 1 20  ? -1.667  14.985  6.479   1.00 11.56 ? 98   ARG A CZ  1 
ATOM   174  N  NH1 . ARG A 1 20  ? -2.867  14.422  6.371   1.00 8.06  ? 98   ARG A NH1 1 
ATOM   175  N  NH2 . ARG A 1 20  ? -1.548  16.212  6.987   1.00 9.59  ? 98   ARG A NH2 1 
ATOM   176  N  N   . ASN A 1 21  ? 3.142   14.045  1.263   1.00 5.51  ? 99   ASN A N   1 
ATOM   177  C  CA  . ASN A 1 21  ? 4.444   14.560  0.889   1.00 7.41  ? 99   ASN A CA  1 
ATOM   178  C  C   . ASN A 1 21  ? 5.063   13.692  -0.196  1.00 8.21  ? 99   ASN A C   1 
ATOM   179  O  O   . ASN A 1 21  ? 4.439   12.722  -0.644  1.00 6.98  ? 99   ASN A O   1 
ATOM   180  C  CB  . ASN A 1 21  ? 5.366   14.763  2.116   1.00 9.71  ? 99   ASN A CB  1 
ATOM   181  C  CG  . ASN A 1 21  ? 5.635   13.482  2.883   1.00 10.52 ? 99   ASN A CG  1 
ATOM   182  O  OD1 . ASN A 1 21  ? 5.295   12.387  2.433   1.00 7.11  ? 99   ASN A OD1 1 
ATOM   183  N  ND2 . ASN A 1 21  ? 6.256   13.615  4.052   1.00 5.42  ? 99   ASN A ND2 1 
ATOM   184  N  N   . TYR A 1 22  ? 6.293   13.998  -0.593  1.00 8.19  ? 100  TYR A N   1 
ATOM   185  C  CA  . TYR A 1 22  ? 6.930   13.284  -1.696  1.00 10.11 ? 100  TYR A CA  1 
ATOM   186  C  C   . TYR A 1 22  ? 8.344   12.799  -1.405  1.00 10.40 ? 100  TYR A C   1 
ATOM   187  O  O   . TYR A 1 22  ? 8.832   12.933  -0.288  1.00 9.38  ? 100  TYR A O   1 
ATOM   188  C  CB  . TYR A 1 22  ? 6.934   14.196  -2.935  1.00 12.37 ? 100  TYR A CB  1 
ATOM   189  C  CG  . TYR A 1 22  ? 5.541   14.523  -3.436  1.00 14.33 ? 100  TYR A CG  1 
ATOM   190  C  CD1 . TYR A 1 22  ? 4.887   13.668  -4.325  1.00 14.66 ? 100  TYR A CD1 1 
ATOM   191  C  CD2 . TYR A 1 22  ? 4.847   15.643  -2.968  1.00 13.80 ? 100  TYR A CD2 1 
ATOM   192  C  CE1 . TYR A 1 22  ? 3.572   13.912  -4.737  1.00 18.43 ? 100  TYR A CE1 1 
ATOM   193  C  CE2 . TYR A 1 22  ? 3.526   15.898  -3.368  1.00 16.57 ? 100  TYR A CE2 1 
ATOM   194  C  CZ  . TYR A 1 22  ? 2.893   15.024  -4.252  1.00 17.07 ? 100  TYR A CZ  1 
ATOM   195  O  OH  . TYR A 1 22  ? 1.583   15.237  -4.633  1.00 13.41 ? 100  TYR A OH  1 
ATOM   196  N  N   . THR A 1 23  ? 8.963   12.163  -2.394  1.00 9.88  ? 101  THR A N   1 
ATOM   197  C  CA  . THR A 1 23  ? 10.323  11.685  -2.250  1.00 11.08 ? 101  THR A CA  1 
ATOM   198  C  C   . THR A 1 23  ? 11.182  12.322  -3.344  1.00 12.71 ? 101  THR A C   1 
ATOM   199  O  O   . THR A 1 23  ? 10.804  12.344  -4.516  1.00 11.71 ? 101  THR A O   1 
ATOM   200  C  CB  . THR A 1 23  ? 10.424  10.124  -2.284  1.00 11.36 ? 101  THR A CB  1 
ATOM   201  O  OG1 . THR A 1 23  ? 11.800  9.740   -2.192  1.00 7.93  ? 101  THR A OG1 1 
ATOM   202  C  CG2 . THR A 1 23  ? 9.829   9.545   -3.578  1.00 9.80  ? 101  THR A CG2 1 
ATOM   203  N  N   . PRO A 1 24  ? 12.353  12.857  -2.973  1.00 13.19 ? 102  PRO A N   1 
ATOM   204  C  CA  . PRO A 1 24  ? 13.232  13.495  -3.957  1.00 15.03 ? 102  PRO A CA  1 
ATOM   205  C  C   . PRO A 1 24  ? 13.696  12.600  -5.128  1.00 14.91 ? 102  PRO A C   1 
ATOM   206  O  O   . PRO A 1 24  ? 14.038  13.106  -6.192  1.00 14.13 ? 102  PRO A O   1 
ATOM   207  C  CB  . PRO A 1 24  ? 14.403  13.985  -3.093  1.00 16.87 ? 102  PRO A CB  1 
ATOM   208  C  CG  . PRO A 1 24  ? 14.419  13.028  -1.936  1.00 18.45 ? 102  PRO A CG  1 
ATOM   209  C  CD  . PRO A 1 24  ? 12.956  12.882  -1.624  1.00 15.57 ? 102  PRO A CD  1 
ATOM   210  N  N   . GLN A 1 25  ? 13.665  11.282  -4.913  1.00 14.33 ? 103  GLN A N   1 
ATOM   211  C  CA  . GLN A 1 25  ? 14.087  10.250  -5.875  1.00 14.95 ? 103  GLN A CA  1 
ATOM   212  C  C   . GLN A 1 25  ? 13.268  10.187  -7.173  1.00 13.67 ? 103  GLN A C   1 
ATOM   213  O  O   . GLN A 1 25  ? 13.731  9.673   -8.190  1.00 12.07 ? 103  GLN A O   1 
ATOM   214  C  CB  . GLN A 1 25  ? 13.963  8.869   -5.216  1.00 21.40 ? 103  GLN A CB  1 
ATOM   215  C  CG  . GLN A 1 25  ? 14.366  8.772   -3.746  1.00 28.90 ? 103  GLN A CG  1 
ATOM   216  C  CD  . GLN A 1 25  ? 15.854  8.740   -3.580  1.00 37.43 ? 103  GLN A CD  1 
ATOM   217  O  OE1 . GLN A 1 25  ? 16.528  7.828   -4.068  1.00 40.52 ? 103  GLN A OE1 1 
ATOM   218  N  NE2 . GLN A 1 25  ? 16.391  9.738   -2.895  1.00 42.83 ? 103  GLN A NE2 1 
ATOM   219  N  N   . LEU A 1 26  ? 12.021  10.633  -7.101  1.00 11.50 ? 104  LEU A N   1 
ATOM   220  C  CA  . LEU A 1 26  ? 11.120  10.590  -8.247  1.00 12.01 ? 104  LEU A CA  1 
ATOM   221  C  C   . LEU A 1 26  ? 10.416  11.947  -8.375  1.00 11.76 ? 104  LEU A C   1 
ATOM   222  O  O   . LEU A 1 26  ? 10.508  12.789  -7.479  1.00 10.06 ? 104  LEU A O   1 
ATOM   223  C  CB  . LEU A 1 26  ? 10.056  9.486   -8.016  1.00 12.89 ? 104  LEU A CB  1 
ATOM   224  C  CG  . LEU A 1 26  ? 10.501  8.023   -7.868  1.00 11.01 ? 104  LEU A CG  1 
ATOM   225  C  CD1 . LEU A 1 26  ? 9.421   7.170   -7.233  1.00 13.33 ? 104  LEU A CD1 1 
ATOM   226  C  CD2 . LEU A 1 26  ? 10.889  7.493   -9.227  1.00 12.13 ? 104  LEU A CD2 1 
ATOM   227  N  N   . SER A 1 27  ? 9.752   12.174  -9.502  1.00 9.39  ? 105  SER A N   1 
ATOM   228  C  CA  . SER A 1 27  ? 8.999   13.409  -9.664  1.00 10.08 ? 105  SER A CA  1 
ATOM   229  C  C   . SER A 1 27  ? 7.692   13.222  -8.873  1.00 9.43  ? 105  SER A C   1 
ATOM   230  O  O   . SER A 1 27  ? 7.340   12.099  -8.482  1.00 8.56  ? 105  SER A O   1 
ATOM   231  C  CB  . SER A 1 27  ? 8.659   13.641  -11.144 1.00 10.60 ? 105  SER A CB  1 
ATOM   232  O  OG  . SER A 1 27  ? 7.721   12.681  -11.598 1.00 8.40  ? 105  SER A OG  1 
ATOM   233  N  N   . GLU A 1 28  ? 6.946   14.301  -8.677  1.00 8.47  ? 106  GLU A N   1 
ATOM   234  C  CA  . GLU A 1 28  ? 5.668   14.207  -7.982  1.00 9.60  ? 106  GLU A CA  1 
ATOM   235  C  C   . GLU A 1 28  ? 4.689   13.374  -8.820  1.00 9.82  ? 106  GLU A C   1 
ATOM   236  O  O   . GLU A 1 28  ? 3.939   12.561  -8.285  1.00 8.54  ? 106  GLU A O   1 
ATOM   237  C  CB  . GLU A 1 28  ? 5.084   15.592  -7.748  1.00 12.45 ? 106  GLU A CB  1 
ATOM   238  C  CG  . GLU A 1 28  ? 5.856   16.376  -6.714  1.00 15.34 ? 106  GLU A CG  1 
ATOM   239  C  CD  . GLU A 1 28  ? 5.309   17.774  -6.478  1.00 20.17 ? 106  GLU A CD  1 
ATOM   240  O  OE1 . GLU A 1 28  ? 4.160   18.065  -6.875  1.00 17.16 ? 106  GLU A OE1 1 
ATOM   241  O  OE2 . GLU A 1 28  ? 6.049   18.582  -5.885  1.00 20.01 ? 106  GLU A OE2 1 
ATOM   242  N  N   . ALA A 1 29  ? 4.717   13.566  -10.137 1.00 8.85  ? 107  ALA A N   1 
ATOM   243  C  CA  . ALA A 1 29  ? 3.826   12.821  -11.016 1.00 9.12  ? 107  ALA A CA  1 
ATOM   244  C  C   . ALA A 1 29  ? 4.116   11.314  -10.930 1.00 9.46  ? 107  ALA A C   1 
ATOM   245  O  O   . ALA A 1 29  ? 3.183   10.510  -10.902 1.00 9.03  ? 107  ALA A O   1 
ATOM   246  C  CB  . ALA A 1 29  ? 3.954   13.318  -12.441 1.00 8.11  ? 107  ALA A CB  1 
ATOM   247  N  N   . GLU A 1 30  ? 5.395   10.942  -10.835 1.00 7.79  ? 108  GLU A N   1 
ATOM   248  C  CA  . GLU A 1 30  ? 5.781   9.528   -10.729 1.00 7.54  ? 108  GLU A CA  1 
ATOM   249  C  C   . GLU A 1 30  ? 5.280   8.919   -9.420  1.00 7.27  ? 108  GLU A C   1 
ATOM   250  O  O   . GLU A 1 30  ? 4.820   7.770   -9.402  1.00 5.70  ? 108  GLU A O   1 
ATOM   251  C  CB  . GLU A 1 30  ? 7.298   9.341   -10.889 1.00 8.44  ? 108  GLU A CB  1 
ATOM   252  C  CG  . GLU A 1 30  ? 7.769   9.538   -12.331 1.00 9.74  ? 108  GLU A CG  1 
ATOM   253  C  CD  . GLU A 1 30  ? 9.258   9.796   -12.482 1.00 13.57 ? 108  GLU A CD  1 
ATOM   254  O  OE1 . GLU A 1 30  ? 9.930   10.126  -11.496 1.00 10.70 ? 108  GLU A OE1 1 
ATOM   255  O  OE2 . GLU A 1 30  ? 9.762   9.683   -13.616 1.00 15.74 ? 108  GLU A OE2 1 
ATOM   256  N  N   . VAL A 1 31  ? 5.358   9.682   -8.330  1.00 5.56  ? 109  VAL A N   1 
ATOM   257  C  CA  . VAL A 1 31  ? 4.856   9.207   -7.047  1.00 7.09  ? 109  VAL A CA  1 
ATOM   258  C  C   . VAL A 1 31  ? 3.330   9.072   -7.136  1.00 6.54  ? 109  VAL A C   1 
ATOM   259  O  O   . VAL A 1 31  ? 2.765   8.053   -6.734  1.00 4.31  ? 109  VAL A O   1 
ATOM   260  C  CB  . VAL A 1 31  ? 5.240   10.181  -5.859  1.00 7.03  ? 109  VAL A CB  1 
ATOM   261  C  CG1 . VAL A 1 31  ? 4.445   9.840   -4.599  1.00 6.85  ? 109  VAL A CG1 1 
ATOM   262  C  CG2 . VAL A 1 31  ? 6.738   10.107  -5.575  1.00 6.54  ? 109  VAL A CG2 1 
ATOM   263  N  N   . GLU A 1 32  ? 2.668   10.083  -7.702  1.00 6.16  ? 110  GLU A N   1 
ATOM   264  C  CA  . GLU A 1 32  ? 1.211   10.056  -7.822  1.00 7.92  ? 110  GLU A CA  1 
ATOM   265  C  C   . GLU A 1 32  ? 0.723   8.891   -8.700  1.00 5.30  ? 110  GLU A C   1 
ATOM   266  O  O   . GLU A 1 32  ? -0.253  8.221   -8.360  1.00 3.76  ? 110  GLU A O   1 
ATOM   267  C  CB  . GLU A 1 32  ? 0.700   11.392  -8.340  1.00 10.78 ? 110  GLU A CB  1 
ATOM   268  C  CG  . GLU A 1 32  ? 0.906   12.524  -7.331  1.00 10.86 ? 110  GLU A CG  1 
ATOM   269  C  CD  . GLU A 1 32  ? 0.913   13.904  -7.975  1.00 17.90 ? 110  GLU A CD  1 
ATOM   270  O  OE1 . GLU A 1 32  ? 0.762   14.015  -9.219  1.00 16.14 ? 110  GLU A OE1 1 
ATOM   271  O  OE2 . GLU A 1 32  ? 1.076   14.884  -7.219  1.00 16.52 ? 110  GLU A OE2 1 
ATOM   272  N  N   . ARG A 1 33  ? 1.428   8.644   -9.799  1.00 5.00  ? 111  ARG A N   1 
ATOM   273  C  CA  . ARG A 1 33  ? 1.075   7.540   -10.697 1.00 6.54  ? 111  ARG A CA  1 
ATOM   274  C  C   . ARG A 1 33  ? 1.297   6.171   -10.032 1.00 6.19  ? 111  ARG A C   1 
ATOM   275  O  O   . ARG A 1 33  ? 0.448   5.280   -10.148 1.00 3.87  ? 111  ARG A O   1 
ATOM   276  C  CB  . ARG A 1 33  ? 1.844   7.657   -12.009 1.00 7.41  ? 111  ARG A CB  1 
ATOM   277  C  CG  . ARG A 1 33  ? 1.661   6.481   -12.982 1.00 9.61  ? 111  ARG A CG  1 
ATOM   278  C  CD  . ARG A 1 33  ? 0.198   6.172   -13.262 1.00 9.67  ? 111  ARG A CD  1 
ATOM   279  N  NE  . ARG A 1 33  ? -0.472  7.187   -14.074 1.00 9.95  ? 111  ARG A NE  1 
ATOM   280  C  CZ  . ARG A 1 33  ? -1.679  7.024   -14.611 1.00 11.41 ? 111  ARG A CZ  1 
ATOM   281  N  NH1 . ARG A 1 33  ? -2.334  5.888   -14.416 1.00 7.47  ? 111  ARG A NH1 1 
ATOM   282  N  NH2 . ARG A 1 33  ? -2.234  7.997   -15.333 1.00 7.89  ? 111  ARG A NH2 1 
ATOM   283  N  N   . ALA A 1 34  ? 2.407   6.012   -9.305  1.00 5.76  ? 112  ALA A N   1 
ATOM   284  C  CA  . ALA A 1 34  ? 2.678   4.738   -8.617  1.00 6.26  ? 112  ALA A CA  1 
ATOM   285  C  C   . ALA A 1 34  ? 1.581   4.421   -7.616  1.00 6.12  ? 112  ALA A C   1 
ATOM   286  O  O   . ALA A 1 34  ? 1.124   3.275   -7.530  1.00 5.99  ? 112  ALA A O   1 
ATOM   287  C  CB  . ALA A 1 34  ? 4.037   4.761   -7.913  1.00 8.14  ? 112  ALA A CB  1 
ATOM   288  N  N   . ILE A 1 35  ? 1.135   5.445   -6.890  1.00 4.43  ? 113  ILE A N   1 
ATOM   289  C  CA  . ILE A 1 35  ? 0.090   5.287   -5.897  1.00 5.86  ? 113  ILE A CA  1 
ATOM   290  C  C   . ILE A 1 35  ? -1.253  4.959   -6.571  1.00 5.45  ? 113  ILE A C   1 
ATOM   291  O  O   . ILE A 1 35  ? -1.966  4.045   -6.152  1.00 3.20  ? 113  ILE A O   1 
ATOM   292  C  CB  . ILE A 1 35  ? -0.068  6.595   -5.023  1.00 7.23  ? 113  ILE A CB  1 
ATOM   293  C  CG1 . ILE A 1 35  ? 1.227   6.908   -4.247  1.00 12.16 ? 113  ILE A CG1 1 
ATOM   294  C  CG2 . ILE A 1 35  ? -1.261  6.488   -4.101  1.00 7.99  ? 113  ILE A CG2 1 
ATOM   295  C  CD1 . ILE A 1 35  ? 1.805   5.760   -3.456  1.00 14.90 ? 113  ILE A CD1 1 
ATOM   296  N  N   . LYS A 1 36  ? -1.593  5.731   -7.598  1.00 4.09  ? 114  LYS A N   1 
ATOM   297  C  CA  . LYS A 1 36  ? -2.840  5.550   -8.341  1.00 5.64  ? 114  LYS A CA  1 
ATOM   298  C  C   . LYS A 1 36  ? -2.960  4.116   -8.886  1.00 5.30  ? 114  LYS A C   1 
ATOM   299  O  O   . LYS A 1 36  ? -3.958  3.428   -8.651  1.00 3.82  ? 114  LYS A O   1 
ATOM   300  C  CB  . LYS A 1 36  ? -2.879  6.558   -9.493  1.00 6.06  ? 114  LYS A CB  1 
ATOM   301  C  CG  . LYS A 1 36  ? -4.058  6.411   -10.450 1.00 9.07  ? 114  LYS A CG  1 
ATOM   302  C  CD  . LYS A 1 36  ? -3.942  7.451   -11.551 1.00 12.31 ? 114  LYS A CD  1 
ATOM   303  C  CE  . LYS A 1 36  ? -4.983  7.246   -12.667 1.00 15.12 ? 114  LYS A CE  1 
ATOM   304  N  NZ  . LYS A 1 36  ? -6.377  7.362   -12.149 1.00 16.20 ? 114  LYS A NZ  1 
ATOM   305  N  N   . ASP A 1 37  ? -1.913  3.660   -9.561  1.00 5.19  ? 115  ASP A N   1 
ATOM   306  C  CA  . ASP A 1 37  ? -1.890  2.321   -10.157 1.00 6.51  ? 115  ASP A CA  1 
ATOM   307  C  C   . ASP A 1 37  ? -1.897  1.209   -9.112  1.00 7.44  ? 115  ASP A C   1 
ATOM   308  O  O   . ASP A 1 37  ? -2.476  0.132   -9.353  1.00 5.36  ? 115  ASP A O   1 
ATOM   309  C  CB  . ASP A 1 37  ? -0.695  2.185   -11.106 1.00 7.30  ? 115  ASP A CB  1 
ATOM   310  C  CG  . ASP A 1 37  ? -0.850  3.032   -12.382 1.00 7.48  ? 115  ASP A CG  1 
ATOM   311  O  OD1 . ASP A 1 37  ? -1.866  3.743   -12.542 1.00 6.75  ? 115  ASP A OD1 1 
ATOM   312  O  OD2 . ASP A 1 37  ? 0.056   2.974   -13.226 1.00 6.57  ? 115  ASP A OD2 1 
ATOM   313  N  N   . ALA A 1 38  ? -1.295  1.482   -7.947  1.00 4.82  ? 116  ALA A N   1 
ATOM   314  C  CA  . ALA A 1 38  ? -1.265  0.521   -6.844  1.00 5.95  ? 116  ALA A CA  1 
ATOM   315  C  C   . ALA A 1 38  ? -2.703  0.312   -6.342  1.00 6.21  ? 116  ALA A C   1 
ATOM   316  O  O   . ALA A 1 38  ? -3.145  -0.825  -6.126  1.00 5.15  ? 116  ALA A O   1 
ATOM   317  C  CB  . ALA A 1 38  ? -0.366  1.028   -5.711  1.00 7.40  ? 116  ALA A CB  1 
ATOM   318  N  N   . PHE A 1 39  ? -3.434  1.407   -6.155  1.00 4.40  ? 117  PHE A N   1 
ATOM   319  C  CA  . PHE A 1 39  ? -4.821  1.307   -5.717  1.00 5.92  ? 117  PHE A CA  1 
ATOM   320  C  C   . PHE A 1 39  ? -5.674  0.603   -6.788  1.00 5.68  ? 117  PHE A C   1 
ATOM   321  O  O   . PHE A 1 39  ? -6.523  -0.241  -6.467  1.00 3.94  ? 117  PHE A O   1 
ATOM   322  C  CB  . PHE A 1 39  ? -5.403  2.695   -5.448  1.00 7.90  ? 117  PHE A CB  1 
ATOM   323  C  CG  . PHE A 1 39  ? -5.129  3.216   -4.061  1.00 8.48  ? 117  PHE A CG  1 
ATOM   324  C  CD1 . PHE A 1 39  ? -5.524  2.482   -2.940  1.00 8.74  ? 117  PHE A CD1 1 
ATOM   325  C  CD2 . PHE A 1 39  ? -4.509  4.454   -3.872  1.00 8.98  ? 117  PHE A CD2 1 
ATOM   326  C  CE1 . PHE A 1 39  ? -5.317  2.970   -1.648  1.00 9.89  ? 117  PHE A CE1 1 
ATOM   327  C  CE2 . PHE A 1 39  ? -4.299  4.946   -2.583  1.00 8.86  ? 117  PHE A CE2 1 
ATOM   328  C  CZ  . PHE A 1 39  ? -4.704  4.202   -1.473  1.00 10.00 ? 117  PHE A CZ  1 
ATOM   329  N  N   . GLU A 1 40  ? -5.413  0.930   -8.050  1.00 5.26  ? 118  GLU A N   1 
ATOM   330  C  CA  . GLU A 1 40  ? -6.164  0.355   -9.164  1.00 8.03  ? 118  GLU A CA  1 
ATOM   331  C  C   . GLU A 1 40  ? -6.071  -1.184  -9.217  1.00 7.87  ? 118  GLU A C   1 
ATOM   332  O  O   . GLU A 1 40  ? -7.050  -1.853  -9.561  1.00 6.43  ? 118  GLU A O   1 
ATOM   333  C  CB  . GLU A 1 40  ? -5.755  1.029   -10.481 1.00 9.79  ? 118  GLU A CB  1 
ATOM   334  C  CG  . GLU A 1 40  ? -6.506  0.542   -11.730 1.00 16.14 ? 118  GLU A CG  1 
ATOM   335  C  CD  . GLU A 1 40  ? -7.999  0.925   -11.786 1.00 21.50 ? 118  GLU A CD  1 
ATOM   336  O  OE1 . GLU A 1 40  ? -8.512  1.629   -10.884 1.00 18.47 ? 118  GLU A OE1 1 
ATOM   337  O  OE2 . GLU A 1 40  ? -8.666  0.510   -12.761 1.00 22.35 ? 118  GLU A OE2 1 
ATOM   338  N  N   . LEU A 1 41  ? -4.936  -1.740  -8.783  1.00 5.62  ? 119  LEU A N   1 
ATOM   339  C  CA  . LEU A 1 41  ? -4.754  -3.199  -8.746  1.00 7.30  ? 119  LEU A CA  1 
ATOM   340  C  C   . LEU A 1 41  ? -5.834  -3.875  -7.915  1.00 6.49  ? 119  LEU A C   1 
ATOM   341  O  O   . LEU A 1 41  ? -6.369  -4.921  -8.295  1.00 6.63  ? 119  LEU A O   1 
ATOM   342  C  CB  . LEU A 1 41  ? -3.418  -3.567  -8.089  1.00 7.84  ? 119  LEU A CB  1 
ATOM   343  C  CG  . LEU A 1 41  ? -2.122  -3.362  -8.835  1.00 12.72 ? 119  LEU A CG  1 
ATOM   344  C  CD1 . LEU A 1 41  ? -1.002  -3.833  -7.905  1.00 15.13 ? 119  LEU A CD1 1 
ATOM   345  C  CD2 . LEU A 1 41  ? -2.108  -4.139  -10.153 1.00 13.33 ? 119  LEU A CD2 1 
ATOM   346  N  N   . TRP A 1 42  ? -6.088  -3.308  -6.740  1.00 4.02  ? 120  TRP A N   1 
ATOM   347  C  CA  . TRP A 1 42  ? -7.080  -3.830  -5.808  1.00 6.05  ? 120  TRP A CA  1 
ATOM   348  C  C   . TRP A 1 42  ? -8.493  -3.491  -6.262  1.00 6.74  ? 120  TRP A C   1 
ATOM   349  O  O   . TRP A 1 42  ? -9.418  -4.299  -6.126  1.00 7.14  ? 120  TRP A O   1 
ATOM   350  C  CB  . TRP A 1 42  ? -6.833  -3.269  -4.389  1.00 7.17  ? 120  TRP A CB  1 
ATOM   351  C  CG  . TRP A 1 42  ? -5.481  -3.681  -3.819  1.00 10.11 ? 120  TRP A CG  1 
ATOM   352  C  CD1 . TRP A 1 42  ? -4.345  -2.913  -3.735  1.00 9.68  ? 120  TRP A CD1 1 
ATOM   353  C  CD2 . TRP A 1 42  ? -5.124  -4.979  -3.305  1.00 8.36  ? 120  TRP A CD2 1 
ATOM   354  N  NE1 . TRP A 1 42  ? -3.313  -3.649  -3.204  1.00 8.18  ? 120  TRP A NE1 1 
ATOM   355  C  CE2 . TRP A 1 42  ? -3.759  -4.913  -2.926  1.00 6.78  ? 120  TRP A CE2 1 
ATOM   356  C  CE3 . TRP A 1 42  ? -5.822  -6.183  -3.137  1.00 8.95  ? 120  TRP A CE3 1 
ATOM   357  C  CZ2 . TRP A 1 42  ? -3.076  -6.012  -2.383  1.00 7.47  ? 120  TRP A CZ2 1 
ATOM   358  C  CZ3 . TRP A 1 42  ? -5.136  -7.285  -2.597  1.00 9.18  ? 120  TRP A CZ3 1 
ATOM   359  C  CH2 . TRP A 1 42  ? -3.779  -7.185  -2.228  1.00 8.60  ? 120  TRP A CH2 1 
ATOM   360  N  N   . SER A 1 43  ? -8.630  -2.303  -6.837  1.00 7.27  ? 121  SER A N   1 
ATOM   361  C  CA  . SER A 1 43  ? -9.913  -1.809  -7.316  1.00 8.20  ? 121  SER A CA  1 
ATOM   362  C  C   . SER A 1 43  ? -10.513 -2.731  -8.392  1.00 8.25  ? 121  SER A C   1 
ATOM   363  O  O   . SER A 1 43  ? -11.682 -3.065  -8.322  1.00 7.81  ? 121  SER A O   1 
ATOM   364  C  CB  . SER A 1 43  ? -9.734  -0.369  -7.851  1.00 9.76  ? 121  SER A CB  1 
ATOM   365  O  OG  . SER A 1 43  ? -10.966 0.321   -7.916  1.00 14.31 ? 121  SER A OG  1 
ATOM   366  N  N   . VAL A 1 44  ? -9.684  -3.208  -9.314  1.00 7.97  ? 122  VAL A N   1 
ATOM   367  C  CA  . VAL A 1 44  ? -10.173 -4.072  -10.384 1.00 10.04 ? 122  VAL A CA  1 
ATOM   368  C  C   . VAL A 1 44  ? -10.538 -5.501  -9.961  1.00 8.84  ? 122  VAL A C   1 
ATOM   369  O  O   . VAL A 1 44  ? -11.042 -6.289  -10.789 1.00 8.38  ? 122  VAL A O   1 
ATOM   370  C  CB  . VAL A 1 44  ? -9.192  -4.129  -11.565 1.00 11.93 ? 122  VAL A CB  1 
ATOM   371  C  CG1 . VAL A 1 44  ? -9.043  -2.749  -12.209 1.00 11.47 ? 122  VAL A CG1 1 
ATOM   372  C  CG2 . VAL A 1 44  ? -7.839  -4.708  -11.117 1.00 12.68 ? 122  VAL A CG2 1 
ATOM   373  N  N   . ALA A 1 45  ? -10.310 -5.837  -8.694  1.00 6.97  ? 123  ALA A N   1 
ATOM   374  C  CA  . ALA A 1 45  ? -10.638 -7.168  -8.181  1.00 8.24  ? 123  ALA A CA  1 
ATOM   375  C  C   . ALA A 1 45  ? -11.596 -7.114  -7.000  1.00 7.52  ? 123  ALA A C   1 
ATOM   376  O  O   . ALA A 1 45  ? -11.800 -8.127  -6.307  1.00 7.04  ? 123  ALA A O   1 
ATOM   377  C  CB  . ALA A 1 45  ? -9.346  -7.940  -7.800  1.00 8.26  ? 123  ALA A CB  1 
ATOM   378  N  N   . SER A 1 46  ? -12.245 -5.965  -6.811  1.00 6.36  ? 124  SER A N   1 
ATOM   379  C  CA  . SER A 1 46  ? -13.163 -5.773  -5.695  1.00 7.06  ? 124  SER A CA  1 
ATOM   380  C  C   . SER A 1 46  ? -14.149 -4.668  -6.050  1.00 7.40  ? 124  SER A C   1 
ATOM   381  O  O   . SER A 1 46  ? -14.135 -4.172  -7.154  1.00 8.09  ? 124  SER A O   1 
ATOM   382  C  CB  . SER A 1 46  ? -12.373 -5.340  -4.437  1.00 9.12  ? 124  SER A CB  1 
ATOM   383  O  OG  . SER A 1 46  ? -11.786 -4.051  -4.618  1.00 7.16  ? 124  SER A OG  1 
ATOM   384  N  N   . PRO A 1 47  ? -15.048 -4.311  -5.118  1.00 8.51  ? 125  PRO A N   1 
ATOM   385  C  CA  . PRO A 1 47  ? -15.995 -3.238  -5.437  1.00 10.72 ? 125  PRO A CA  1 
ATOM   386  C  C   . PRO A 1 47  ? -15.480 -1.881  -4.958  1.00 11.13 ? 125  PRO A C   1 
ATOM   387  O  O   . PRO A 1 47  ? -16.172 -0.868  -5.066  1.00 11.08 ? 125  PRO A O   1 
ATOM   388  C  CB  . PRO A 1 47  ? -17.254 -3.673  -4.681  1.00 11.95 ? 125  PRO A CB  1 
ATOM   389  C  CG  . PRO A 1 47  ? -16.699 -4.303  -3.443  1.00 12.93 ? 125  PRO A CG  1 
ATOM   390  C  CD  . PRO A 1 47  ? -15.494 -5.089  -3.950  1.00 10.55 ? 125  PRO A CD  1 
ATOM   391  N  N   . LEU A 1 48  ? -14.252 -1.849  -4.451  1.00 9.80  ? 126  LEU A N   1 
ATOM   392  C  CA  . LEU A 1 48  ? -13.683 -0.609  -3.927  1.00 10.88 ? 126  LEU A CA  1 
ATOM   393  C  C   . LEU A 1 48  ? -13.356 0.440   -4.995  1.00 10.33 ? 126  LEU A C   1 
ATOM   394  O  O   . LEU A 1 48  ? -12.890 0.108   -6.090  1.00 9.54  ? 126  LEU A O   1 
ATOM   395  C  CB  . LEU A 1 48  ? -12.435 -0.917  -3.080  1.00 10.98 ? 126  LEU A CB  1 
ATOM   396  C  CG  . LEU A 1 48  ? -12.654 -1.950  -1.965  1.00 14.38 ? 126  LEU A CG  1 
ATOM   397  C  CD1 . LEU A 1 48  ? -11.330 -2.281  -1.290  1.00 16.44 ? 126  LEU A CD1 1 
ATOM   398  C  CD2 . LEU A 1 48  ? -13.670 -1.462  -0.971  1.00 12.64 ? 126  LEU A CD2 1 
ATOM   399  N  N   . ILE A 1 49  ? -13.610 1.703   -4.660  1.00 8.99  ? 127  ILE A N   1 
ATOM   400  C  CA  . ILE A 1 49  ? -13.338 2.826   -5.552  1.00 10.23 ? 127  ILE A CA  1 
ATOM   401  C  C   . ILE A 1 49  ? -12.501 3.824   -4.742  1.00 9.64  ? 127  ILE A C   1 
ATOM   402  O  O   . ILE A 1 49  ? -12.857 4.171   -3.610  1.00 9.80  ? 127  ILE A O   1 
ATOM   403  C  CB  . ILE A 1 49  ? -14.665 3.497   -6.049  1.00 11.43 ? 127  ILE A CB  1 
ATOM   404  C  CG1 . ILE A 1 49  ? -15.455 2.504   -6.920  1.00 14.27 ? 127  ILE A CG1 1 
ATOM   405  C  CG2 . ILE A 1 49  ? -14.353 4.750   -6.867  1.00 12.49 ? 127  ILE A CG2 1 
ATOM   406  C  CD1 . ILE A 1 49  ? -16.899 2.905   -7.205  1.00 18.44 ? 127  ILE A CD1 1 
ATOM   407  N  N   . PHE A 1 50  ? -11.370 4.237   -5.307  1.00 9.21  ? 128  PHE A N   1 
ATOM   408  C  CA  . PHE A 1 50  ? -10.473 5.173   -4.625  1.00 10.20 ? 128  PHE A CA  1 
ATOM   409  C  C   . PHE A 1 50  ? -10.467 6.540   -5.281  1.00 10.11 ? 128  PHE A C   1 
ATOM   410  O  O   . PHE A 1 50  ? -10.337 6.664   -6.506  1.00 8.98  ? 128  PHE A O   1 
ATOM   411  C  CB  . PHE A 1 50  ? -9.053  4.604   -4.558  1.00 11.22 ? 128  PHE A CB  1 
ATOM   412  C  CG  . PHE A 1 50  ? -8.988  3.258   -3.886  1.00 11.21 ? 128  PHE A CG  1 
ATOM   413  C  CD1 . PHE A 1 50  ? -9.014  3.156   -2.497  1.00 9.97  ? 128  PHE A CD1 1 
ATOM   414  C  CD2 . PHE A 1 50  ? -8.944  2.080   -4.649  1.00 10.55 ? 128  PHE A CD2 1 
ATOM   415  C  CE1 . PHE A 1 50  ? -9.002  1.908   -1.873  1.00 11.52 ? 128  PHE A CE1 1 
ATOM   416  C  CE2 . PHE A 1 50  ? -8.931  0.829   -4.027  1.00 10.04 ? 128  PHE A CE2 1 
ATOM   417  C  CZ  . PHE A 1 50  ? -8.960  0.743   -2.646  1.00 7.12  ? 128  PHE A CZ  1 
ATOM   418  N  N   . THR A 1 51  ? -10.652 7.558   -4.451  1.00 8.74  ? 129  THR A N   1 
ATOM   419  C  CA  . THR A 1 51  ? -10.685 8.939   -4.913  1.00 9.85  ? 129  THR A CA  1 
ATOM   420  C  C   . THR A 1 51  ? -9.619  9.755   -4.186  1.00 9.07  ? 129  THR A C   1 
ATOM   421  O  O   . THR A 1 51  ? -9.554  9.763   -2.957  1.00 7.37  ? 129  THR A O   1 
ATOM   422  C  CB  . THR A 1 51  ? -12.085 9.551   -4.656  1.00 12.94 ? 129  THR A CB  1 
ATOM   423  O  OG1 . THR A 1 51  ? -13.069 8.784   -5.368  1.00 11.12 ? 129  THR A OG1 1 
ATOM   424  C  CG2 . THR A 1 51  ? -12.134 11.020  -5.113  1.00 15.42 ? 129  THR A CG2 1 
ATOM   425  N  N   . ARG A 1 52  ? -8.767  10.407  -4.961  1.00 8.53  ? 130  ARG A N   1 
ATOM   426  C  CA  . ARG A 1 52  ? -7.709  11.226  -4.396  1.00 10.27 ? 130  ARG A CA  1 
ATOM   427  C  C   . ARG A 1 52  ? -8.202  12.633  -4.052  1.00 10.31 ? 130  ARG A C   1 
ATOM   428  O  O   . ARG A 1 52  ? -9.023  13.208  -4.775  1.00 7.98  ? 130  ARG A O   1 
ATOM   429  C  CB  . ARG A 1 52  ? -6.553  11.331  -5.391  1.00 11.98 ? 130  ARG A CB  1 
ATOM   430  C  CG  . ARG A 1 52  ? -5.416  12.204  -4.925  1.00 12.70 ? 130  ARG A CG  1 
ATOM   431  C  CD  . ARG A 1 52  ? -4.352  12.262  -5.985  1.00 16.81 ? 130  ARG A CD  1 
ATOM   432  N  NE  . ARG A 1 52  ? -3.233  13.076  -5.545  1.00 21.32 ? 130  ARG A NE  1 
ATOM   433  C  CZ  . ARG A 1 52  ? -2.454  13.775  -6.359  1.00 26.22 ? 130  ARG A CZ  1 
ATOM   434  N  NH1 . ARG A 1 52  ? -2.664  13.748  -7.670  1.00 25.82 ? 130  ARG A NH1 1 
ATOM   435  N  NH2 . ARG A 1 52  ? -1.507  14.559  -5.851  1.00 25.46 ? 130  ARG A NH2 1 
ATOM   436  N  N   . ILE A 1 53  ? -7.768  13.137  -2.906  1.00 9.13  ? 131  ILE A N   1 
ATOM   437  C  CA  . ILE A 1 53  ? -8.100  14.494  -2.509  1.00 10.76 ? 131  ILE A CA  1 
ATOM   438  C  C   . ILE A 1 53  ? -6.741  15.197  -2.329  1.00 11.87 ? 131  ILE A C   1 
ATOM   439  O  O   . ILE A 1 53  ? -5.750  14.546  -1.999  1.00 10.10 ? 131  ILE A O   1 
ATOM   440  C  CB  . ILE A 1 53  ? -8.988  14.568  -1.235  1.00 12.39 ? 131  ILE A CB  1 
ATOM   441  C  CG1 . ILE A 1 53  ? -8.249  14.046  -0.005  1.00 13.06 ? 131  ILE A CG1 1 
ATOM   442  C  CG2 . ILE A 1 53  ? -10.301 13.809  -1.455  1.00 12.75 ? 131  ILE A CG2 1 
ATOM   443  C  CD1 . ILE A 1 53  ? -9.025  14.227  1.284   1.00 14.03 ? 131  ILE A CD1 1 
ATOM   444  N  N   . SER A 1 54  ? -6.677  16.497  -2.614  1.00 11.33 ? 132  SER A N   1 
ATOM   445  C  CA  . SER A 1 54  ? -5.422  17.249  -2.527  1.00 13.56 ? 132  SER A CA  1 
ATOM   446  C  C   . SER A 1 54  ? -5.057  17.804  -1.151  1.00 15.03 ? 132  SER A C   1 
ATOM   447  O  O   . SER A 1 54  ? -3.887  18.061  -0.869  1.00 14.32 ? 132  SER A O   1 
ATOM   448  C  CB  . SER A 1 54  ? -5.426  18.394  -3.538  1.00 12.50 ? 132  SER A CB  1 
ATOM   449  O  OG  . SER A 1 54  ? -5.768  17.907  -4.824  1.00 13.26 ? 132  SER A OG  1 
ATOM   450  N  N   . GLN A 1 55  ? -6.071  18.045  -0.334  1.00 14.96 ? 133  GLN A N   1 
ATOM   451  C  CA  . GLN A 1 55  ? -5.903  18.573  1.011   1.00 16.93 ? 133  GLN A CA  1 
ATOM   452  C  C   . GLN A 1 55  ? -7.057  17.983  1.791   1.00 16.57 ? 133  GLN A C   1 
ATOM   453  O  O   . GLN A 1 55  ? -7.989  17.411  1.215   1.00 17.79 ? 133  GLN A O   1 
ATOM   454  C  CB  . GLN A 1 55  ? -6.058  20.106  1.033   1.00 17.52 ? 133  GLN A CB  1 
ATOM   455  C  CG  . GLN A 1 55  ? -5.076  20.904  0.192   1.00 22.00 ? 133  GLN A CG  1 
ATOM   456  C  CD  . GLN A 1 55  ? -3.642  20.802  0.686   1.00 25.64 ? 133  GLN A CD  1 
ATOM   457  O  OE1 . GLN A 1 55  ? -3.393  20.701  1.887   1.00 27.33 ? 133  GLN A OE1 1 
ATOM   458  N  NE2 . GLN A 1 55  ? -2.695  20.795  -0.244  1.00 23.93 ? 133  GLN A NE2 1 
ATOM   459  N  N   . GLY A 1 56  ? -7.012  18.134  3.100   1.00 17.36 ? 134  GLY A N   1 
ATOM   460  C  CA  . GLY A 1 56  ? -8.099  17.623  3.900   1.00 18.28 ? 134  GLY A CA  1 
ATOM   461  C  C   . GLY A 1 56  ? -7.894  16.238  4.472   1.00 19.11 ? 134  GLY A C   1 
ATOM   462  O  O   . GLY A 1 56  ? -6.823  15.642  4.384   1.00 18.03 ? 134  GLY A O   1 
ATOM   463  N  N   . GLU A 1 57  ? -8.967  15.751  5.076   1.00 19.24 ? 135  GLU A N   1 
ATOM   464  C  CA  . GLU A 1 57  ? -8.987  14.456  5.714   1.00 20.89 ? 135  GLU A CA  1 
ATOM   465  C  C   . GLU A 1 57  ? -9.408  13.362  4.760   1.00 19.16 ? 135  GLU A C   1 
ATOM   466  O  O   . GLU A 1 57  ? -10.564 13.323  4.326   1.00 20.26 ? 135  GLU A O   1 
ATOM   467  C  CB  . GLU A 1 57  ? -9.964  14.475  6.898   1.00 26.56 ? 135  GLU A CB  1 
ATOM   468  C  CG  . GLU A 1 57  ? -9.605  15.477  7.983   1.00 38.26 ? 135  GLU A CG  1 
ATOM   469  C  CD  . GLU A 1 57  ? -8.161  15.334  8.449   1.00 49.62 ? 135  GLU A CD  1 
ATOM   470  O  OE1 . GLU A 1 57  ? -7.727  14.189  8.728   1.00 52.81 ? 135  GLU A OE1 1 
ATOM   471  O  OE2 . GLU A 1 57  ? -7.457  16.369  8.531   1.00 55.35 ? 135  GLU A OE2 1 
ATOM   472  N  N   . ALA A 1 58  ? -8.499  12.438  4.490   1.00 16.38 ? 136  ALA A N   1 
ATOM   473  C  CA  . ALA A 1 58  ? -8.786  11.317  3.612   1.00 12.93 ? 136  ALA A CA  1 
ATOM   474  C  C   . ALA A 1 58  ? -8.843  10.048  4.461   1.00 11.83 ? 136  ALA A C   1 
ATOM   475  O  O   . ALA A 1 58  ? -8.393  10.043  5.612   1.00 9.52  ? 136  ALA A O   1 
ATOM   476  C  CB  . ALA A 1 58  ? -7.711  11.203  2.549   1.00 13.12 ? 136  ALA A CB  1 
ATOM   477  N  N   . ASP A 1 59  ? -9.431  8.981   3.925   1.00 9.08  ? 137  ASP A N   1 
ATOM   478  C  CA  . ASP A 1 59  ? -9.501  7.730   4.681   1.00 9.93  ? 137  ASP A CA  1 
ATOM   479  C  C   . ASP A 1 59  ? -8.085  7.162   4.806   1.00 9.08  ? 137  ASP A C   1 
ATOM   480  O  O   . ASP A 1 59  ? -7.667  6.734   5.893   1.00 8.43  ? 137  ASP A O   1 
ATOM   481  C  CB  . ASP A 1 59  ? -10.405 6.702   3.982   1.00 9.03  ? 137  ASP A CB  1 
ATOM   482  C  CG  . ASP A 1 59  ? -11.856 7.143   3.929   1.00 10.39 ? 137  ASP A CG  1 
ATOM   483  O  OD1 . ASP A 1 59  ? -12.416 7.490   4.984   1.00 10.42 ? 137  ASP A OD1 1 
ATOM   484  O  OD2 . ASP A 1 59  ? -12.438 7.131   2.828   1.00 8.17  ? 137  ASP A OD2 1 
ATOM   485  N  N   . ILE A 1 60  ? -7.333  7.232   3.715   1.00 7.21  ? 138  ILE A N   1 
ATOM   486  C  CA  . ILE A 1 60  ? -5.979  6.708   3.690   1.00 7.90  ? 138  ILE A CA  1 
ATOM   487  C  C   . ILE A 1 60  ? -4.928  7.790   3.435   1.00 7.55  ? 138  ILE A C   1 
ATOM   488  O  O   . ILE A 1 60  ? -4.839  8.363   2.334   1.00 6.26  ? 138  ILE A O   1 
ATOM   489  C  CB  . ILE A 1 60  ? -5.842  5.568   2.616   1.00 9.26  ? 138  ILE A CB  1 
ATOM   490  C  CG1 . ILE A 1 60  ? -6.782  4.405   2.973   1.00 9.65  ? 138  ILE A CG1 1 
ATOM   491  C  CG2 . ILE A 1 60  ? -4.367  5.107   2.490   1.00 7.40  ? 138  ILE A CG2 1 
ATOM   492  C  CD1 . ILE A 1 60  ? -6.976  3.373   1.845   1.00 10.94 ? 138  ILE A CD1 1 
ATOM   493  N  N   . ASN A 1 61  ? -4.159  8.102   4.473   1.00 6.64  ? 139  ASN A N   1 
ATOM   494  C  CA  . ASN A 1 61  ? -3.089  9.082   4.330   1.00 7.26  ? 139  ASN A CA  1 
ATOM   495  C  C   . ASN A 1 61  ? -1.876  8.311   3.852   1.00 7.09  ? 139  ASN A C   1 
ATOM   496  O  O   . ASN A 1 61  ? -1.623  7.192   4.325   1.00 7.47  ? 139  ASN A O   1 
ATOM   497  C  CB  . ASN A 1 61  ? -2.725  9.717   5.674   1.00 9.19  ? 139  ASN A CB  1 
ATOM   498  C  CG  . ASN A 1 61  ? -3.694  10.778  6.086   1.00 11.72 ? 139  ASN A CG  1 
ATOM   499  O  OD1 . ASN A 1 61  ? -3.812  11.814  5.432   1.00 9.81  ? 139  ASN A OD1 1 
ATOM   500  N  ND2 . ASN A 1 61  ? -4.380  10.546  7.196   1.00 10.87 ? 139  ASN A ND2 1 
ATOM   501  N  N   . ILE A 1 62  ? -1.116  8.923   2.961   1.00 4.64  ? 140  ILE A N   1 
ATOM   502  C  CA  . ILE A 1 62  ? 0.091   8.329   2.430   1.00 6.93  ? 140  ILE A CA  1 
ATOM   503  C  C   . ILE A 1 62  ? 1.228   9.352   2.620   1.00 6.89  ? 140  ILE A C   1 
ATOM   504  O  O   . ILE A 1 62  ? 1.093   10.516  2.225   1.00 4.72  ? 140  ILE A O   1 
ATOM   505  C  CB  . ILE A 1 62  ? -0.075  7.993   0.938   1.00 9.81  ? 140  ILE A CB  1 
ATOM   506  C  CG1 . ILE A 1 62  ? -1.055  6.814   0.777   1.00 11.09 ? 140  ILE A CG1 1 
ATOM   507  C  CG2 . ILE A 1 62  ? 1.291   7.684   0.301   1.00 9.55  ? 140  ILE A CG2 1 
ATOM   508  C  CD1 . ILE A 1 62  ? -1.989  6.963   -0.369  1.00 10.95 ? 140  ILE A CD1 1 
ATOM   509  N  N   . ALA A 1 63  ? 2.347   8.912   3.193   1.00 5.52  ? 141  ALA A N   1 
ATOM   510  C  CA  . ALA A 1 63  ? 3.477   9.809   3.409   1.00 6.57  ? 141  ALA A CA  1 
ATOM   511  C  C   . ALA A 1 63  ? 4.840   9.110   3.534   1.00 6.39  ? 141  ALA A C   1 
ATOM   512  O  O   . ALA A 1 63  ? 4.921   7.911   3.851   1.00 4.97  ? 141  ALA A O   1 
ATOM   513  C  CB  . ALA A 1 63  ? 3.213   10.664  4.664   1.00 6.77  ? 141  ALA A CB  1 
ATOM   514  N  N   . PHE A 1 64  ? 5.891   9.874   3.253   1.00 5.49  ? 142  PHE A N   1 
ATOM   515  C  CA  . PHE A 1 64  ? 7.279   9.430   3.359   1.00 6.12  ? 142  PHE A CA  1 
ATOM   516  C  C   . PHE A 1 64  ? 7.855   10.044  4.645   1.00 7.77  ? 142  PHE A C   1 
ATOM   517  O  O   . PHE A 1 64  ? 7.841   11.282  4.819   1.00 6.84  ? 142  PHE A O   1 
ATOM   518  C  CB  . PHE A 1 64  ? 8.088   9.921   2.156   1.00 6.55  ? 142  PHE A CB  1 
ATOM   519  C  CG  . PHE A 1 64  ? 7.653   9.310   0.844   1.00 8.57  ? 142  PHE A CG  1 
ATOM   520  C  CD1 . PHE A 1 64  ? 6.566   9.836   0.147   1.00 10.32 ? 142  PHE A CD1 1 
ATOM   521  C  CD2 . PHE A 1 64  ? 8.317   8.204   0.321   1.00 8.32  ? 142  PHE A CD2 1 
ATOM   522  C  CE1 . PHE A 1 64  ? 6.141   9.265   -1.055  1.00 12.81 ? 142  PHE A CE1 1 
ATOM   523  C  CE2 . PHE A 1 64  ? 7.903   7.624   -0.883  1.00 12.01 ? 142  PHE A CE2 1 
ATOM   524  C  CZ  . PHE A 1 64  ? 6.814   8.157   -1.571  1.00 12.29 ? 142  PHE A CZ  1 
ATOM   525  N  N   . TYR A 1 65  ? 8.286   9.183   5.565   1.00 6.68  ? 143  TYR A N   1 
ATOM   526  C  CA  . TYR A 1 65  ? 8.852   9.634   6.831   1.00 7.26  ? 143  TYR A CA  1 
ATOM   527  C  C   . TYR A 1 65  ? 10.153  8.920   7.148   1.00 8.03  ? 143  TYR A C   1 
ATOM   528  O  O   . TYR A 1 65  ? 10.393  7.789   6.707   1.00 5.76  ? 143  TYR A O   1 
ATOM   529  C  CB  . TYR A 1 65  ? 7.887   9.396   7.979   1.00 7.31  ? 143  TYR A CB  1 
ATOM   530  C  CG  . TYR A 1 65  ? 6.582   10.149  7.884   1.00 8.81  ? 143  TYR A CG  1 
ATOM   531  C  CD1 . TYR A 1 65  ? 6.543   11.525  7.593   1.00 5.91  ? 143  TYR A CD1 1 
ATOM   532  C  CD2 . TYR A 1 65  ? 5.386   9.486   8.116   1.00 8.43  ? 143  TYR A CD2 1 
ATOM   533  C  CE1 . TYR A 1 65  ? 5.317   12.206  7.540   1.00 6.55  ? 143  TYR A CE1 1 
ATOM   534  C  CE2 . TYR A 1 65  ? 4.168   10.141  8.063   1.00 6.79  ? 143  TYR A CE2 1 
ATOM   535  C  CZ  . TYR A 1 65  ? 4.133   11.487  7.776   1.00 7.55  ? 143  TYR A CZ  1 
ATOM   536  O  OH  . TYR A 1 65  ? 2.877   12.049  7.718   1.00 4.81  ? 143  TYR A OH  1 
ATOM   537  N  N   . GLN A 1 66  ? 10.936  9.563   8.001   1.00 6.81  ? 144  GLN A N   1 
ATOM   538  C  CA  . GLN A 1 66  ? 12.236  9.075   8.423   1.00 9.14  ? 144  GLN A CA  1 
ATOM   539  C  C   . GLN A 1 66  ? 12.200  8.747   9.919   1.00 7.75  ? 144  GLN A C   1 
ATOM   540  O  O   . GLN A 1 66  ? 11.589  9.479   10.701  1.00 7.38  ? 144  GLN A O   1 
ATOM   541  C  CB  . GLN A 1 66  ? 13.256  10.193  8.150   1.00 11.93 ? 144  GLN A CB  1 
ATOM   542  C  CG  . GLN A 1 66  ? 14.679  9.917   8.555   1.00 18.78 ? 144  GLN A CG  1 
ATOM   543  C  CD  . GLN A 1 66  ? 15.651  10.873  7.880   1.00 20.90 ? 144  GLN A CD  1 
ATOM   544  O  OE1 . GLN A 1 66  ? 16.244  11.737  8.527   1.00 20.20 ? 144  GLN A OE1 1 
ATOM   545  N  NE2 . GLN A 1 66  ? 15.803  10.732  6.567   1.00 16.44 ? 144  GLN A NE2 1 
ATOM   546  N  N   . ARG A 1 67  ? 12.855  7.646   10.296  1.00 6.41  ? 145  ARG A N   1 
ATOM   547  C  CA  . ARG A 1 67  ? 12.973  7.216   11.693  1.00 6.85  ? 145  ARG A CA  1 
ATOM   548  C  C   . ARG A 1 67  ? 11.685  7.427   12.524  1.00 7.41  ? 145  ARG A C   1 
ATOM   549  O  O   . ARG A 1 67  ? 10.618  6.909   12.161  1.00 5.53  ? 145  ARG A O   1 
ATOM   550  C  CB  . ARG A 1 67  ? 14.182  7.932   12.343  1.00 8.69  ? 145  ARG A CB  1 
ATOM   551  C  CG  . ARG A 1 67  ? 15.472  7.865   11.520  1.00 10.59 ? 145  ARG A CG  1 
ATOM   552  C  CD  . ARG A 1 67  ? 15.996  6.429   11.405  1.00 17.46 ? 145  ARG A CD  1 
ATOM   553  N  NE  . ARG A 1 67  ? 17.190  6.358   10.562  1.00 21.82 ? 145  ARG A NE  1 
ATOM   554  C  CZ  . ARG A 1 67  ? 18.295  5.676   10.855  1.00 23.91 ? 145  ARG A CZ  1 
ATOM   555  N  NH1 . ARG A 1 67  ? 18.381  5.000   11.993  1.00 22.86 ? 145  ARG A NH1 1 
ATOM   556  N  NH2 . ARG A 1 67  ? 19.298  5.641   9.980   1.00 23.97 ? 145  ARG A NH2 1 
ATOM   557  N  N   . ASP A 1 68  ? 11.782  8.144   13.653  1.00 5.67  ? 146  ASP A N   1 
ATOM   558  C  CA  . ASP A 1 68  ? 10.612  8.402   14.489  1.00 6.70  ? 146  ASP A CA  1 
ATOM   559  C  C   . ASP A 1 68  ? 9.674   9.326   13.715  1.00 5.01  ? 146  ASP A C   1 
ATOM   560  O  O   . ASP A 1 68  ? 10.127  10.328  13.178  1.00 4.44  ? 146  ASP A O   1 
ATOM   561  C  CB  . ASP A 1 68  ? 11.006  9.099   15.801  1.00 8.38  ? 146  ASP A CB  1 
ATOM   562  C  CG  . ASP A 1 68  ? 11.808  8.205   16.729  1.00 13.03 ? 146  ASP A CG  1 
ATOM   563  O  OD1 . ASP A 1 68  ? 11.468  7.013   16.893  1.00 12.28 ? 146  ASP A OD1 1 
ATOM   564  O  OD2 . ASP A 1 68  ? 12.787  8.713   17.298  1.00 11.80 ? 146  ASP A OD2 1 
ATOM   565  N  N   . HIS A 1 69  ? 8.390   8.986   13.649  1.00 4.09  ? 147  HIS A N   1 
ATOM   566  C  CA  . HIS A 1 69  ? 7.436   9.819   12.927  1.00 5.67  ? 147  HIS A CA  1 
ATOM   567  C  C   . HIS A 1 69  ? 6.061   9.834   13.540  1.00 6.50  ? 147  HIS A C   1 
ATOM   568  O  O   . HIS A 1 69  ? 5.064   9.876   12.828  1.00 6.40  ? 147  HIS A O   1 
ATOM   569  C  CB  . HIS A 1 69  ? 7.356   9.460   11.450  1.00 8.13  ? 147  HIS A CB  1 
ATOM   570  C  CG  . HIS A 1 69  ? 7.141   8.004   11.193  1.00 7.57  ? 147  HIS A CG  1 
ATOM   571  N  ND1 . HIS A 1 69  ? 8.186   7.111   11.197  1.00 5.52  ? 147  HIS A ND1 1 
ATOM   572  C  CD2 . HIS A 1 69  ? 6.025   7.273   10.948  1.00 9.68  ? 147  HIS A CD2 1 
ATOM   573  C  CE1 . HIS A 1 69  ? 7.731   5.895   10.974  1.00 12.06 ? 147  HIS A CE1 1 
ATOM   574  N  NE2 . HIS A 1 69  ? 6.419   5.961   10.815  1.00 6.72  ? 147  HIS A NE2 1 
ATOM   575  N  N   . GLY A 1 70  ? 6.019   9.763   14.865  1.00 5.97  ? 148  GLY A N   1 
ATOM   576  C  CA  . GLY A 1 70  ? 4.769   9.850   15.591  1.00 8.59  ? 148  GLY A CA  1 
ATOM   577  C  C   . GLY A 1 70  ? 3.840   8.672   15.757  1.00 10.76 ? 148  GLY A C   1 
ATOM   578  O  O   . GLY A 1 70  ? 2.724   8.863   16.234  1.00 11.27 ? 148  GLY A O   1 
ATOM   579  N  N   . ASP A 1 71  ? 4.264   7.461   15.421  1.00 10.57 ? 149  ASP A N   1 
ATOM   580  C  CA  . ASP A 1 71  ? 3.350   6.345   15.598  1.00 14.19 ? 149  ASP A CA  1 
ATOM   581  C  C   . ASP A 1 71  ? 3.873   5.163   16.377  1.00 15.51 ? 149  ASP A C   1 
ATOM   582  O  O   . ASP A 1 71  ? 3.229   4.113   16.416  1.00 16.89 ? 149  ASP A O   1 
ATOM   583  C  CB  . ASP A 1 71  ? 2.766   5.880   14.260  1.00 12.75 ? 149  ASP A CB  1 
ATOM   584  C  CG  . ASP A 1 71  ? 3.809   5.319   13.309  1.00 10.44 ? 149  ASP A CG  1 
ATOM   585  O  OD1 . ASP A 1 71  ? 4.979   5.088   13.701  1.00 6.90  ? 149  ASP A OD1 1 
ATOM   586  O  OD2 . ASP A 1 71  ? 3.446   5.108   12.133  1.00 7.31  ? 149  ASP A OD2 1 
ATOM   587  N  N   . ASN A 1 72  ? 5.030   5.323   16.999  1.00 15.84 ? 150  ASN A N   1 
ATOM   588  C  CA  . ASN A 1 72  ? 5.601   4.239   17.787  1.00 18.65 ? 150  ASN A CA  1 
ATOM   589  C  C   . ASN A 1 72  ? 6.065   3.010   16.988  1.00 17.31 ? 150  ASN A C   1 
ATOM   590  O  O   . ASN A 1 72  ? 6.204   1.913   17.533  1.00 17.13 ? 150  ASN A O   1 
ATOM   591  C  CB  . ASN A 1 72  ? 4.647   3.832   18.925  1.00 24.53 ? 150  ASN A CB  1 
ATOM   592  C  CG  . ASN A 1 72  ? 5.393   3.386   20.192  1.00 29.53 ? 150  ASN A CG  1 
ATOM   593  O  OD1 . ASN A 1 72  ? 6.490   3.872   20.506  1.00 30.42 ? 150  ASN A OD1 1 
ATOM   594  N  ND2 . ASN A 1 72  ? 4.793   2.464   20.925  1.00 34.93 ? 150  ASN A ND2 1 
ATOM   595  N  N   . SER A 1 73  ? 6.328   3.225   15.700  1.00 15.76 ? 151  SER A N   1 
ATOM   596  C  CA  . SER A 1 73  ? 6.861   2.204   14.793  1.00 14.45 ? 151  SER A CA  1 
ATOM   597  C  C   . SER A 1 73  ? 7.888   2.944   13.932  1.00 12.65 ? 151  SER A C   1 
ATOM   598  O  O   . SER A 1 73  ? 7.676   3.209   12.728  1.00 12.04 ? 151  SER A O   1 
ATOM   599  C  CB  . SER A 1 73  ? 5.774   1.579   13.920  1.00 16.35 ? 151  SER A CB  1 
ATOM   600  O  OG  . SER A 1 73  ? 5.142   0.519   14.597  1.00 21.67 ? 151  SER A OG  1 
ATOM   601  N  N   . PRO A 1 74  ? 9.001   3.338   14.555  1.00 11.03 ? 152  PRO A N   1 
ATOM   602  C  CA  . PRO A 1 74  ? 10.039  4.061   13.836  1.00 10.39 ? 152  PRO A CA  1 
ATOM   603  C  C   . PRO A 1 74  ? 10.656  3.304   12.684  1.00 9.15  ? 152  PRO A C   1 
ATOM   604  O  O   . PRO A 1 74  ? 10.844  2.080   12.763  1.00 9.84  ? 152  PRO A O   1 
ATOM   605  C  CB  . PRO A 1 74  ? 11.079  4.354   14.931  1.00 11.58 ? 152  PRO A CB  1 
ATOM   606  C  CG  . PRO A 1 74  ? 10.930  3.177   15.857  1.00 12.28 ? 152  PRO A CG  1 
ATOM   607  C  CD  . PRO A 1 74  ? 9.436   2.998   15.929  1.00 12.29 ? 152  PRO A CD  1 
ATOM   608  N  N   . PHE A 1 75  ? 10.951  4.032   11.615  1.00 7.42  ? 153  PHE A N   1 
ATOM   609  C  CA  . PHE A 1 75  ? 11.620  3.442   10.473  1.00 8.37  ? 153  PHE A CA  1 
ATOM   610  C  C   . PHE A 1 75  ? 13.083  3.236   10.882  1.00 9.17  ? 153  PHE A C   1 
ATOM   611  O  O   . PHE A 1 75  ? 13.515  3.744   11.923  1.00 6.44  ? 153  PHE A O   1 
ATOM   612  C  CB  . PHE A 1 75  ? 11.429  4.271   9.201   1.00 8.35  ? 153  PHE A CB  1 
ATOM   613  C  CG  . PHE A 1 75  ? 10.108  4.006   8.527   1.00 10.40 ? 153  PHE A CG  1 
ATOM   614  C  CD1 . PHE A 1 75  ? 9.673   2.693   8.343   1.00 9.84  ? 153  PHE A CD1 1 
ATOM   615  C  CD2 . PHE A 1 75  ? 9.279   5.051   8.127   1.00 8.27  ? 153  PHE A CD2 1 
ATOM   616  C  CE1 . PHE A 1 75  ? 8.426   2.420   7.775   1.00 11.31 ? 153  PHE A CE1 1 
ATOM   617  C  CE2 . PHE A 1 75  ? 8.027   4.792   7.557   1.00 8.68  ? 153  PHE A CE2 1 
ATOM   618  C  CZ  . PHE A 1 75  ? 7.600   3.478   7.381   1.00 11.97 ? 153  PHE A CZ  1 
ATOM   619  N  N   . ASP A 1 76  ? 13.841  2.547   10.042  1.00 7.29  ? 154  ASP A N   1 
ATOM   620  C  CA  . ASP A 1 76  ? 15.204  2.156   10.393  1.00 8.96  ? 154  ASP A CA  1 
ATOM   621  C  C   . ASP A 1 76  ? 16.332  2.522   9.455   1.00 9.22  ? 154  ASP A C   1 
ATOM   622  O  O   . ASP A 1 76  ? 17.367  1.855   9.466   1.00 9.63  ? 154  ASP A O   1 
ATOM   623  C  CB  . ASP A 1 76  ? 15.195  0.625   10.577  1.00 9.51  ? 154  ASP A CB  1 
ATOM   624  C  CG  . ASP A 1 76  ? 14.720  -0.127  9.309   1.00 9.27  ? 154  ASP A CG  1 
ATOM   625  O  OD1 . ASP A 1 76  ? 14.394  0.528   8.299   1.00 4.84  ? 154  ASP A OD1 1 
ATOM   626  O  OD2 . ASP A 1 76  ? 14.686  -1.372  9.324   1.00 6.97  ? 154  ASP A OD2 1 
ATOM   627  N  N   . GLY A 1 77  ? 16.145  3.540   8.622   1.00 9.15  ? 155  GLY A N   1 
ATOM   628  C  CA  . GLY A 1 77  ? 17.194  3.913   7.686   1.00 9.15  ? 155  GLY A CA  1 
ATOM   629  C  C   . GLY A 1 77  ? 17.188  3.094   6.409   1.00 9.38  ? 155  GLY A C   1 
ATOM   630  O  O   . GLY A 1 77  ? 16.245  2.327   6.170   1.00 8.76  ? 155  GLY A O   1 
ATOM   631  N  N   . PRO A 1 78  ? 18.210  3.240   5.554   1.00 9.94  ? 156  PRO A N   1 
ATOM   632  C  CA  . PRO A 1 78  ? 18.252  2.474   4.301   1.00 10.94 ? 156  PRO A CA  1 
ATOM   633  C  C   . PRO A 1 78  ? 18.068  0.960   4.496   1.00 11.40 ? 156  PRO A C   1 
ATOM   634  O  O   . PRO A 1 78  ? 18.548  0.379   5.470   1.00 8.91  ? 156  PRO A O   1 
ATOM   635  C  CB  . PRO A 1 78  ? 19.626  2.837   3.725   1.00 11.32 ? 156  PRO A CB  1 
ATOM   636  C  CG  . PRO A 1 78  ? 19.835  4.248   4.233   1.00 12.21 ? 156  PRO A CG  1 
ATOM   637  C  CD  . PRO A 1 78  ? 19.360  4.152   5.662   1.00 10.54 ? 156  PRO A CD  1 
ATOM   638  N  N   . ASN A 1 79  ? 17.308  0.356   3.579   1.00 10.09 ? 157  ASN A N   1 
ATOM   639  C  CA  . ASN A 1 79  ? 17.008  -1.069  3.597   1.00 9.27  ? 157  ASN A CA  1 
ATOM   640  C  C   . ASN A 1 79  ? 16.226  -1.504  4.834   1.00 9.27  ? 157  ASN A C   1 
ATOM   641  O  O   . ASN A 1 79  ? 15.612  -0.659  5.512   1.00 7.31  ? 157  ASN A O   1 
ATOM   642  C  CB  . ASN A 1 79  ? 18.291  -1.874  3.376   1.00 11.21 ? 157  ASN A CB  1 
ATOM   643  C  CG  . ASN A 1 79  ? 18.990  -1.479  2.088   1.00 12.75 ? 157  ASN A CG  1 
ATOM   644  O  OD1 . ASN A 1 79  ? 18.407  -1.537  1.003   1.00 9.30  ? 157  ASN A OD1 1 
ATOM   645  N  ND2 . ASN A 1 79  ? 20.240  -1.043  2.203   1.00 15.37 ? 157  ASN A ND2 1 
ATOM   646  N  N   . GLY A 1 80  ? 16.184  -2.801  5.112   1.00 6.98  ? 158  GLY A N   1 
ATOM   647  C  CA  . GLY A 1 80  ? 15.411  -3.275  6.248   1.00 7.97  ? 158  GLY A CA  1 
ATOM   648  C  C   . GLY A 1 80  ? 13.938  -3.001  5.983   1.00 7.75  ? 158  GLY A C   1 
ATOM   649  O  O   . GLY A 1 80  ? 13.469  -3.219  4.875   1.00 6.56  ? 158  GLY A O   1 
ATOM   650  N  N   . ILE A 1 81  ? 13.219  -2.472  6.969   1.00 7.52  ? 159  ILE A N   1 
ATOM   651  C  CA  . ILE A 1 81  ? 11.801  -2.158  6.776   1.00 7.69  ? 159  ILE A CA  1 
ATOM   652  C  C   . ILE A 1 81  ? 11.668  -1.032  5.732   1.00 7.73  ? 159  ILE A C   1 
ATOM   653  O  O   . ILE A 1 81  ? 12.349  0.004   5.811   1.00 6.27  ? 159  ILE A O   1 
ATOM   654  C  CB  . ILE A 1 81  ? 11.108  -1.772  8.117   1.00 11.35 ? 159  ILE A CB  1 
ATOM   655  C  CG1 . ILE A 1 81  ? 11.205  -2.932  9.127   1.00 10.80 ? 159  ILE A CG1 1 
ATOM   656  C  CG2 . ILE A 1 81  ? 9.640   -1.335  7.876   1.00 9.89  ? 159  ILE A CG2 1 
ATOM   657  C  CD1 . ILE A 1 81  ? 10.658  -4.279  8.638   1.00 14.77 ? 159  ILE A CD1 1 
ATOM   658  N  N   . LEU A 1 82  ? 10.819  -1.252  4.732   1.00 5.99  ? 160  LEU A N   1 
ATOM   659  C  CA  . LEU A 1 82  ? 10.633  -0.286  3.658   1.00 6.48  ? 160  LEU A CA  1 
ATOM   660  C  C   . LEU A 1 82  ? 9.422   0.616   3.849   1.00 6.07  ? 160  LEU A C   1 
ATOM   661  O  O   . LEU A 1 82  ? 9.419   1.758   3.391   1.00 4.26  ? 160  LEU A O   1 
ATOM   662  C  CB  . LEU A 1 82  ? 10.443  -1.032  2.337   1.00 9.51  ? 160  LEU A CB  1 
ATOM   663  C  CG  . LEU A 1 82  ? 11.457  -2.127  2.044   1.00 10.38 ? 160  LEU A CG  1 
ATOM   664  C  CD1 . LEU A 1 82  ? 11.035  -2.899  0.789   1.00 8.40  ? 160  LEU A CD1 1 
ATOM   665  C  CD2 . LEU A 1 82  ? 12.828  -1.463  1.890   1.00 7.54  ? 160  LEU A CD2 1 
ATOM   666  N  N   . ALA A 1 83  ? 8.388   0.063   4.470   1.00 5.55  ? 161  ALA A N   1 
ATOM   667  C  CA  . ALA A 1 83  ? 7.138   0.776   4.675   1.00 6.44  ? 161  ALA A CA  1 
ATOM   668  C  C   . ALA A 1 83  ? 6.257   -0.033  5.603   1.00 6.48  ? 161  ALA A C   1 
ATOM   669  O  O   . ALA A 1 83  ? 6.614   -1.148  6.000   1.00 5.96  ? 161  ALA A O   1 
ATOM   670  C  CB  . ALA A 1 83  ? 6.429   0.939   3.310   1.00 5.90  ? 161  ALA A CB  1 
ATOM   671  N  N   . HIS A 1 84  ? 5.145   0.574   6.017   1.00 5.19  ? 162  HIS A N   1 
ATOM   672  C  CA  . HIS A 1 84  ? 4.139   -0.088  6.834   1.00 4.71  ? 162  HIS A CA  1 
ATOM   673  C  C   . HIS A 1 84  ? 2.786   0.593   6.701   1.00 5.59  ? 162  HIS A C   1 
ATOM   674  O  O   . HIS A 1 84  ? 2.704   1.756   6.279   1.00 3.99  ? 162  HIS A O   1 
ATOM   675  C  CB  . HIS A 1 84  ? 4.545   -0.287  8.314   1.00 6.12  ? 162  HIS A CB  1 
ATOM   676  C  CG  . HIS A 1 84  ? 4.908   0.965   9.048   1.00 9.98  ? 162  HIS A CG  1 
ATOM   677  N  ND1 . HIS A 1 84  ? 6.068   1.055   9.784   1.00 7.13  ? 162  HIS A ND1 1 
ATOM   678  C  CD2 . HIS A 1 84  ? 4.227   2.111   9.287   1.00 11.24 ? 162  HIS A CD2 1 
ATOM   679  C  CE1 . HIS A 1 84  ? 6.091   2.188   10.451  1.00 11.03 ? 162  HIS A CE1 1 
ATOM   680  N  NE2 . HIS A 1 84  ? 4.973   2.847   10.185  1.00 10.66 ? 162  HIS A NE2 1 
ATOM   681  N  N   . ALA A 1 85  ? 1.732   -0.135  7.042   1.00 4.58  ? 163  ALA A N   1 
ATOM   682  C  CA  . ALA A 1 85  ? 0.387   0.403   6.929   1.00 5.88  ? 163  ALA A CA  1 
ATOM   683  C  C   . ALA A 1 85  ? -0.484  -0.097  8.064   1.00 7.23  ? 163  ALA A C   1 
ATOM   684  O  O   . ALA A 1 85  ? -0.183  -1.134  8.675   1.00 7.02  ? 163  ALA A O   1 
ATOM   685  C  CB  . ALA A 1 85  ? -0.209  0.014   5.574   1.00 7.75  ? 163  ALA A CB  1 
ATOM   686  N  N   . PHE A 1 86  ? -1.559  0.623   8.359   1.00 5.14  ? 164  PHE A N   1 
ATOM   687  C  CA  . PHE A 1 86  ? -2.438  0.238   9.444   1.00 7.00  ? 164  PHE A CA  1 
ATOM   688  C  C   . PHE A 1 86  ? -3.729  -0.381  8.919   1.00 6.41  ? 164  PHE A C   1 
ATOM   689  O  O   . PHE A 1 86  ? -4.215  0.006   7.859   1.00 6.19  ? 164  PHE A O   1 
ATOM   690  C  CB  . PHE A 1 86  ? -2.732  1.453   10.337  1.00 7.37  ? 164  PHE A CB  1 
ATOM   691  C  CG  . PHE A 1 86  ? -1.501  2.028   10.993  1.00 9.11  ? 164  PHE A CG  1 
ATOM   692  C  CD1 . PHE A 1 86  ? -0.577  2.766   10.252  1.00 9.01  ? 164  PHE A CD1 1 
ATOM   693  C  CD2 . PHE A 1 86  ? -1.256  1.805   12.343  1.00 12.91 ? 164  PHE A CD2 1 
ATOM   694  C  CE1 . PHE A 1 86  ? 0.574   3.263   10.840  1.00 14.27 ? 164  PHE A CE1 1 
ATOM   695  C  CE2 . PHE A 1 86  ? -0.097  2.299   12.951  1.00 14.91 ? 164  PHE A CE2 1 
ATOM   696  C  CZ  . PHE A 1 86  ? 0.816   3.030   12.198  1.00 14.86 ? 164  PHE A CZ  1 
ATOM   697  N  N   . GLN A 1 87  ? -4.247  -1.368  9.641   1.00 6.90  ? 165  GLN A N   1 
ATOM   698  C  CA  . GLN A 1 87  ? -5.479  -2.059  9.249   1.00 9.19  ? 165  GLN A CA  1 
ATOM   699  C  C   . GLN A 1 87  ? -6.649  -1.075  9.150   1.00 9.57  ? 165  GLN A C   1 
ATOM   700  O  O   . GLN A 1 87  ? -6.604  0.024   9.736   1.00 7.72  ? 165  GLN A O   1 
ATOM   701  C  CB  . GLN A 1 87  ? -5.821  -3.189  10.248  1.00 10.38 ? 165  GLN A CB  1 
ATOM   702  C  CG  . GLN A 1 87  ? -6.231  -2.723  11.661  1.00 15.38 ? 165  GLN A CG  1 
ATOM   703  C  CD  . GLN A 1 87  ? -6.377  -3.887  12.645  1.00 18.82 ? 165  GLN A CD  1 
ATOM   704  O  OE1 . GLN A 1 87  ? -7.330  -3.952  13.421  1.00 21.81 ? 165  GLN A OE1 1 
ATOM   705  N  NE2 . GLN A 1 87  ? -5.445  -4.824  12.590  1.00 17.54 ? 165  GLN A NE2 1 
ATOM   706  N  N   . PRO A 1 88  ? -7.696  -1.444  8.390   1.00 9.44  ? 166  PRO A N   1 
ATOM   707  C  CA  . PRO A 1 88  ? -8.872  -0.579  8.226   1.00 10.19 ? 166  PRO A CA  1 
ATOM   708  C  C   . PRO A 1 88  ? -9.401  -0.067  9.565   1.00 10.07 ? 166  PRO A C   1 
ATOM   709  O  O   . PRO A 1 88  ? -9.469  -0.815  10.557  1.00 8.13  ? 166  PRO A O   1 
ATOM   710  C  CB  . PRO A 1 88  ? -9.885  -1.511  7.556   1.00 9.96  ? 166  PRO A CB  1 
ATOM   711  C  CG  . PRO A 1 88  ? -9.008  -2.361  6.691   1.00 9.87  ? 166  PRO A CG  1 
ATOM   712  C  CD  . PRO A 1 88  ? -7.829  -2.675  7.583   1.00 8.28  ? 166  PRO A CD  1 
ATOM   713  N  N   . GLY A 1 89  ? -9.761  1.209   9.587   1.00 9.67  ? 167  GLY A N   1 
ATOM   714  C  CA  . GLY A 1 89  ? -10.282 1.795   10.799  1.00 10.12 ? 167  GLY A CA  1 
ATOM   715  C  C   . GLY A 1 89  ? -10.191 3.299   10.744  1.00 10.09 ? 167  GLY A C   1 
ATOM   716  O  O   . GLY A 1 89  ? -9.668  3.870   9.781   1.00 9.30  ? 167  GLY A O   1 
ATOM   717  N  N   . GLN A 1 90  ? -10.691 3.934   11.797  1.00 11.55 ? 168  GLN A N   1 
ATOM   718  C  CA  . GLN A 1 90  ? -10.682 5.388   11.896  1.00 13.03 ? 168  GLN A CA  1 
ATOM   719  C  C   . GLN A 1 90  ? -9.292  5.920   12.175  1.00 11.01 ? 168  GLN A C   1 
ATOM   720  O  O   . GLN A 1 90  ? -8.385  5.177   12.542  1.00 9.81  ? 168  GLN A O   1 
ATOM   721  C  CB  . GLN A 1 90  ? -11.631 5.856   13.002  1.00 16.88 ? 168  GLN A CB  1 
ATOM   722  C  CG  . GLN A 1 90  ? -13.114 5.601   12.711  1.00 31.20 ? 168  GLN A CG  1 
ATOM   723  C  CD  . GLN A 1 90  ? -14.020 5.989   13.879  1.00 39.03 ? 168  GLN A CD  1 
ATOM   724  O  OE1 . GLN A 1 90  ? -14.397 5.144   14.698  1.00 42.70 ? 168  GLN A OE1 1 
ATOM   725  N  NE2 . GLN A 1 90  ? -14.361 7.274   13.965  1.00 38.54 ? 168  GLN A NE2 1 
ATOM   726  N  N   . GLY A 1 91  ? -9.132  7.219   11.960  1.00 10.68 ? 169  GLY A N   1 
ATOM   727  C  CA  . GLY A 1 91  ? -7.862  7.866   12.210  1.00 11.13 ? 169  GLY A CA  1 
ATOM   728  C  C   . GLY A 1 91  ? -6.668  7.278   11.480  1.00 10.55 ? 169  GLY A C   1 
ATOM   729  O  O   . GLY A 1 91  ? -6.629  7.286   10.250  1.00 8.71  ? 169  GLY A O   1 
ATOM   730  N  N   . ILE A 1 92  ? -5.696  6.771   12.237  1.00 9.24  ? 170  ILE A N   1 
ATOM   731  C  CA  . ILE A 1 92  ? -4.475  6.194   11.665  1.00 10.31 ? 170  ILE A CA  1 
ATOM   732  C  C   . ILE A 1 92  ? -4.833  4.954   10.826  1.00 9.55  ? 170  ILE A C   1 
ATOM   733  O  O   . ILE A 1 92  ? -4.080  4.567   9.939   1.00 7.88  ? 170  ILE A O   1 
ATOM   734  C  CB  . ILE A 1 92  ? -3.436  5.829   12.797  1.00 11.22 ? 170  ILE A CB  1 
ATOM   735  C  CG1 . ILE A 1 92  ? -2.044  5.580   12.222  1.00 14.45 ? 170  ILE A CG1 1 
ATOM   736  C  CG2 . ILE A 1 92  ? -3.877  4.586   13.551  1.00 16.27 ? 170  ILE A CG2 1 
ATOM   737  C  CD1 . ILE A 1 92  ? -1.356  6.821   11.763  1.00 19.48 ? 170  ILE A CD1 1 
ATOM   738  N  N   . GLY A 1 93  ? -6.015  4.387   11.068  1.00 8.78  ? 171  GLY A N   1 
ATOM   739  C  CA  . GLY A 1 93  ? -6.464  3.222   10.325  1.00 8.23  ? 171  GLY A CA  1 
ATOM   740  C  C   . GLY A 1 93  ? -6.346  3.411   8.824   1.00 7.76  ? 171  GLY A C   1 
ATOM   741  O  O   . GLY A 1 93  ? -6.691  4.477   8.292   1.00 6.44  ? 171  GLY A O   1 
ATOM   742  N  N   . GLY A 1 94  ? -5.799  2.401   8.150   1.00 6.60  ? 172  GLY A N   1 
ATOM   743  C  CA  . GLY A 1 94  ? -5.629  2.454   6.707   1.00 6.38  ? 172  GLY A CA  1 
ATOM   744  C  C   . GLY A 1 94  ? -4.427  3.237   6.186   1.00 5.71  ? 172  GLY A C   1 
ATOM   745  O  O   . GLY A 1 94  ? -4.027  3.058   5.034   1.00 3.81  ? 172  GLY A O   1 
ATOM   746  N  N   . ASP A 1 95  ? -3.827  4.081   7.027   1.00 4.08  ? 173  ASP A N   1 
ATOM   747  C  CA  . ASP A 1 95  ? -2.706  4.907   6.588   1.00 5.36  ? 173  ASP A CA  1 
ATOM   748  C  C   . ASP A 1 95  ? -1.461  4.111   6.196   1.00 5.57  ? 173  ASP A C   1 
ATOM   749  O  O   . ASP A 1 95  ? -1.136  3.098   6.821   1.00 5.57  ? 173  ASP A O   1 
ATOM   750  C  CB  . ASP A 1 95  ? -2.354  5.958   7.651   1.00 5.65  ? 173  ASP A CB  1 
ATOM   751  C  CG  . ASP A 1 95  ? -3.488  6.986   7.882   1.00 11.63 ? 173  ASP A CG  1 
ATOM   752  O  OD1 . ASP A 1 95  ? -4.586  6.860   7.287   1.00 6.21  ? 173  ASP A OD1 1 
ATOM   753  O  OD2 . ASP A 1 95  ? -3.267  7.938   8.670   1.00 6.71  ? 173  ASP A OD2 1 
ATOM   754  N  N   . ALA A 1 96  ? -0.771  4.596   5.172   1.00 4.95  ? 174  ALA A N   1 
ATOM   755  C  CA  . ALA A 1 96  ? 0.436   3.957   4.655   1.00 6.75  ? 174  ALA A CA  1 
ATOM   756  C  C   . ALA A 1 96  ? 1.637   4.903   4.730   1.00 6.85  ? 174  ALA A C   1 
ATOM   757  O  O   . ALA A 1 96  ? 1.611   6.009   4.168   1.00 5.63  ? 174  ALA A O   1 
ATOM   758  C  CB  . ALA A 1 96  ? 0.210   3.506   3.188   1.00 7.98  ? 174  ALA A CB  1 
ATOM   759  N  N   . HIS A 1 97  ? 2.694   4.451   5.410   1.00 6.16  ? 175  HIS A N   1 
ATOM   760  C  CA  . HIS A 1 97  ? 3.919   5.234   5.572   1.00 6.33  ? 175  HIS A CA  1 
ATOM   761  C  C   . HIS A 1 97  ? 5.073   4.537   4.871   1.00 6.53  ? 175  HIS A C   1 
ATOM   762  O  O   . HIS A 1 97  ? 5.239   3.322   4.997   1.00 4.32  ? 175  HIS A O   1 
ATOM   763  C  CB  . HIS A 1 97  ? 4.252   5.390   7.060   1.00 8.85  ? 175  HIS A CB  1 
ATOM   764  C  CG  . HIS A 1 97  ? 3.160   6.039   7.853   1.00 8.37  ? 175  HIS A CG  1 
ATOM   765  N  ND1 . HIS A 1 97  ? 2.954   5.786   9.195   1.00 7.42  ? 175  HIS A ND1 1 
ATOM   766  C  CD2 . HIS A 1 97  ? 2.245   6.975   7.506   1.00 9.74  ? 175  HIS A CD2 1 
ATOM   767  C  CE1 . HIS A 1 97  ? 1.986   6.569   9.640   1.00 8.53  ? 175  HIS A CE1 1 
ATOM   768  N  NE2 . HIS A 1 97  ? 1.536   7.294   8.633   1.00 4.42  ? 175  HIS A NE2 1 
ATOM   769  N  N   . PHE A 1 98  ? 5.878   5.317   4.160   1.00 5.75  ? 176  PHE A N   1 
ATOM   770  C  CA  . PHE A 1 98  ? 7.020   4.791   3.437   1.00 6.91  ? 176  PHE A CA  1 
ATOM   771  C  C   . PHE A 1 98  ? 8.310   5.385   4.011   1.00 7.72  ? 176  PHE A C   1 
ATOM   772  O  O   . PHE A 1 98  ? 8.371   6.588   4.288   1.00 5.61  ? 176  PHE A O   1 
ATOM   773  C  CB  . PHE A 1 98  ? 6.882   5.141   1.955   1.00 7.25  ? 176  PHE A CB  1 
ATOM   774  C  CG  . PHE A 1 98  ? 5.659   4.539   1.319   1.00 10.05 ? 176  PHE A CG  1 
ATOM   775  C  CD1 . PHE A 1 98  ? 4.394   5.067   1.578   1.00 8.71  ? 176  PHE A CD1 1 
ATOM   776  C  CD2 . PHE A 1 98  ? 5.766   3.401   0.520   1.00 9.88  ? 176  PHE A CD2 1 
ATOM   777  C  CE1 . PHE A 1 98  ? 3.248   4.468   1.064   1.00 9.35  ? 176  PHE A CE1 1 
ATOM   778  C  CE2 . PHE A 1 98  ? 4.617   2.789   -0.007  1.00 12.63 ? 176  PHE A CE2 1 
ATOM   779  C  CZ  . PHE A 1 98  ? 3.358   3.325   0.269   1.00 10.69 ? 176  PHE A CZ  1 
ATOM   780  N  N   . ASP A 1 99  ? 9.330   4.546   4.176   1.00 6.51  ? 177  ASP A N   1 
ATOM   781  C  CA  . ASP A 1 99  ? 10.613  4.999   4.719   1.00 7.57  ? 177  ASP A CA  1 
ATOM   782  C  C   . ASP A 1 99  ? 11.284  5.977   3.742   1.00 7.04  ? 177  ASP A C   1 
ATOM   783  O  O   . ASP A 1 99  ? 11.739  5.591   2.656   1.00 4.17  ? 177  ASP A O   1 
ATOM   784  C  CB  . ASP A 1 99  ? 11.526  3.784   5.005   1.00 9.48  ? 177  ASP A CB  1 
ATOM   785  C  CG  . ASP A 1 99  ? 12.749  4.138   5.866   1.00 8.75  ? 177  ASP A CG  1 
ATOM   786  O  OD1 . ASP A 1 99  ? 13.215  5.301   5.850   1.00 4.71  ? 177  ASP A OD1 1 
ATOM   787  O  OD2 . ASP A 1 99  ? 13.232  3.230   6.579   1.00 6.25  ? 177  ASP A OD2 1 
ATOM   788  N  N   . ALA A 1 100 ? 11.375  7.237   4.166   1.00 6.11  ? 178  ALA A N   1 
ATOM   789  C  CA  . ALA A 1 100 ? 11.961  8.291   3.353   1.00 6.68  ? 178  ALA A CA  1 
ATOM   790  C  C   . ALA A 1 100 ? 13.437  8.074   3.028   1.00 6.32  ? 178  ALA A C   1 
ATOM   791  O  O   . ALA A 1 100 ? 13.951  8.684   2.102   1.00 7.01  ? 178  ALA A O   1 
ATOM   792  C  CB  . ALA A 1 100 ? 11.755  9.647   4.026   1.00 6.77  ? 178  ALA A CB  1 
ATOM   793  N  N   . GLU A 1 101 ? 14.118  7.203   3.773   1.00 5.56  ? 179  GLU A N   1 
ATOM   794  C  CA  . GLU A 1 101 ? 15.537  6.955   3.516   1.00 8.19  ? 179  GLU A CA  1 
ATOM   795  C  C   . GLU A 1 101 ? 15.845  5.913   2.422   1.00 9.58  ? 179  GLU A C   1 
ATOM   796  O  O   . GLU A 1 101 ? 17.015  5.642   2.114   1.00 9.03  ? 179  GLU A O   1 
ATOM   797  C  CB  . GLU A 1 101 ? 16.273  6.620   4.823   1.00 9.75  ? 179  GLU A CB  1 
ATOM   798  C  CG  . GLU A 1 101 ? 16.357  7.798   5.781   1.00 10.35 ? 179  GLU A CG  1 
ATOM   799  C  CD  . GLU A 1 101 ? 17.211  7.498   6.999   1.00 7.75  ? 179  GLU A CD  1 
ATOM   800  O  OE1 . GLU A 1 101 ? 18.447  7.497   6.881   1.00 8.62  ? 179  GLU A OE1 1 
ATOM   801  O  OE2 . GLU A 1 101 ? 16.634  7.241   8.070   1.00 7.05  ? 179  GLU A OE2 1 
ATOM   802  N  N   . GLU A 1 102 ? 14.806  5.346   1.817   1.00 8.73  ? 180  GLU A N   1 
ATOM   803  C  CA  . GLU A 1 102 ? 15.028  4.363   0.761   1.00 10.33 ? 180  GLU A CA  1 
ATOM   804  C  C   . GLU A 1 102 ? 15.255  5.024   -0.582  1.00 10.49 ? 180  GLU A C   1 
ATOM   805  O  O   . GLU A 1 102 ? 14.946  6.203   -0.788  1.00 9.34  ? 180  GLU A O   1 
ATOM   806  C  CB  . GLU A 1 102 ? 13.821  3.425   0.588   1.00 7.91  ? 180  GLU A CB  1 
ATOM   807  C  CG  . GLU A 1 102 ? 13.361  2.740   1.824   1.00 7.73  ? 180  GLU A CG  1 
ATOM   808  C  CD  . GLU A 1 102 ? 14.432  1.901   2.511   1.00 7.41  ? 180  GLU A CD  1 
ATOM   809  O  OE1 . GLU A 1 102 ? 15.477  1.554   1.923   1.00 5.58  ? 180  GLU A OE1 1 
ATOM   810  O  OE2 . GLU A 1 102 ? 14.192  1.570   3.667   1.00 7.04  ? 180  GLU A OE2 1 
ATOM   811  N  N   . THR A 1 103 ? 15.799  4.236   -1.498  1.00 10.76 ? 181  THR A N   1 
ATOM   812  C  CA  . THR A 1 103 ? 15.985  4.669   -2.858  1.00 12.17 ? 181  THR A CA  1 
ATOM   813  C  C   . THR A 1 103 ? 14.671  4.189   -3.482  1.00 11.15 ? 181  THR A C   1 
ATOM   814  O  O   . THR A 1 103 ? 14.426  2.984   -3.520  1.00 11.54 ? 181  THR A O   1 
ATOM   815  C  CB  . THR A 1 103 ? 17.162  3.926   -3.500  1.00 17.13 ? 181  THR A CB  1 
ATOM   816  O  OG1 . THR A 1 103 ? 18.386  4.373   -2.895  1.00 21.27 ? 181  THR A OG1 1 
ATOM   817  C  CG2 . THR A 1 103 ? 17.200  4.176   -5.000  1.00 21.12 ? 181  THR A CG2 1 
ATOM   818  N  N   . TRP A 1 104 ? 13.776  5.117   -3.815  1.00 8.98  ? 182  TRP A N   1 
ATOM   819  C  CA  . TRP A 1 104 ? 12.483  4.766   -4.415  1.00 8.07  ? 182  TRP A CA  1 
ATOM   820  C  C   . TRP A 1 104 ? 12.602  4.909   -5.914  1.00 7.91  ? 182  TRP A C   1 
ATOM   821  O  O   . TRP A 1 104 ? 13.129  5.901   -6.411  1.00 7.17  ? 182  TRP A O   1 
ATOM   822  C  CB  . TRP A 1 104 ? 11.355  5.648   -3.864  1.00 9.68  ? 182  TRP A CB  1 
ATOM   823  C  CG  . TRP A 1 104 ? 11.083  5.389   -2.403  1.00 7.85  ? 182  TRP A CG  1 
ATOM   824  C  CD1 . TRP A 1 104 ? 11.362  6.219   -1.350  1.00 7.58  ? 182  TRP A CD1 1 
ATOM   825  C  CD2 . TRP A 1 104 ? 10.509  4.200   -1.840  1.00 9.37  ? 182  TRP A CD2 1 
ATOM   826  N  NE1 . TRP A 1 104 ? 11.000  5.619   -0.167  1.00 5.44  ? 182  TRP A NE1 1 
ATOM   827  C  CE2 . TRP A 1 104 ? 10.476  4.380   -0.434  1.00 8.72  ? 182  TRP A CE2 1 
ATOM   828  C  CE3 . TRP A 1 104 ? 10.022  2.995   -2.380  1.00 6.94  ? 182  TRP A CE3 1 
ATOM   829  C  CZ2 . TRP A 1 104 ? 9.963   3.402   0.437   1.00 10.20 ? 182  TRP A CZ2 1 
ATOM   830  C  CZ3 . TRP A 1 104 ? 9.511   2.027   -1.514  1.00 7.70  ? 182  TRP A CZ3 1 
ATOM   831  C  CH2 . TRP A 1 104 ? 9.489   2.234   -0.120  1.00 9.75  ? 182  TRP A CH2 1 
ATOM   832  N  N   . THR A 1 105 ? 12.129  3.898   -6.636  1.00 6.38  ? 183  THR A N   1 
ATOM   833  C  CA  . THR A 1 105 ? 12.248  3.890   -8.085  1.00 7.70  ? 183  THR A CA  1 
ATOM   834  C  C   . THR A 1 105 ? 10.945  3.511   -8.799  1.00 6.44  ? 183  THR A C   1 
ATOM   835  O  O   . THR A 1 105 ? 9.948   3.150   -8.176  1.00 4.39  ? 183  THR A O   1 
ATOM   836  C  CB  . THR A 1 105 ? 13.302  2.812   -8.544  1.00 8.14  ? 183  THR A CB  1 
ATOM   837  O  OG1 . THR A 1 105 ? 12.742  1.499   -8.384  1.00 4.50  ? 183  THR A OG1 1 
ATOM   838  C  CG2 . THR A 1 105 ? 14.585  2.874   -7.697  1.00 9.65  ? 183  THR A CG2 1 
ATOM   839  N  N   . ASN A 1 106 ? 10.998  3.610   -10.126 1.00 7.20  ? 184  ASN A N   1 
ATOM   840  C  CA  . ASN A 1 106 ? 9.905   3.181   -10.998 1.00 8.47  ? 184  ASN A CA  1 
ATOM   841  C  C   . ASN A 1 106 ? 10.588  2.216   -11.986 1.00 9.22  ? 184  ASN A C   1 
ATOM   842  O  O   . ASN A 1 106 ? 10.156  2.057   -13.125 1.00 7.95  ? 184  ASN A O   1 
ATOM   843  C  CB  . ASN A 1 106 ? 9.207   4.372   -11.709 1.00 9.62  ? 184  ASN A CB  1 
ATOM   844  C  CG  . ASN A 1 106 ? 10.121  5.134   -12.677 1.00 10.56 ? 184  ASN A CG  1 
ATOM   845  O  OD1 . ASN A 1 106 ? 11.339  4.931   -12.725 1.00 11.39 ? 184  ASN A OD1 1 
ATOM   846  N  ND2 . ASN A 1 106 ? 9.522   6.045   -13.441 1.00 16.41 ? 184  ASN A ND2 1 
ATOM   847  N  N   . THR A 1 107 ? 11.659  1.569   -11.517 1.00 7.67  ? 185  THR A N   1 
ATOM   848  C  CA  . THR A 1 107 ? 12.439  0.619   -12.317 1.00 7.71  ? 185  THR A CA  1 
ATOM   849  C  C   . THR A 1 107 ? 12.564  -0.728  -11.592 1.00 7.62  ? 185  THR A C   1 
ATOM   850  O  O   . THR A 1 107 ? 11.906  -0.977  -10.575 1.00 6.21  ? 185  THR A O   1 
ATOM   851  C  CB  . THR A 1 107 ? 13.873  1.146   -12.575 1.00 9.59  ? 185  THR A CB  1 
ATOM   852  O  OG1 . THR A 1 107 ? 14.597  1.172   -11.340 1.00 5.59  ? 185  THR A OG1 1 
ATOM   853  C  CG2 . THR A 1 107 ? 13.843  2.547   -13.168 1.00 11.41 ? 185  THR A CG2 1 
ATOM   854  N  N   . SER A 1 108 ? 13.427  -1.590  -12.122 1.00 6.81  ? 186  SER A N   1 
ATOM   855  C  CA  . SER A 1 108 ? 13.682  -2.885  -11.516 1.00 7.29  ? 186  SER A CA  1 
ATOM   856  C  C   . SER A 1 108 ? 14.626  -2.769  -10.299 1.00 7.96  ? 186  SER A C   1 
ATOM   857  O  O   . SER A 1 108 ? 14.816  -3.735  -9.566  1.00 6.88  ? 186  SER A O   1 
ATOM   858  C  CB  . SER A 1 108 ? 14.288  -3.839  -12.561 1.00 7.03  ? 186  SER A CB  1 
ATOM   859  O  OG  . SER A 1 108 ? 15.516  -3.340  -13.056 1.00 5.37  ? 186  SER A OG  1 
ATOM   860  N  N   . ALA A 1 109 ? 15.280  -1.618  -10.144 1.00 7.63  ? 187  ALA A N   1 
ATOM   861  C  CA  . ALA A 1 109 ? 16.210  -1.403  -9.027  1.00 9.34  ? 187  ALA A CA  1 
ATOM   862  C  C   . ALA A 1 109 ? 15.472  -1.198  -7.698  1.00 10.04 ? 187  ALA A C   1 
ATOM   863  O  O   . ALA A 1 109 ? 14.395  -0.617  -7.683  1.00 8.21  ? 187  ALA A O   1 
ATOM   864  C  CB  . ALA A 1 109 ? 17.121  -0.204  -9.309  1.00 9.99  ? 187  ALA A CB  1 
ATOM   865  N  N   . ASN A 1 110 ? 16.083  -1.624  -6.593  1.00 7.76  ? 188  ASN A N   1 
ATOM   866  C  CA  . ASN A 1 110 ? 15.450  -1.469  -5.275  1.00 9.18  ? 188  ASN A CA  1 
ATOM   867  C  C   . ASN A 1 110 ? 15.326  0.052   -4.973  1.00 8.98  ? 188  ASN A C   1 
ATOM   868  O  O   . ASN A 1 110 ? 16.318  0.768   -5.174  1.00 8.03  ? 188  ASN A O   1 
ATOM   869  C  CB  . ASN A 1 110 ? 16.358  -2.108  -4.193  1.00 10.07 ? 188  ASN A CB  1 
ATOM   870  C  CG  . ASN A 1 110 ? 16.334  -3.624  -4.183  1.00 12.15 ? 188  ASN A CG  1 
ATOM   871  O  OD1 . ASN A 1 110 ? 15.690  -4.269  -5.001  1.00 9.86  ? 188  ASN A OD1 1 
ATOM   872  N  ND2 . ASN A 1 110 ? 17.075  -4.205  -3.250  1.00 12.89 ? 188  ASN A ND2 1 
ATOM   873  N  N   . TYR A 1 111 ? 14.160  0.567   -4.553  1.00 8.43  ? 189  TYR A N   1 
ATOM   874  C  CA  . TYR A 1 111 ? 12.941  -0.257  -4.334  1.00 9.44  ? 189  TYR A CA  1 
ATOM   875  C  C   . TYR A 1 111 ? 11.807  0.343   -5.210  1.00 8.71  ? 189  TYR A C   1 
ATOM   876  O  O   . TYR A 1 111 ? 11.615  1.561   -5.190  1.00 7.24  ? 189  TYR A O   1 
ATOM   877  C  CB  . TYR A 1 111 ? 12.521  -0.226  -2.833  1.00 10.73 ? 189  TYR A CB  1 
ATOM   878  C  CG  . TYR A 1 111 ? 13.491  -0.985  -1.943  1.00 10.97 ? 189  TYR A CG  1 
ATOM   879  C  CD1 . TYR A 1 111 ? 13.377  -2.372  -1.822  1.00 12.91 ? 189  TYR A CD1 1 
ATOM   880  C  CD2 . TYR A 1 111 ? 14.562  -0.335  -1.274  1.00 10.31 ? 189  TYR A CD2 1 
ATOM   881  C  CE1 . TYR A 1 111 ? 14.271  -3.120  -1.078  1.00 11.86 ? 189  TYR A CE1 1 
ATOM   882  C  CE2 . TYR A 1 111 ? 15.481  -1.091  -0.511  1.00 13.21 ? 189  TYR A CE2 1 
ATOM   883  C  CZ  . TYR A 1 111 ? 15.323  -2.482  -0.424  1.00 14.25 ? 189  TYR A CZ  1 
ATOM   884  O  OH  . TYR A 1 111 ? 16.219  -3.252  0.291   1.00 11.02 ? 189  TYR A OH  1 
ATOM   885  N  N   . ASN A 1 112 ? 11.095  -0.498  -5.969  1.00 6.34  ? 190  ASN A N   1 
ATOM   886  C  CA  . ASN A 1 112 ? 9.991   -0.044  -6.832  1.00 6.75  ? 190  ASN A CA  1 
ATOM   887  C  C   . ASN A 1 112 ? 8.811   0.415   -5.961  1.00 6.08  ? 190  ASN A C   1 
ATOM   888  O  O   . ASN A 1 112 ? 8.182   -0.383  -5.236  1.00 2.42  ? 190  ASN A O   1 
ATOM   889  C  CB  . ASN A 1 112 ? 9.540   -1.164  -7.788  1.00 7.70  ? 190  ASN A CB  1 
ATOM   890  C  CG  . ASN A 1 112 ? 8.540   -0.681  -8.819  1.00 4.46  ? 190  ASN A CG  1 
ATOM   891  O  OD1 . ASN A 1 112 ? 7.334   -0.594  -8.550  1.00 4.32  ? 190  ASN A OD1 1 
ATOM   892  N  ND2 . ASN A 1 112 ? 9.038   -0.344  -9.997  1.00 2.91  ? 190  ASN A ND2 1 
ATOM   893  N  N   . LEU A 1 113 ? 8.538   1.720   -6.016  1.00 5.33  ? 191  LEU A N   1 
ATOM   894  C  CA  . LEU A 1 113 ? 7.473   2.332   -5.214  1.00 6.18  ? 191  LEU A CA  1 
ATOM   895  C  C   . LEU A 1 113 ? 6.079   1.768   -5.489  1.00 4.93  ? 191  LEU A C   1 
ATOM   896  O  O   . LEU A 1 113 ? 5.340   1.455   -4.557  1.00 2.99  ? 191  LEU A O   1 
ATOM   897  C  CB  . LEU A 1 113 ? 7.498   3.862   -5.378  1.00 8.51  ? 191  LEU A CB  1 
ATOM   898  C  CG  . LEU A 1 113 ? 6.390   4.626   -4.632  1.00 7.42  ? 191  LEU A CG  1 
ATOM   899  C  CD1 . LEU A 1 113 ? 6.481   4.424   -3.122  1.00 6.80  ? 191  LEU A CD1 1 
ATOM   900  C  CD2 . LEU A 1 113 ? 6.460   6.105   -5.027  1.00 8.40  ? 191  LEU A CD2 1 
ATOM   901  N  N   . PHE A 1 114 ? 5.745   1.616   -6.771  1.00 4.49  ? 192  PHE A N   1 
ATOM   902  C  CA  . PHE A 1 114 ? 4.466   1.047   -7.176  1.00 5.00  ? 192  PHE A CA  1 
ATOM   903  C  C   . PHE A 1 114 ? 4.226   -0.302  -6.483  1.00 5.21  ? 192  PHE A C   1 
ATOM   904  O  O   . PHE A 1 114 ? 3.168   -0.518  -5.871  1.00 3.49  ? 192  PHE A O   1 
ATOM   905  C  CB  . PHE A 1 114 ? 4.450   0.876   -8.708  1.00 6.84  ? 192  PHE A CB  1 
ATOM   906  C  CG  . PHE A 1 114 ? 3.372   -0.051  -9.206  1.00 7.29  ? 192  PHE A CG  1 
ATOM   907  C  CD1 . PHE A 1 114 ? 2.024   0.277   -9.067  1.00 8.19  ? 192  PHE A CD1 1 
ATOM   908  C  CD2 . PHE A 1 114 ? 3.716   -1.269  -9.791  1.00 11.16 ? 192  PHE A CD2 1 
ATOM   909  C  CE1 . PHE A 1 114 ? 1.026   -0.592  -9.509  1.00 10.31 ? 192  PHE A CE1 1 
ATOM   910  C  CE2 . PHE A 1 114 ? 2.729   -2.152  -10.239 1.00 11.42 ? 192  PHE A CE2 1 
ATOM   911  C  CZ  . PHE A 1 114 ? 1.382   -1.814  -10.094 1.00 10.84 ? 192  PHE A CZ  1 
ATOM   912  N  N   . LEU A 1 115 ? 5.209   -1.203  -6.569  1.00 4.86  ? 193  LEU A N   1 
ATOM   913  C  CA  . LEU A 1 115 ? 5.104   -2.531  -5.950  1.00 6.26  ? 193  LEU A CA  1 
ATOM   914  C  C   . LEU A 1 115 ? 4.991   -2.479  -4.420  1.00 5.14  ? 193  LEU A C   1 
ATOM   915  O  O   . LEU A 1 115 ? 4.141   -3.163  -3.835  1.00 2.77  ? 193  LEU A O   1 
ATOM   916  C  CB  . LEU A 1 115 ? 6.289   -3.433  -6.366  1.00 9.12  ? 193  LEU A CB  1 
ATOM   917  C  CG  . LEU A 1 115 ? 6.346   -3.870  -7.834  1.00 9.70  ? 193  LEU A CG  1 
ATOM   918  C  CD1 . LEU A 1 115 ? 7.615   -4.673  -8.067  1.00 11.42 ? 193  LEU A CD1 1 
ATOM   919  C  CD2 . LEU A 1 115 ? 5.112   -4.697  -8.169  1.00 9.85  ? 193  LEU A CD2 1 
ATOM   920  N  N   . VAL A 1 116 ? 5.828   -1.669  -3.767  1.00 3.87  ? 194  VAL A N   1 
ATOM   921  C  CA  . VAL A 1 116 ? 5.757   -1.567  -2.309  1.00 4.89  ? 194  VAL A CA  1 
ATOM   922  C  C   . VAL A 1 116 ? 4.407   -0.950  -1.886  1.00 4.42  ? 194  VAL A C   1 
ATOM   923  O  O   . VAL A 1 116 ? 3.762   -1.429  -0.944  1.00 3.04  ? 194  VAL A O   1 
ATOM   924  C  CB  . VAL A 1 116 ? 6.955   -0.766  -1.711  1.00 4.76  ? 194  VAL A CB  1 
ATOM   925  C  CG1 . VAL A 1 116 ? 6.804   -0.667  -0.163  1.00 5.93  ? 194  VAL A CG1 1 
ATOM   926  C  CG2 . VAL A 1 116 ? 8.296   -1.449  -2.099  1.00 3.65  ? 194  VAL A CG2 1 
ATOM   927  N  N   . ALA A 1 117 ? 3.970   0.086   -2.601  1.00 3.01  ? 195  ALA A N   1 
ATOM   928  C  CA  . ALA A 1 117 ? 2.683   0.725   -2.296  1.00 4.72  ? 195  ALA A CA  1 
ATOM   929  C  C   . ALA A 1 117 ? 1.528   -0.284  -2.446  1.00 3.75  ? 195  ALA A C   1 
ATOM   930  O  O   . ALA A 1 117 ? 0.629   -0.349  -1.595  1.00 2.42  ? 195  ALA A O   1 
ATOM   931  C  CB  . ALA A 1 117 ? 2.455   1.931   -3.215  1.00 5.89  ? 195  ALA A CB  1 
ATOM   932  N  N   . ALA A 1 118 ? 1.562   -1.074  -3.522  1.00 2.62  ? 196  ALA A N   1 
ATOM   933  C  CA  . ALA A 1 118 ? 0.520   -2.084  -3.765  1.00 3.28  ? 196  ALA A CA  1 
ATOM   934  C  C   . ALA A 1 118 ? 0.429   -3.058  -2.582  1.00 3.02  ? 196  ALA A C   1 
ATOM   935  O  O   . ALA A 1 118 ? -0.659  -3.352  -2.089  1.00 3.14  ? 196  ALA A O   1 
ATOM   936  C  CB  . ALA A 1 118 ? 0.807   -2.833  -5.063  1.00 4.60  ? 196  ALA A CB  1 
ATOM   937  N  N   . HIS A 1 119 ? 1.584   -3.522  -2.104  1.00 3.38  ? 197  HIS A N   1 
ATOM   938  C  CA  . HIS A 1 119 ? 1.640   -4.424  -0.948  1.00 3.94  ? 197  HIS A CA  1 
ATOM   939  C  C   . HIS A 1 119 ? 1.050   -3.746  0.312   1.00 3.65  ? 197  HIS A C   1 
ATOM   940  O  O   . HIS A 1 119 ? 0.227   -4.324  1.036   1.00 2.49  ? 197  HIS A O   1 
ATOM   941  C  CB  . HIS A 1 119 ? 3.095   -4.829  -0.691  1.00 5.72  ? 197  HIS A CB  1 
ATOM   942  C  CG  . HIS A 1 119 ? 3.281   -5.695  0.519   1.00 6.05  ? 197  HIS A CG  1 
ATOM   943  N  ND1 . HIS A 1 119 ? 3.297   -7.067  0.446   1.00 3.56  ? 197  HIS A ND1 1 
ATOM   944  C  CD2 . HIS A 1 119 ? 3.540   -5.381  1.812   1.00 7.32  ? 197  HIS A CD2 1 
ATOM   945  C  CE1 . HIS A 1 119 ? 3.567   -7.571  1.640   1.00 5.86  ? 197  HIS A CE1 1 
ATOM   946  N  NE2 . HIS A 1 119 ? 3.732   -6.568  2.485   1.00 6.92  ? 197  HIS A NE2 1 
ATOM   947  N  N   . GLU A 1 120 ? 1.487   -2.519  0.575   1.00 3.47  ? 198  GLU A N   1 
ATOM   948  C  CA  . GLU A 1 120 ? 0.989   -1.800  1.733   1.00 5.32  ? 198  GLU A CA  1 
ATOM   949  C  C   . GLU A 1 120 ? -0.527  -1.607  1.689   1.00 4.17  ? 198  GLU A C   1 
ATOM   950  O  O   . GLU A 1 120 ? -1.208  -1.767  2.704   1.00 2.96  ? 198  GLU A O   1 
ATOM   951  C  CB  . GLU A 1 120 ? 1.711   -0.442  1.881   1.00 5.86  ? 198  GLU A CB  1 
ATOM   952  C  CG  . GLU A 1 120 ? 3.205   -0.570  2.223   1.00 4.86  ? 198  GLU A CG  1 
ATOM   953  C  CD  . GLU A 1 120 ? 3.473   -1.477  3.416   1.00 3.38  ? 198  GLU A CD  1 
ATOM   954  O  OE1 . GLU A 1 120 ? 2.650   -1.532  4.347   1.00 2.00  ? 198  GLU A OE1 1 
ATOM   955  O  OE2 . GLU A 1 120 ? 4.530   -2.146  3.401   1.00 4.83  ? 198  GLU A OE2 1 
ATOM   956  N  N   . PHE A 1 121 ? -1.065  -1.328  0.506   1.00 3.20  ? 199  PHE A N   1 
ATOM   957  C  CA  . PHE A 1 121 ? -2.508  -1.116  0.401   1.00 4.98  ? 199  PHE A CA  1 
ATOM   958  C  C   . PHE A 1 121 ? -3.295  -2.388  0.702   1.00 4.49  ? 199  PHE A C   1 
ATOM   959  O  O   . PHE A 1 121 ? -4.420  -2.321  1.194   1.00 2.00  ? 199  PHE A O   1 
ATOM   960  C  CB  . PHE A 1 121 ? -2.863  -0.481  -0.945  1.00 6.34  ? 199  PHE A CB  1 
ATOM   961  C  CG  . PHE A 1 121 ? -2.266  0.889   -1.142  1.00 7.27  ? 199  PHE A CG  1 
ATOM   962  C  CD1 . PHE A 1 121 ? -1.894  1.665   -0.040  1.00 11.11 ? 199  PHE A CD1 1 
ATOM   963  C  CD2 . PHE A 1 121 ? -2.076  1.407   -2.417  1.00 7.96  ? 199  PHE A CD2 1 
ATOM   964  C  CE1 . PHE A 1 121 ? -1.344  2.944   -0.216  1.00 10.43 ? 199  PHE A CE1 1 
ATOM   965  C  CE2 . PHE A 1 121 ? -1.528  2.675   -2.606  1.00 8.32  ? 199  PHE A CE2 1 
ATOM   966  C  CZ  . PHE A 1 121 ? -1.159  3.448   -1.502  1.00 7.40  ? 199  PHE A CZ  1 
ATOM   967  N  N   . GLY A 1 122 ? -2.676  -3.545  0.484   1.00 4.00  ? 200  GLY A N   1 
ATOM   968  C  CA  . GLY A 1 122 ? -3.331  -4.791  0.833   1.00 6.02  ? 200  GLY A CA  1 
ATOM   969  C  C   . GLY A 1 122 ? -3.579  -4.767  2.345   1.00 5.72  ? 200  GLY A C   1 
ATOM   970  O  O   . GLY A 1 122 ? -4.648  -5.130  2.843   1.00 2.82  ? 200  GLY A O   1 
ATOM   971  N  N   . HIS A 1 123 ? -2.575  -4.309  3.094   1.00 5.67  ? 201  HIS A N   1 
ATOM   972  C  CA  . HIS A 1 123 ? -2.706  -4.188  4.547   1.00 6.65  ? 201  HIS A CA  1 
ATOM   973  C  C   . HIS A 1 123 ? -3.791  -3.136  4.910   1.00 5.21  ? 201  HIS A C   1 
ATOM   974  O  O   . HIS A 1 123 ? -4.622  -3.367  5.795   1.00 3.88  ? 201  HIS A O   1 
ATOM   975  C  CB  . HIS A 1 123 ? -1.375  -3.753  5.169   1.00 8.39  ? 201  HIS A CB  1 
ATOM   976  C  CG  . HIS A 1 123 ? -0.315  -4.809  5.172   1.00 9.82  ? 201  HIS A CG  1 
ATOM   977  N  ND1 . HIS A 1 123 ? -0.565  -6.115  5.546   1.00 4.55  ? 201  HIS A ND1 1 
ATOM   978  C  CD2 . HIS A 1 123 ? 1.025   -4.722  4.981   1.00 9.66  ? 201  HIS A CD2 1 
ATOM   979  C  CE1 . HIS A 1 123 ? 0.572   -6.780  5.602   1.00 5.96  ? 201  HIS A CE1 1 
ATOM   980  N  NE2 . HIS A 1 123 ? 1.559   -5.955  5.280   1.00 7.26  ? 201  HIS A NE2 1 
ATOM   981  N  N   . SER A 1 124 ? -3.753  -1.996  4.215   1.00 5.50  ? 202  SER A N   1 
ATOM   982  C  CA  . SER A 1 124 ? -4.701  -0.891  4.423   1.00 6.06  ? 202  SER A CA  1 
ATOM   983  C  C   . SER A 1 124 ? -6.149  -1.347  4.238   1.00 7.02  ? 202  SER A C   1 
ATOM   984  O  O   . SER A 1 124 ? -7.081  -0.771  4.808   1.00 4.98  ? 202  SER A O   1 
ATOM   985  C  CB  . SER A 1 124 ? -4.418  0.235   3.419   1.00 6.89  ? 202  SER A CB  1 
ATOM   986  O  OG  . SER A 1 124 ? -3.152  0.852   3.613   1.00 4.82  ? 202  SER A OG  1 
ATOM   987  N  N   . LEU A 1 125 ? -6.321  -2.364  3.397   1.00 6.21  ? 203  LEU A N   1 
ATOM   988  C  CA  . LEU A 1 125 ? -7.638  -2.914  3.095   1.00 7.73  ? 203  LEU A CA  1 
ATOM   989  C  C   . LEU A 1 125 ? -8.052  -4.121  3.958   1.00 7.04  ? 203  LEU A C   1 
ATOM   990  O  O   . LEU A 1 125 ? -9.182  -4.607  3.833   1.00 6.06  ? 203  LEU A O   1 
ATOM   991  C  CB  . LEU A 1 125 ? -7.717  -3.238  1.589   1.00 9.43  ? 203  LEU A CB  1 
ATOM   992  C  CG  . LEU A 1 125 ? -7.436  -2.058  0.633   1.00 9.14  ? 203  LEU A CG  1 
ATOM   993  C  CD1 . LEU A 1 125 ? -7.416  -2.520  -0.806  1.00 8.86  ? 203  LEU A CD1 1 
ATOM   994  C  CD2 . LEU A 1 125 ? -8.494  -0.951  0.821   1.00 13.39 ? 203  LEU A CD2 1 
ATOM   995  N  N   . GLY A 1 126 ? -7.149  -4.610  4.818   1.00 4.73  ? 204  GLY A N   1 
ATOM   996  C  CA  . GLY A 1 126 ? -7.493  -5.723  5.691   1.00 5.93  ? 204  GLY A CA  1 
ATOM   997  C  C   . GLY A 1 126 ? -6.787  -7.070  5.530   1.00 6.93  ? 204  GLY A C   1 
ATOM   998  O  O   . GLY A 1 126 ? -7.116  -8.023  6.254   1.00 6.51  ? 204  GLY A O   1 
ATOM   999  N  N   . LEU A 1 127 ? -5.823  -7.157  4.615   1.00 6.52  ? 205  LEU A N   1 
ATOM   1000 C  CA  . LEU A 1 127 ? -5.077  -8.399  4.389   1.00 8.45  ? 205  LEU A CA  1 
ATOM   1001 C  C   . LEU A 1 127 ? -3.782  -8.476  5.195   1.00 8.71  ? 205  LEU A C   1 
ATOM   1002 O  O   . LEU A 1 127 ? -3.095  -7.468  5.400   1.00 8.72  ? 205  LEU A O   1 
ATOM   1003 C  CB  . LEU A 1 127 ? -4.737  -8.571  2.903   1.00 8.94  ? 205  LEU A CB  1 
ATOM   1004 C  CG  . LEU A 1 127 ? -5.884  -8.926  1.945   1.00 10.22 ? 205  LEU A CG  1 
ATOM   1005 C  CD1 . LEU A 1 127 ? -5.396  -8.973  0.494   1.00 10.08 ? 205  LEU A CD1 1 
ATOM   1006 C  CD2 . LEU A 1 127 ? -6.460  -10.278 2.374   1.00 14.46 ? 205  LEU A CD2 1 
ATOM   1007 N  N   . ALA A 1 128 ? -3.475  -9.675  5.676   1.00 8.35  ? 206  ALA A N   1 
ATOM   1008 C  CA  . ALA A 1 128 ? -2.249  -9.926  6.409   1.00 8.85  ? 206  ALA A CA  1 
ATOM   1009 C  C   . ALA A 1 128 ? -1.304  -10.576 5.383   1.00 9.48  ? 206  ALA A C   1 
ATOM   1010 O  O   . ALA A 1 128 ? -1.606  -10.604 4.182   1.00 7.88  ? 206  ALA A O   1 
ATOM   1011 C  CB  . ALA A 1 128 ? -2.515  -10.852 7.586   1.00 8.50  ? 206  ALA A CB  1 
ATOM   1012 N  N   . HIS A 1 129 ? -0.174  -11.109 5.840   1.00 8.93  ? 207  HIS A N   1 
ATOM   1013 C  CA  . HIS A 1 129 ? 0.769   -11.727 4.923   1.00 9.22  ? 207  HIS A CA  1 
ATOM   1014 C  C   . HIS A 1 129 ? 0.319   -13.102 4.439   1.00 9.36  ? 207  HIS A C   1 
ATOM   1015 O  O   . HIS A 1 129 ? -0.295  -13.869 5.191   1.00 9.31  ? 207  HIS A O   1 
ATOM   1016 C  CB  . HIS A 1 129 ? 2.147   -11.827 5.565   1.00 9.66  ? 207  HIS A CB  1 
ATOM   1017 C  CG  . HIS A 1 129 ? 2.869   -10.517 5.655   1.00 11.08 ? 207  HIS A CG  1 
ATOM   1018 N  ND1 . HIS A 1 129 ? 3.679   -10.193 6.719   1.00 7.43  ? 207  HIS A ND1 1 
ATOM   1019 C  CD2 . HIS A 1 129 ? 2.965   -9.484  4.783   1.00 9.00  ? 207  HIS A CD2 1 
ATOM   1020 C  CE1 . HIS A 1 129 ? 4.257   -9.029  6.497   1.00 12.52 ? 207  HIS A CE1 1 
ATOM   1021 N  NE2 . HIS A 1 129 ? 3.849   -8.578  5.322   1.00 7.03  ? 207  HIS A NE2 1 
ATOM   1022 N  N   . SER A 1 130 ? 0.633   -13.390 3.180   1.00 8.10  ? 208  SER A N   1 
ATOM   1023 C  CA  . SER A 1 130 ? 0.314   -14.674 2.568   1.00 9.78  ? 208  SER A CA  1 
ATOM   1024 C  C   . SER A 1 130 ? 1.535   -15.584 2.719   1.00 9.71  ? 208  SER A C   1 
ATOM   1025 O  O   . SER A 1 130 ? 2.652   -15.105 2.845   1.00 9.01  ? 208  SER A O   1 
ATOM   1026 C  CB  . SER A 1 130 ? 0.057   -14.479 1.073   1.00 8.66  ? 208  SER A CB  1 
ATOM   1027 O  OG  . SER A 1 130 ? -0.217  -15.714 0.421   1.00 7.22  ? 208  SER A OG  1 
ATOM   1028 N  N   . SER A 1 131 ? 1.310   -16.890 2.694   1.00 10.86 ? 209  SER A N   1 
ATOM   1029 C  CA  . SER A 1 131 ? 2.415   -17.844 2.750   1.00 12.33 ? 209  SER A CA  1 
ATOM   1030 C  C   . SER A 1 131 ? 2.717   -18.321 1.314   1.00 12.37 ? 209  SER A C   1 
ATOM   1031 O  O   . SER A 1 131 ? 3.554   -19.199 1.096   1.00 11.46 ? 209  SER A O   1 
ATOM   1032 C  CB  . SER A 1 131 ? 2.059   -19.026 3.660   1.00 13.67 ? 209  SER A CB  1 
ATOM   1033 O  OG  . SER A 1 131 ? 0.857   -19.656 3.246   1.00 12.46 ? 209  SER A OG  1 
ATOM   1034 N  N   . ASP A 1 132 ? 2.000   -17.762 0.344   1.00 11.21 ? 210  ASP A N   1 
ATOM   1035 C  CA  . ASP A 1 132 ? 2.204   -18.093 -1.063  1.00 12.82 ? 210  ASP A CA  1 
ATOM   1036 C  C   . ASP A 1 132 ? 3.326   -17.174 -1.525  1.00 12.81 ? 210  ASP A C   1 
ATOM   1037 O  O   . ASP A 1 132 ? 3.132   -15.970 -1.668  1.00 11.62 ? 210  ASP A O   1 
ATOM   1038 C  CB  . ASP A 1 132 ? 0.914   -17.824 -1.865  1.00 14.04 ? 210  ASP A CB  1 
ATOM   1039 C  CG  . ASP A 1 132 ? 1.025   -18.196 -3.353  1.00 13.66 ? 210  ASP A CG  1 
ATOM   1040 O  OD1 . ASP A 1 132 ? 2.132   -18.230 -3.942  1.00 9.65  ? 210  ASP A OD1 1 
ATOM   1041 O  OD2 . ASP A 1 132 ? -0.048  -18.426 -3.949  1.00 16.18 ? 210  ASP A OD2 1 
ATOM   1042 N  N   . PRO A 1 133 ? 4.504   -17.745 -1.823  1.00 12.78 ? 211  PRO A N   1 
ATOM   1043 C  CA  . PRO A 1 133 ? 5.670   -16.983 -2.268  1.00 12.65 ? 211  PRO A CA  1 
ATOM   1044 C  C   . PRO A 1 133 ? 5.484   -16.156 -3.544  1.00 12.38 ? 211  PRO A C   1 
ATOM   1045 O  O   . PRO A 1 133 ? 6.334   -15.347 -3.894  1.00 10.89 ? 211  PRO A O   1 
ATOM   1046 C  CB  . PRO A 1 133 ? 6.743   -18.059 -2.408  1.00 14.22 ? 211  PRO A CB  1 
ATOM   1047 C  CG  . PRO A 1 133 ? 5.946   -19.277 -2.790  1.00 16.29 ? 211  PRO A CG  1 
ATOM   1048 C  CD  . PRO A 1 133 ? 4.771   -19.196 -1.867  1.00 16.73 ? 211  PRO A CD  1 
ATOM   1049 N  N   . GLY A 1 134 ? 4.382   -16.394 -4.255  1.00 12.72 ? 212  GLY A N   1 
ATOM   1050 C  CA  . GLY A 1 134 ? 4.105   -15.646 -5.471  1.00 12.70 ? 212  GLY A CA  1 
ATOM   1051 C  C   . GLY A 1 134 ? 3.091   -14.531 -5.232  1.00 11.86 ? 212  GLY A C   1 
ATOM   1052 O  O   . GLY A 1 134 ? 2.789   -13.756 -6.145  1.00 12.25 ? 212  GLY A O   1 
ATOM   1053 N  N   . ALA A 1 135 ? 2.545   -14.466 -4.020  1.00 8.87  ? 213  ALA A N   1 
ATOM   1054 C  CA  . ALA A 1 135 ? 1.550   -13.453 -3.700  1.00 8.35  ? 213  ALA A CA  1 
ATOM   1055 C  C   . ALA A 1 135 ? 2.165   -12.080 -3.456  1.00 9.38  ? 213  ALA A C   1 
ATOM   1056 O  O   . ALA A 1 135 ? 3.290   -11.965 -2.972  1.00 7.28  ? 213  ALA A O   1 
ATOM   1057 C  CB  . ALA A 1 135 ? 0.742   -13.873 -2.486  1.00 7.78  ? 213  ALA A CB  1 
ATOM   1058 N  N   . LEU A 1 136 ? 1.435   -11.036 -3.845  1.00 6.95  ? 214  LEU A N   1 
ATOM   1059 C  CA  . LEU A 1 136 ? 1.881   -9.662  -3.607  1.00 7.68  ? 214  LEU A CA  1 
ATOM   1060 C  C   . LEU A 1 136 ? 1.998   -9.452  -2.086  1.00 7.26  ? 214  LEU A C   1 
ATOM   1061 O  O   . LEU A 1 136 ? 2.884   -8.722  -1.625  1.00 5.96  ? 214  LEU A O   1 
ATOM   1062 C  CB  . LEU A 1 136 ? 0.882   -8.673  -4.208  1.00 6.63  ? 214  LEU A CB  1 
ATOM   1063 C  CG  . LEU A 1 136 ? 1.086   -7.175  -3.926  1.00 9.04  ? 214  LEU A CG  1 
ATOM   1064 C  CD1 . LEU A 1 136 ? 2.470   -6.722  -4.397  1.00 8.40  ? 214  LEU A CD1 1 
ATOM   1065 C  CD2 . LEU A 1 136 ? -0.025  -6.358  -4.631  1.00 8.25  ? 214  LEU A CD2 1 
ATOM   1066 N  N   . MET A 1 137 ? 1.132   -10.126 -1.319  1.00 5.96  ? 215  MET A N   1 
ATOM   1067 C  CA  . MET A 1 137 ? 1.145   -10.025 0.148   1.00 7.07  ? 215  MET A CA  1 
ATOM   1068 C  C   . MET A 1 137 ? 2.176   -10.946 0.875   1.00 7.23  ? 215  MET A C   1 
ATOM   1069 O  O   . MET A 1 137 ? 2.130   -11.092 2.098   1.00 5.82  ? 215  MET A O   1 
ATOM   1070 C  CB  . MET A 1 137 ? -0.259  -10.231 0.708   1.00 6.07  ? 215  MET A CB  1 
ATOM   1071 C  CG  . MET A 1 137 ? -1.271  -9.175  0.225   1.00 7.82  ? 215  MET A CG  1 
ATOM   1072 S  SD  . MET A 1 137 ? -0.654  -7.485  0.430   1.00 3.88  ? 215  MET A SD  1 
ATOM   1073 C  CE  . MET A 1 137 ? -0.380  -7.458  2.184   1.00 6.62  ? 215  MET A CE  1 
ATOM   1074 N  N   . TYR A 1 138 ? 3.096   -11.540 0.116   1.00 7.53  ? 216  TYR A N   1 
ATOM   1075 C  CA  . TYR A 1 138 ? 4.155   -12.376 0.675   1.00 10.07 ? 216  TYR A CA  1 
ATOM   1076 C  C   . TYR A 1 138 ? 5.002   -11.416 1.556   1.00 9.80  ? 216  TYR A C   1 
ATOM   1077 O  O   . TYR A 1 138 ? 5.144   -10.235 1.219   1.00 9.84  ? 216  TYR A O   1 
ATOM   1078 C  CB  . TYR A 1 138 ? 4.988   -12.970 -0.468  1.00 10.74 ? 216  TYR A CB  1 
ATOM   1079 C  CG  . TYR A 1 138 ? 5.927   -14.057 -0.002  1.00 14.28 ? 216  TYR A CG  1 
ATOM   1080 C  CD1 . TYR A 1 138 ? 5.432   -15.194 0.644   1.00 14.96 ? 216  TYR A CD1 1 
ATOM   1081 C  CD2 . TYR A 1 138 ? 7.312   -13.918 -0.142  1.00 16.77 ? 216  TYR A CD2 1 
ATOM   1082 C  CE1 . TYR A 1 138 ? 6.288   -16.158 1.149   1.00 17.36 ? 216  TYR A CE1 1 
ATOM   1083 C  CE2 . TYR A 1 138 ? 8.180   -14.879 0.358   1.00 17.30 ? 216  TYR A CE2 1 
ATOM   1084 C  CZ  . TYR A 1 138 ? 7.661   -15.992 1.002   1.00 16.67 ? 216  TYR A CZ  1 
ATOM   1085 O  OH  . TYR A 1 138 ? 8.543   -16.917 1.508   1.00 14.93 ? 216  TYR A OH  1 
ATOM   1086 N  N   . PRO A 1 139 ? 5.576   -11.899 2.683   1.00 11.03 ? 217  PRO A N   1 
ATOM   1087 C  CA  . PRO A 1 139 ? 6.370   -11.025 3.567   1.00 11.45 ? 217  PRO A CA  1 
ATOM   1088 C  C   . PRO A 1 139 ? 7.649   -10.368 3.054   1.00 12.07 ? 217  PRO A C   1 
ATOM   1089 O  O   . PRO A 1 139 ? 8.088   -9.374  3.653   1.00 13.61 ? 217  PRO A O   1 
ATOM   1090 C  CB  . PRO A 1 139 ? 6.658   -11.917 4.782   1.00 10.62 ? 217  PRO A CB  1 
ATOM   1091 C  CG  . PRO A 1 139 ? 5.580   -12.919 4.753   1.00 12.07 ? 217  PRO A CG  1 
ATOM   1092 C  CD  . PRO A 1 139 ? 5.472   -13.238 3.282   1.00 11.58 ? 217  PRO A CD  1 
ATOM   1093 N  N   . ASN A 1 140 ? 8.235   -10.883 1.976   1.00 11.08 ? 218  ASN A N   1 
ATOM   1094 C  CA  . ASN A 1 140 ? 9.466   -10.304 1.430   1.00 12.47 ? 218  ASN A CA  1 
ATOM   1095 C  C   . ASN A 1 140 ? 9.313   -9.686  0.037   1.00 12.08 ? 218  ASN A C   1 
ATOM   1096 O  O   . ASN A 1 140 ? 8.668   -10.248 -0.858  1.00 11.12 ? 218  ASN A O   1 
ATOM   1097 C  CB  . ASN A 1 140 ? 10.629  -11.318 1.417   1.00 17.52 ? 218  ASN A CB  1 
ATOM   1098 C  CG  . ASN A 1 140 ? 11.135  -11.700 2.835   1.00 20.86 ? 218  ASN A CG  1 
ATOM   1099 O  OD1 . ASN A 1 140 ? 11.472  -12.863 3.088   1.00 22.04 ? 218  ASN A OD1 1 
ATOM   1100 N  ND2 . ASN A 1 140 ? 11.200  -10.727 3.739   1.00 20.44 ? 218  ASN A ND2 1 
ATOM   1101 N  N   . TYR A 1 141 ? 9.952   -8.538  -0.142  1.00 10.27 ? 219  TYR A N   1 
ATOM   1102 C  CA  . TYR A 1 141 ? 9.920   -7.802  -1.389  1.00 9.53  ? 219  TYR A CA  1 
ATOM   1103 C  C   . TYR A 1 141 ? 10.670  -8.498  -2.517  1.00 11.22 ? 219  TYR A C   1 
ATOM   1104 O  O   . TYR A 1 141 ? 11.719  -9.131  -2.297  1.00 10.62 ? 219  TYR A O   1 
ATOM   1105 C  CB  . TYR A 1 141 ? 10.526  -6.411  -1.165  1.00 8.60  ? 219  TYR A CB  1 
ATOM   1106 C  CG  . TYR A 1 141 ? 10.819  -5.630  -2.431  1.00 10.16 ? 219  TYR A CG  1 
ATOM   1107 C  CD1 . TYR A 1 141 ? 12.017  -5.811  -3.129  1.00 7.55  ? 219  TYR A CD1 1 
ATOM   1108 C  CD2 . TYR A 1 141 ? 9.893   -4.718  -2.940  1.00 8.22  ? 219  TYR A CD2 1 
ATOM   1109 C  CE1 . TYR A 1 141 ? 12.282  -5.106  -4.309  1.00 10.09 ? 219  TYR A CE1 1 
ATOM   1110 C  CE2 . TYR A 1 141 ? 10.149  -4.008  -4.111  1.00 7.99  ? 219  TYR A CE2 1 
ATOM   1111 C  CZ  . TYR A 1 141 ? 11.337  -4.200  -4.793  1.00 6.71  ? 219  TYR A CZ  1 
ATOM   1112 O  OH  . TYR A 1 141 ? 11.587  -3.496  -5.948  1.00 5.49  ? 219  TYR A OH  1 
ATOM   1113 N  N   . ALA A 1 142 ? 10.140  -8.354  -3.726  1.00 9.92  ? 220  ALA A N   1 
ATOM   1114 C  CA  . ALA A 1 142 ? 10.760  -8.897  -4.917  1.00 11.36 ? 220  ALA A CA  1 
ATOM   1115 C  C   . ALA A 1 142 ? 10.192  -8.145  -6.113  1.00 11.00 ? 220  ALA A C   1 
ATOM   1116 O  O   . ALA A 1 142 ? 8.997   -7.848  -6.155  1.00 11.33 ? 220  ALA A O   1 
ATOM   1117 C  CB  . ALA A 1 142 ? 10.464  -10.386 -5.044  1.00 12.83 ? 220  ALA A CB  1 
ATOM   1118 N  N   . PHE A 1 143 ? 11.049  -7.804  -7.063  1.00 10.25 ? 221  PHE A N   1 
ATOM   1119 C  CA  . PHE A 1 143 ? 10.590  -7.113  -8.253  1.00 11.02 ? 221  PHE A CA  1 
ATOM   1120 C  C   . PHE A 1 143 ? 9.851   -8.085  -9.184  1.00 11.52 ? 221  PHE A C   1 
ATOM   1121 O  O   . PHE A 1 143 ? 10.137  -9.287  -9.199  1.00 11.32 ? 221  PHE A O   1 
ATOM   1122 C  CB  . PHE A 1 143 ? 11.767  -6.487  -9.016  1.00 11.90 ? 221  PHE A CB  1 
ATOM   1123 C  CG  . PHE A 1 143 ? 11.352  -5.749  -10.269 1.00 15.66 ? 221  PHE A CG  1 
ATOM   1124 C  CD1 . PHE A 1 143 ? 10.710  -4.511  -10.182 1.00 13.73 ? 221  PHE A CD1 1 
ATOM   1125 C  CD2 . PHE A 1 143 ? 11.551  -6.312  -11.532 1.00 14.79 ? 221  PHE A CD2 1 
ATOM   1126 C  CE1 . PHE A 1 143 ? 10.272  -3.841  -11.331 1.00 13.83 ? 221  PHE A CE1 1 
ATOM   1127 C  CE2 . PHE A 1 143 ? 11.113  -5.646  -12.695 1.00 13.84 ? 221  PHE A CE2 1 
ATOM   1128 C  CZ  . PHE A 1 143 ? 10.470  -4.410  -12.588 1.00 14.68 ? 221  PHE A CZ  1 
ATOM   1129 N  N   . ARG A 1 144 ? 8.862   -7.549  -9.897  1.00 10.57 ? 222  ARG A N   1 
ATOM   1130 C  CA  . ARG A 1 144 ? 8.077   -8.266  -10.908 1.00 11.43 ? 222  ARG A CA  1 
ATOM   1131 C  C   . ARG A 1 144 ? 7.806   -7.185  -11.939 1.00 11.14 ? 222  ARG A C   1 
ATOM   1132 O  O   . ARG A 1 144 ? 7.709   -6.006  -11.573 1.00 9.69  ? 222  ARG A O   1 
ATOM   1133 C  CB  . ARG A 1 144 ? 6.701   -8.725  -10.408 1.00 15.18 ? 222  ARG A CB  1 
ATOM   1134 C  CG  . ARG A 1 144 ? 6.683   -9.552  -9.175  1.00 23.62 ? 222  ARG A CG  1 
ATOM   1135 C  CD  . ARG A 1 144 ? 6.484   -8.662  -7.959  1.00 29.91 ? 222  ARG A CD  1 
ATOM   1136 N  NE  . ARG A 1 144 ? 6.583   -9.453  -6.741  1.00 35.16 ? 222  ARG A NE  1 
ATOM   1137 C  CZ  . ARG A 1 144 ? 5.583   -10.158 -6.224  1.00 39.79 ? 222  ARG A CZ  1 
ATOM   1138 N  NH1 . ARG A 1 144 ? 4.361   -10.124 -6.760  1.00 38.78 ? 222  ARG A NH1 1 
ATOM   1139 N  NH2 . ARG A 1 144 ? 5.795   -10.856 -5.128  1.00 42.00 ? 222  ARG A NH2 1 
ATOM   1140 N  N   . GLU A 1 145 ? 7.682   -7.557  -13.211 1.00 10.23 ? 223  GLU A N   1 
ATOM   1141 C  CA  . GLU A 1 145 ? 7.391   -6.568  -14.248 1.00 11.79 ? 223  GLU A CA  1 
ATOM   1142 C  C   . GLU A 1 145 ? 6.160   -5.757  -13.845 1.00 11.73 ? 223  GLU A C   1 
ATOM   1143 O  O   . GLU A 1 145 ? 5.139   -6.315  -13.450 1.00 11.10 ? 223  GLU A O   1 
ATOM   1144 C  CB  . GLU A 1 145 ? 7.157   -7.244  -15.605 1.00 13.18 ? 223  GLU A CB  1 
ATOM   1145 C  CG  . GLU A 1 145 ? 8.406   -7.896  -16.162 1.00 12.88 ? 223  GLU A CG  1 
ATOM   1146 C  CD  . GLU A 1 145 ? 9.592   -6.942  -16.238 1.00 13.76 ? 223  GLU A CD  1 
ATOM   1147 O  OE1 . GLU A 1 145 ? 9.403   -5.728  -16.471 1.00 9.38  ? 223  GLU A OE1 1 
ATOM   1148 O  OE2 . GLU A 1 145 ? 10.725  -7.419  -16.044 1.00 10.26 ? 223  GLU A OE2 1 
ATOM   1149 N  N   . THR A 1 146 ? 6.247   -4.449  -14.019 1.00 10.95 ? 224  THR A N   1 
ATOM   1150 C  CA  . THR A 1 146 ? 5.183   -3.555  -13.601 1.00 12.39 ? 224  THR A CA  1 
ATOM   1151 C  C   . THR A 1 146 ? 4.339   -2.933  -14.709 1.00 13.78 ? 224  THR A C   1 
ATOM   1152 O  O   . THR A 1 146 ? 3.242   -2.427  -14.442 1.00 13.78 ? 224  THR A O   1 
ATOM   1153 C  CB  . THR A 1 146 ? 5.791   -2.378  -12.780 1.00 12.04 ? 224  THR A CB  1 
ATOM   1154 O  OG1 . THR A 1 146 ? 6.754   -1.690  -13.599 1.00 9.70  ? 224  THR A OG1 1 
ATOM   1155 C  CG2 . THR A 1 146 ? 6.488   -2.897  -11.516 1.00 10.00 ? 224  THR A CG2 1 
ATOM   1156 N  N   . SER A 1 147 ? 4.854   -2.936  -15.935 1.00 13.38 ? 225  SER A N   1 
ATOM   1157 C  CA  . SER A 1 147 ? 4.155   -2.306  -17.058 1.00 14.64 ? 225  SER A CA  1 
ATOM   1158 C  C   . SER A 1 147 ? 2.692   -2.689  -17.269 1.00 15.62 ? 225  SER A C   1 
ATOM   1159 O  O   . SER A 1 147 ? 1.884   -1.859  -17.705 1.00 14.66 ? 225  SER A O   1 
ATOM   1160 C  CB  . SER A 1 147 ? 4.943   -2.507  -18.358 1.00 16.10 ? 225  SER A CB  1 
ATOM   1161 O  OG  . SER A 1 147 ? 5.010   -3.876  -18.732 1.00 17.63 ? 225  SER A OG  1 
ATOM   1162 N  N   . ASN A 1 148 ? 2.369   -3.952  -17.008 1.00 14.24 ? 226  ASN A N   1 
ATOM   1163 C  CA  . ASN A 1 148 ? 1.008   -4.456  -17.172 1.00 15.40 ? 226  ASN A CA  1 
ATOM   1164 C  C   . ASN A 1 148 ? 0.740   -5.407  -16.015 1.00 14.58 ? 226  ASN A C   1 
ATOM   1165 O  O   . ASN A 1 148 ? 0.116   -6.461  -16.192 1.00 13.53 ? 226  ASN A O   1 
ATOM   1166 C  CB  . ASN A 1 148 ? 0.859   -5.244  -18.495 1.00 18.27 ? 226  ASN A CB  1 
ATOM   1167 C  CG  . ASN A 1 148 ? 1.059   -4.382  -19.744 1.00 21.35 ? 226  ASN A CG  1 
ATOM   1168 O  OD1 . ASN A 1 148 ? 0.099   -3.880  -20.335 1.00 18.62 ? 226  ASN A OD1 1 
ATOM   1169 N  ND2 . ASN A 1 148 ? 2.305   -4.242  -20.169 1.00 20.88 ? 226  ASN A ND2 1 
ATOM   1170 N  N   . TYR A 1 149 ? 1.206   -5.034  -14.828 1.00 13.90 ? 227  TYR A N   1 
ATOM   1171 C  CA  . TYR A 1 149 ? 1.041   -5.878  -13.648 1.00 13.19 ? 227  TYR A CA  1 
ATOM   1172 C  C   . TYR A 1 149 ? -0.414  -6.037  -13.228 1.00 12.99 ? 227  TYR A C   1 
ATOM   1173 O  O   . TYR A 1 149 ? -1.232  -5.123  -13.402 1.00 13.43 ? 227  TYR A O   1 
ATOM   1174 C  CB  . TYR A 1 149 ? 1.861   -5.299  -12.485 1.00 13.93 ? 227  TYR A CB  1 
ATOM   1175 C  CG  . TYR A 1 149 ? 1.982   -6.180  -11.247 1.00 13.71 ? 227  TYR A CG  1 
ATOM   1176 C  CD1 . TYR A 1 149 ? 2.947   -7.187  -11.164 1.00 16.47 ? 227  TYR A CD1 1 
ATOM   1177 C  CD2 . TYR A 1 149 ? 1.144   -5.991  -10.153 1.00 11.65 ? 227  TYR A CD2 1 
ATOM   1178 C  CE1 . TYR A 1 149 ? 3.061   -7.979  -10.015 1.00 15.75 ? 227  TYR A CE1 1 
ATOM   1179 C  CE2 . TYR A 1 149 ? 1.250   -6.778  -9.003  1.00 11.79 ? 227  TYR A CE2 1 
ATOM   1180 C  CZ  . TYR A 1 149 ? 2.201   -7.765  -8.941  1.00 12.63 ? 227  TYR A CZ  1 
ATOM   1181 O  OH  . TYR A 1 149 ? 2.273   -8.539  -7.810  1.00 11.60 ? 227  TYR A OH  1 
ATOM   1182 N  N   . SER A 1 150 ? -0.756  -7.239  -12.772 1.00 12.05 ? 228  SER A N   1 
ATOM   1183 C  CA  . SER A 1 150 ? -2.095  -7.514  -12.261 1.00 12.57 ? 228  SER A CA  1 
ATOM   1184 C  C   . SER A 1 150 ? -1.928  -8.363  -11.002 1.00 11.41 ? 228  SER A C   1 
ATOM   1185 O  O   . SER A 1 150 ? -0.927  -9.077  -10.856 1.00 10.59 ? 228  SER A O   1 
ATOM   1186 C  CB  . SER A 1 150 ? -2.987  -8.202  -13.301 1.00 17.00 ? 228  SER A CB  1 
ATOM   1187 O  OG  . SER A 1 150 ? -2.450  -9.445  -13.732 1.00 23.94 ? 228  SER A OG  1 
ATOM   1188 N  N   . LEU A 1 151 ? -2.859  -8.234  -10.068 1.00 9.40  ? 229  LEU A N   1 
ATOM   1189 C  CA  . LEU A 1 151 ? -2.781  -8.974  -8.821  1.00 10.50 ? 229  LEU A CA  1 
ATOM   1190 C  C   . LEU A 1 151 ? -2.636  -10.473 -8.984  1.00 10.35 ? 229  LEU A C   1 
ATOM   1191 O  O   . LEU A 1 151 ? -3.356  -11.080 -9.783  1.00 9.77  ? 229  LEU A O   1 
ATOM   1192 C  CB  . LEU A 1 151 ? -4.049  -8.775  -7.996  1.00 12.74 ? 229  LEU A CB  1 
ATOM   1193 C  CG  . LEU A 1 151 ? -4.277  -7.524  -7.175  1.00 15.06 ? 229  LEU A CG  1 
ATOM   1194 C  CD1 . LEU A 1 151 ? -5.556  -7.716  -6.383  1.00 12.06 ? 229  LEU A CD1 1 
ATOM   1195 C  CD2 . LEU A 1 151 ? -3.090  -7.305  -6.226  1.00 13.34 ? 229  LEU A CD2 1 
ATOM   1196 N  N   . PRO A 1 152 ? -1.690  -11.092 -8.248  1.00 9.89  ? 230  PRO A N   1 
ATOM   1197 C  CA  . PRO A 1 152 ? -1.513  -12.545 -8.331  1.00 8.41  ? 230  PRO A CA  1 
ATOM   1198 C  C   . PRO A 1 152 ? -2.839  -13.164 -7.864  1.00 7.91  ? 230  PRO A C   1 
ATOM   1199 O  O   . PRO A 1 152 ? -3.569  -12.575 -7.042  1.00 6.20  ? 230  PRO A O   1 
ATOM   1200 C  CB  . PRO A 1 152 ? -0.376  -12.807 -7.338  1.00 7.81  ? 230  PRO A CB  1 
ATOM   1201 C  CG  . PRO A 1 152 ? 0.488   -11.597 -7.553  1.00 10.00 ? 230  PRO A CG  1 
ATOM   1202 C  CD  . PRO A 1 152 ? -0.546  -10.470 -7.542  1.00 9.73  ? 230  PRO A CD  1 
ATOM   1203 N  N   . GLN A 1 153 ? -3.144  -14.362 -8.336  1.00 5.77  ? 231  GLN A N   1 
ATOM   1204 C  CA  . GLN A 1 153 ? -4.423  -14.972 -7.971  1.00 6.42  ? 231  GLN A CA  1 
ATOM   1205 C  C   . GLN A 1 153 ? -4.697  -15.096 -6.475  1.00 4.54  ? 231  GLN A C   1 
ATOM   1206 O  O   . GLN A 1 153 ? -5.842  -14.982 -6.038  1.00 3.93  ? 231  GLN A O   1 
ATOM   1207 C  CB  . GLN A 1 153 ? -4.605  -16.327 -8.683  1.00 9.28  ? 231  GLN A CB  1 
ATOM   1208 C  CG  . GLN A 1 153 ? -6.075  -16.645 -9.012  1.00 10.75 ? 231  GLN A CG  1 
ATOM   1209 C  CD  . GLN A 1 153 ? -6.678  -15.666 -10.038 1.00 15.06 ? 231  GLN A CD  1 
ATOM   1210 O  OE1 . GLN A 1 153 ? -6.036  -15.320 -11.040 1.00 14.92 ? 231  GLN A OE1 1 
ATOM   1211 N  NE2 . GLN A 1 153 ? -7.913  -15.242 -9.801  1.00 9.12  ? 231  GLN A NE2 1 
ATOM   1212 N  N   . ASP A 1 154 ? -3.654  -15.314 -5.679  1.00 3.79  ? 232  ASP A N   1 
ATOM   1213 C  CA  . ASP A 1 154 ? -3.844  -15.450 -4.239  1.00 6.03  ? 232  ASP A CA  1 
ATOM   1214 C  C   . ASP A 1 154 ? -4.368  -14.148 -3.590  1.00 5.06  ? 232  ASP A C   1 
ATOM   1215 O  O   . ASP A 1 154 ? -5.188  -14.181 -2.665  1.00 4.02  ? 232  ASP A O   1 
ATOM   1216 C  CB  . ASP A 1 154 ? -2.530  -15.875 -3.550  1.00 8.83  ? 232  ASP A CB  1 
ATOM   1217 C  CG  . ASP A 1 154 ? -2.704  -16.086 -2.061  1.00 8.04  ? 232  ASP A CG  1 
ATOM   1218 O  OD1 . ASP A 1 154 ? -3.409  -17.045 -1.665  1.00 6.27  ? 232  ASP A OD1 1 
ATOM   1219 O  OD2 . ASP A 1 154 ? -2.163  -15.271 -1.283  1.00 6.30  ? 232  ASP A OD2 1 
ATOM   1220 N  N   . ASP A 1 155 ? -3.890  -13.018 -4.096  1.00 5.00  ? 233  ASP A N   1 
ATOM   1221 C  CA  . ASP A 1 155 ? -4.313  -11.724 -3.571  1.00 5.75  ? 233  ASP A CA  1 
ATOM   1222 C  C   . ASP A 1 155 ? -5.763  -11.434 -3.976  1.00 6.82  ? 233  ASP A C   1 
ATOM   1223 O  O   . ASP A 1 155 ? -6.530  -10.856 -3.200  1.00 4.62  ? 233  ASP A O   1 
ATOM   1224 C  CB  . ASP A 1 155 ? -3.352  -10.657 -4.041  1.00 6.32  ? 233  ASP A CB  1 
ATOM   1225 C  CG  . ASP A 1 155 ? -1.918  -10.986 -3.657  1.00 7.28  ? 233  ASP A CG  1 
ATOM   1226 O  OD1 . ASP A 1 155 ? -1.590  -10.937 -2.448  1.00 4.25  ? 233  ASP A OD1 1 
ATOM   1227 O  OD2 . ASP A 1 155 ? -1.152  -11.354 -4.562  1.00 3.52  ? 233  ASP A OD2 1 
ATOM   1228 N  N   . ILE A 1 156 ? -6.145  -11.900 -5.165  1.00 5.39  ? 234  ILE A N   1 
ATOM   1229 C  CA  . ILE A 1 156 ? -7.521  -11.758 -5.641  1.00 6.60  ? 234  ILE A CA  1 
ATOM   1230 C  C   . ILE A 1 156 ? -8.422  -12.567 -4.699  1.00 7.16  ? 234  ILE A C   1 
ATOM   1231 O  O   . ILE A 1 156 ? -9.470  -12.088 -4.245  1.00 4.54  ? 234  ILE A O   1 
ATOM   1232 C  CB  . ILE A 1 156 ? -7.652  -12.253 -7.119  1.00 7.59  ? 234  ILE A CB  1 
ATOM   1233 C  CG1 . ILE A 1 156 ? -6.910  -11.283 -8.044  1.00 8.20  ? 234  ILE A CG1 1 
ATOM   1234 C  CG2 . ILE A 1 156 ? -9.140  -12.407 -7.516  1.00 8.73  ? 234  ILE A CG2 1 
ATOM   1235 C  CD1 . ILE A 1 156 ? -6.898  -11.692 -9.510  1.00 9.64  ? 234  ILE A CD1 1 
ATOM   1236 N  N   . ASP A 1 157 ? -7.991  -13.780 -4.366  1.00 4.84  ? 235  ASP A N   1 
ATOM   1237 C  CA  . ASP A 1 157 ? -8.734  -14.621 -3.455  1.00 6.02  ? 235  ASP A CA  1 
ATOM   1238 C  C   . ASP A 1 157 ? -8.918  -13.935 -2.113  1.00 5.91  ? 235  ASP A C   1 
ATOM   1239 O  O   . ASP A 1 157 ? -10.004 -13.999 -1.498  1.00 4.77  ? 235  ASP A O   1 
ATOM   1240 C  CB  . ASP A 1 157 ? -7.992  -15.942 -3.216  1.00 7.69  ? 235  ASP A CB  1 
ATOM   1241 C  CG  . ASP A 1 157 ? -7.967  -16.826 -4.444  1.00 11.09 ? 235  ASP A CG  1 
ATOM   1242 O  OD1 . ASP A 1 157 ? -8.786  -16.599 -5.354  1.00 7.71  ? 235  ASP A OD1 1 
ATOM   1243 O  OD2 . ASP A 1 157 ? -7.118  -17.741 -4.492  1.00 6.31  ? 235  ASP A OD2 1 
ATOM   1244 N  N   . GLY A 1 158 ? -7.847  -13.289 -1.658  1.00 5.17  ? 236  GLY A N   1 
ATOM   1245 C  CA  . GLY A 1 158 ? -7.882  -12.613 -0.380  1.00 6.24  ? 236  GLY A CA  1 
ATOM   1246 C  C   . GLY A 1 158 ? -8.834  -11.430 -0.334  1.00 6.00  ? 236  GLY A C   1 
ATOM   1247 O  O   . GLY A 1 158 ? -9.667  -11.329 0.571   1.00 3.75  ? 236  GLY A O   1 
ATOM   1248 N  N   . ILE A 1 159 ? -8.721  -10.537 -1.314  1.00 6.30  ? 237  ILE A N   1 
ATOM   1249 C  CA  . ILE A 1 159 ? -9.581  -9.343  -1.353  1.00 7.84  ? 237  ILE A CA  1 
ATOM   1250 C  C   . ILE A 1 159 ? -11.065 -9.721  -1.585  1.00 7.79  ? 237  ILE A C   1 
ATOM   1251 O  O   . ILE A 1 159 ? -11.976 -9.079  -1.054  1.00 5.80  ? 237  ILE A O   1 
ATOM   1252 C  CB  . ILE A 1 159 ? -9.043  -8.291  -2.376  1.00 9.47  ? 237  ILE A CB  1 
ATOM   1253 C  CG1 . ILE A 1 159 ? -9.604  -6.893  -2.053  1.00 10.06 ? 237  ILE A CG1 1 
ATOM   1254 C  CG2 . ILE A 1 159 ? -9.331  -8.734  -3.834  1.00 9.76  ? 237  ILE A CG2 1 
ATOM   1255 C  CD1 . ILE A 1 159 ? -9.059  -6.292  -0.739  1.00 11.95 ? 237  ILE A CD1 1 
ATOM   1256 N  N   . GLN A 1 160 ? -11.288 -10.801 -2.333  1.00 6.91  ? 238  GLN A N   1 
ATOM   1257 C  CA  . GLN A 1 160 ? -12.641 -11.306 -2.592  1.00 6.48  ? 238  GLN A CA  1 
ATOM   1258 C  C   . GLN A 1 160 ? -13.210 -11.914 -1.312  1.00 7.05  ? 238  GLN A C   1 
ATOM   1259 O  O   . GLN A 1 160 ? -14.407 -11.841 -1.066  1.00 7.16  ? 238  GLN A O   1 
ATOM   1260 C  CB  . GLN A 1 160 ? -12.624 -12.339 -3.726  1.00 6.37  ? 238  GLN A CB  1 
ATOM   1261 C  CG  . GLN A 1 160 ? -12.535 -11.722 -5.118  1.00 6.40  ? 238  GLN A CG  1 
ATOM   1262 C  CD  . GLN A 1 160 ? -13.904 -11.357 -5.678  1.00 5.91  ? 238  GLN A CD  1 
ATOM   1263 O  OE1 . GLN A 1 160 ? -14.882 -12.082 -5.464  1.00 4.92  ? 238  GLN A OE1 1 
ATOM   1264 N  NE2 . GLN A 1 160 ? -13.979 -10.248 -6.409  1.00 4.43  ? 238  GLN A NE2 1 
ATOM   1265 N  N   . ALA A 1 161 ? -12.342 -12.485 -0.480  1.00 5.85  ? 239  ALA A N   1 
ATOM   1266 C  CA  . ALA A 1 161 ? -12.775 -13.068 0.782   1.00 7.23  ? 239  ALA A CA  1 
ATOM   1267 C  C   . ALA A 1 161 ? -13.272 -11.970 1.734   1.00 7.78  ? 239  ALA A C   1 
ATOM   1268 O  O   . ALA A 1 161 ? -14.166 -12.192 2.552   1.00 7.70  ? 239  ALA A O   1 
ATOM   1269 C  CB  . ALA A 1 161 ? -11.631 -13.839 1.425   1.00 9.73  ? 239  ALA A CB  1 
ATOM   1270 N  N   . ILE A 1 162 ? -12.693 -10.785 1.615   1.00 6.72  ? 240  ILE A N   1 
ATOM   1271 C  CA  . ILE A 1 162 ? -13.095 -9.687  2.476   1.00 8.88  ? 240  ILE A CA  1 
ATOM   1272 C  C   . ILE A 1 162 ? -14.260 -8.878  1.927   1.00 9.00  ? 240  ILE A C   1 
ATOM   1273 O  O   . ILE A 1 162 ? -15.258 -8.686  2.618   1.00 8.69  ? 240  ILE A O   1 
ATOM   1274 C  CB  . ILE A 1 162 ? -11.941 -8.693  2.709   1.00 10.65 ? 240  ILE A CB  1 
ATOM   1275 C  CG1 . ILE A 1 162 ? -10.674 -9.433  3.158   1.00 13.82 ? 240  ILE A CG1 1 
ATOM   1276 C  CG2 . ILE A 1 162 ? -12.360 -7.650  3.762   1.00 10.18 ? 240  ILE A CG2 1 
ATOM   1277 C  CD1 . ILE A 1 162 ? -9.454  -8.518  3.345   1.00 16.31 ? 240  ILE A CD1 1 
ATOM   1278 N  N   . TYR A 1 163 ? -14.110 -8.414  0.694   1.00 9.40  ? 241  TYR A N   1 
ATOM   1279 C  CA  . TYR A 1 163 ? -15.106 -7.556  0.052   1.00 12.41 ? 241  TYR A CA  1 
ATOM   1280 C  C   . TYR A 1 163 ? -15.984 -8.221  -1.003  1.00 15.59 ? 241  TYR A C   1 
ATOM   1281 O  O   . TYR A 1 163 ? -16.662 -7.524  -1.773  1.00 16.03 ? 241  TYR A O   1 
ATOM   1282 C  CB  . TYR A 1 163 ? -14.395 -6.349  -0.568  1.00 11.79 ? 241  TYR A CB  1 
ATOM   1283 C  CG  . TYR A 1 163 ? -13.630 -5.538  0.444   1.00 12.10 ? 241  TYR A CG  1 
ATOM   1284 C  CD1 . TYR A 1 163 ? -14.302 -4.692  1.329   1.00 10.52 ? 241  TYR A CD1 1 
ATOM   1285 C  CD2 . TYR A 1 163 ? -12.243 -5.668  0.571   1.00 12.26 ? 241  TYR A CD2 1 
ATOM   1286 C  CE1 . TYR A 1 163 ? -13.629 -4.012  2.317   1.00 9.99  ? 241  TYR A CE1 1 
ATOM   1287 C  CE2 . TYR A 1 163 ? -11.552 -4.979  1.569   1.00 11.16 ? 241  TYR A CE2 1 
ATOM   1288 C  CZ  . TYR A 1 163 ? -12.258 -4.160  2.441   1.00 11.09 ? 241  TYR A CZ  1 
ATOM   1289 O  OH  . TYR A 1 163 ? -11.619 -3.520  3.471   1.00 5.81  ? 241  TYR A OH  1 
ATOM   1290 N  N   . GLY A 1 164 ? -15.957 -9.547  -1.057  1.00 15.59 ? 242  GLY A N   1 
ATOM   1291 C  CA  . GLY A 1 164 ? -16.756 -10.258 -2.030  1.00 18.78 ? 242  GLY A CA  1 
ATOM   1292 C  C   . GLY A 1 164 ? -18.060 -10.739 -1.423  1.00 20.45 ? 242  GLY A C   1 
ATOM   1293 O  O   . GLY A 1 164 ? -18.679 -10.044 -0.608  1.00 19.57 ? 242  GLY A O   1 
ATOM   1294 N  N   . ASP A 1 165 ? -18.446 -11.958 -1.797  1.00 21.86 ? 243  ASP A N   1 
ATOM   1295 C  CA  . ASP A 1 165 ? -19.682 -12.595 -1.332  1.00 24.67 ? 243  ASP A CA  1 
ATOM   1296 C  C   . ASP A 1 165 ? -19.857 -12.557 0.202   1.00 26.31 ? 243  ASP A C   1 
ATOM   1297 O  O   . ASP A 1 165 ? -20.992 -12.271 0.661   1.00 25.71 ? 243  ASP A O   1 
ATOM   1298 C  CB  . ASP A 1 165 ? -19.723 -14.044 -1.863  1.00 25.55 ? 243  ASP A CB  1 
ATOM   1299 C  CG  . ASP A 1 165 ? -21.095 -14.701 -1.721  1.00 29.14 ? 243  ASP A CG  1 
ATOM   1300 O  OD1 . ASP A 1 165 ? -22.099 -14.113 -2.197  1.00 26.71 ? 243  ASP A OD1 1 
ATOM   1301 O  OD2 . ASP A 1 165 ? -21.156 -15.829 -1.173  1.00 28.56 ? 243  ASP A OD2 1 
ATOM   1302 O  OXT . ASP A 1 165 ? -18.866 -12.800 0.932   1.00 27.18 ? 243  ASP A OXT 1 
HETATM 1303 CA CA  . CA  B 2 .   ? -6.981  6.796   8.090   1.00 6.93  ? 996  CA  A CA  1 
HETATM 1304 CA CA  . CA  C 2 .   ? 14.275  1.106   5.944   1.00 5.15  ? 997  CA  A CA  1 
HETATM 1305 ZN ZN  . ZN  D 3 .   ? 4.526   4.961   10.539  1.00 7.31  ? 998  ZN  A ZN  1 
HETATM 1306 ZN ZN  . ZN  E 3 .   ? 3.537   -6.555  4.597   1.00 8.33  ? 999  ZN  A ZN  1 
HETATM 1307 C  C1  . BSI F 4 .   ? 6.213   -7.965  9.630   1.00 26.59 ? 250  BSI A C1  1 
HETATM 1308 C  C2  . BSI F 4 .   ? 6.998   -7.757  8.469   1.00 24.07 ? 250  BSI A C2  1 
HETATM 1309 C  C3  . BSI F 4 .   ? 7.034   -6.486  7.876   1.00 15.53 ? 250  BSI A C3  1 
HETATM 1310 C  C7  . BSI F 4 .   ? 7.911   -6.310  6.696   1.00 11.45 ? 250  BSI A C7  1 
HETATM 1311 C  C9  . BSI F 4 .   ? 6.495   -4.169  6.288   1.00 8.44  ? 250  BSI A C9  1 
HETATM 1312 C  C10 . BSI F 4 .   ? 6.254   -4.038  7.792   1.00 10.33 ? 250  BSI A C10 1 
HETATM 1313 C  C16 . BSI F 4 .   ? 7.867   -5.170  3.363   1.00 9.04  ? 250  BSI A C16 1 
HETATM 1314 C  C19 . BSI F 4 .   ? 6.880   -6.008  0.829   1.00 11.01 ? 250  BSI A C19 1 
HETATM 1315 C  C20 . BSI F 4 .   ? 7.415   -6.943  1.797   1.00 13.56 ? 250  BSI A C20 1 
HETATM 1316 C  C21 . BSI F 4 .   ? 7.903   -6.559  3.065   1.00 9.18  ? 250  BSI A C21 1 
HETATM 1317 C  C22 . BSI F 4 .   ? 6.561   -6.464  -0.547  1.00 9.83  ? 250  BSI A C22 1 
HETATM 1318 C  C24 . BSI F 4 .   ? 6.352   -6.027  -2.946  1.00 12.39 ? 250  BSI A C24 1 
HETATM 1319 C  C27 . BSI F 4 .   ? 6.211   -7.830  -0.774  1.00 11.56 ? 250  BSI A C27 1 
HETATM 1320 O  O28 . BSI F 4 .   ? 9.870   -5.460  4.952   1.00 12.83 ? 250  BSI A O28 1 
HETATM 1321 C  C4  . BSI F 4 .   ? 6.279   -5.413  8.424   1.00 17.89 ? 250  BSI A C4  1 
HETATM 1322 C  C5  . BSI F 4 .   ? 5.512   -5.613  9.611   1.00 24.34 ? 250  BSI A C5  1 
HETATM 1323 C  C6  . BSI F 4 .   ? 5.486   -6.900  10.200  1.00 26.65 ? 250  BSI A C6  1 
HETATM 1324 N  N8  . BSI F 4 .   ? 7.732   -4.980  6.080   1.00 5.53  ? 250  BSI A N8  1 
HETATM 1325 S  S15 . BSI F 4 .   ? 8.690   -4.630  4.844   1.00 7.54  ? 250  BSI A S15 1 
HETATM 1326 C  C17 . BSI F 4 .   ? 7.266   -4.227  2.474   1.00 8.79  ? 250  BSI A C17 1 
HETATM 1327 C  C18 . BSI F 4 .   ? 6.763   -4.642  1.213   1.00 9.90  ? 250  BSI A C18 1 
HETATM 1328 C  C23 . BSI F 4 .   ? 6.642   -5.555  -1.627  1.00 9.10  ? 250  BSI A C23 1 
HETATM 1329 C  C25 . BSI F 4 .   ? 5.997   -7.383  -3.174  1.00 9.58  ? 250  BSI A C25 1 
HETATM 1330 C  C26 . BSI F 4 .   ? 5.929   -8.291  -2.082  1.00 10.66 ? 250  BSI A C26 1 
HETATM 1331 O  O29 . BSI F 4 .   ? 8.818   -3.205  4.779   1.00 8.20  ? 250  BSI A O29 1 
HETATM 1332 C  C43 . BSI F 4 .   ? 5.283   -4.811  5.624   1.00 7.64  ? 250  BSI A C43 1 
HETATM 1333 O  O45 . BSI F 4 .   ? 4.359   -4.103  5.177   1.00 5.68  ? 250  BSI A O45 1 
HETATM 1334 O  O46 . BSI F 4 .   ? 5.184   -6.067  5.555   1.00 5.14  ? 250  BSI A O46 1 
HETATM 1335 N  N1  . EPE G 5 .   ? 3.820   2.631   -13.715 1.00 30.62 ? 260  EPE A N1  1 
HETATM 1336 C  C2  . EPE G 5 .   ? 2.861   2.757   -14.851 1.00 29.88 ? 260  EPE A C2  1 
HETATM 1337 C  C3  . EPE G 5 .   ? 2.225   1.409   -15.212 1.00 29.61 ? 260  EPE A C3  1 
HETATM 1338 N  N4  . EPE G 5 .   ? 1.608   0.755   -14.035 1.00 28.79 ? 260  EPE A N4  1 
HETATM 1339 C  C5  . EPE G 5 .   ? 2.625   0.588   -12.945 1.00 29.95 ? 260  EPE A C5  1 
HETATM 1340 C  C6  . EPE G 5 .   ? 3.233   1.941   -12.525 1.00 27.73 ? 260  EPE A C6  1 
HETATM 1341 C  C7  . EPE G 5 .   ? 0.952   -0.442  -14.604 1.00 29.89 ? 260  EPE A C7  1 
HETATM 1342 C  C8  . EPE G 5 .   ? 0.566   -1.420  -13.513 1.00 32.45 ? 260  EPE A C8  1 
HETATM 1343 O  O8  . EPE G 5 .   ? -0.713  -1.973  -13.797 1.00 37.06 ? 260  EPE A O8  1 
HETATM 1344 C  C9  . EPE G 5 .   ? 4.511   3.931   -13.439 1.00 30.50 ? 260  EPE A C9  1 
HETATM 1345 C  C10 . EPE G 5 .   ? 4.907   4.768   -14.670 1.00 29.34 ? 260  EPE A C10 1 
HETATM 1346 S  S   . EPE G 5 .   ? 5.733   6.334   -14.134 1.00 27.24 ? 260  EPE A S   1 
HETATM 1347 O  O1S . EPE G 5 .   ? 6.669   5.996   -12.896 1.00 21.90 ? 260  EPE A O1S 1 
HETATM 1348 O  O2S . EPE G 5 .   ? 4.728   7.208   -13.619 1.00 27.38 ? 260  EPE A O2S 1 
HETATM 1349 O  O3S . EPE G 5 .   ? 6.537   6.897   -15.199 1.00 27.65 ? 260  EPE A O3S 1 
HETATM 1350 O  O   . HOH H 6 .   ? -0.076  4.551   16.334  1.00 36.38 ? 1000 HOH A O   1 
HETATM 1351 O  O   . HOH H 6 .   ? 14.112  9.783   15.074  1.00 5.72  ? 1001 HOH A O   1 
HETATM 1352 O  O   . HOH H 6 .   ? 3.764   9.556   -14.213 1.00 8.89  ? 1002 HOH A O   1 
HETATM 1353 O  O   . HOH H 6 .   ? -2.464  9.455   -7.079  1.00 5.76  ? 1003 HOH A O   1 
HETATM 1354 O  O   . HOH H 6 .   ? -16.827 -13.327 -3.689  1.00 10.08 ? 1004 HOH A O   1 
HETATM 1355 O  O   . HOH H 6 .   ? 12.059  10.034  0.530   1.00 7.55  ? 1005 HOH A O   1 
HETATM 1356 O  O   . HOH H 6 .   ? -13.890 -2.746  -9.057  1.00 5.43  ? 1006 HOH A O   1 
HETATM 1357 O  O   . HOH H 6 .   ? 7.202   3.015   -8.918  1.00 7.36  ? 1007 HOH A O   1 
HETATM 1358 O  O   . HOH H 6 .   ? -9.723  -8.292  7.407   1.00 11.55 ? 1008 HOH A O   1 
HETATM 1359 O  O   . HOH H 6 .   ? -11.616 7.170   7.609   1.00 11.58 ? 1009 HOH A O   1 
HETATM 1360 O  O   . HOH H 6 .   ? 10.219  16.017  -0.562  1.00 44.90 ? 1010 HOH A O   1 
HETATM 1361 O  O   . HOH H 6 .   ? 9.524   -0.792  -13.447 1.00 12.18 ? 1011 HOH A O   1 
HETATM 1362 O  O   . HOH H 6 .   ? -17.564 1.189   -4.311  1.00 24.28 ? 1012 HOH A O   1 
HETATM 1363 O  O   . HOH H 6 .   ? 5.811   16.039  -11.501 1.00 8.75  ? 1013 HOH A O   1 
HETATM 1364 O  O   . HOH H 6 .   ? -3.217  13.837  -2.615  1.00 5.00  ? 1014 HOH A O   1 
HETATM 1365 O  O   . HOH H 6 .   ? -1.454  10.038  -11.404 1.00 19.60 ? 1015 HOH A O   1 
HETATM 1366 O  O   . HOH H 6 .   ? 0.478   17.493  3.168   1.00 54.66 ? 1016 HOH A O   1 
HETATM 1367 O  O   . HOH H 6 .   ? -19.090 3.940   -0.065  1.00 26.99 ? 1017 HOH A O   1 
HETATM 1368 O  O   . HOH H 6 .   ? 14.277  5.851   8.262   1.00 4.27  ? 1018 HOH A O   1 
HETATM 1369 O  O   . HOH H 6 .   ? 6.771   17.971  2.629   1.00 14.94 ? 1019 HOH A O   1 
HETATM 1370 O  O   . HOH H 6 .   ? -4.574  3.357   -12.665 1.00 13.23 ? 1020 HOH A O   1 
HETATM 1371 O  O   . HOH H 6 .   ? 15.440  -7.367  -4.816  1.00 26.98 ? 1021 HOH A O   1 
HETATM 1372 O  O   . HOH H 6 .   ? 12.888  17.113  -4.020  1.00 40.52 ? 1022 HOH A O   1 
HETATM 1373 O  O   . HOH H 6 .   ? 20.092  2.239   9.317   1.00 13.37 ? 1023 HOH A O   1 
HETATM 1374 O  O   . HOH H 6 .   ? 12.971  11.359  13.164  1.00 6.40  ? 1024 HOH A O   1 
HETATM 1375 O  O   . HOH H 6 .   ? 6.970   1.288   -11.657 1.00 8.38  ? 1025 HOH A O   1 
HETATM 1376 O  O   . HOH H 6 .   ? -2.674  -12.487 -0.438  1.00 5.97  ? 1026 HOH A O   1 
HETATM 1377 O  O   . HOH H 6 .   ? -8.525  9.966   -7.742  1.00 24.76 ? 1027 HOH A O   1 
HETATM 1378 O  O   . HOH H 6 .   ? -2.867  -1.934  12.158  1.00 9.39  ? 1028 HOH A O   1 
HETATM 1379 O  O   . HOH H 6 .   ? 13.835  -4.237  -7.083  1.00 6.54  ? 1029 HOH A O   1 
HETATM 1380 O  O   . HOH H 6 .   ? -2.819  -12.489 2.378   1.00 7.36  ? 1030 HOH A O   1 
HETATM 1381 O  O   . HOH H 6 .   ? 13.509  5.359   -10.777 1.00 9.03  ? 1031 HOH A O   1 
HETATM 1382 O  O   . HOH H 6 .   ? 7.343   6.485   14.408  1.00 3.33  ? 1032 HOH A O   1 
HETATM 1383 O  O   . HOH H 6 .   ? 7.889   -11.117 -3.207  1.00 14.74 ? 1033 HOH A O   1 
HETATM 1384 O  O   . HOH H 6 .   ? -4.513  -5.165  7.797   1.00 12.90 ? 1034 HOH A O   1 
HETATM 1385 O  O   . HOH H 6 .   ? -5.110  -6.350  -10.501 1.00 7.67  ? 1035 HOH A O   1 
HETATM 1386 O  O   . HOH H 6 .   ? 13.660  -5.264  2.813   1.00 33.90 ? 1036 HOH A O   1 
HETATM 1387 O  O   . HOH H 6 .   ? 20.139  7.772   4.751   1.00 18.62 ? 1037 HOH A O   1 
HETATM 1388 O  O   . HOH H 6 .   ? 7.761   16.504  0.281   1.00 9.00  ? 1038 HOH A O   1 
HETATM 1389 O  O   . HOH H 6 .   ? 17.054  1.941   -0.375  1.00 7.17  ? 1039 HOH A O   1 
HETATM 1390 O  O   . HOH H 6 .   ? -11.627 -16.246 -1.908  1.00 5.75  ? 1040 HOH A O   1 
HETATM 1391 O  O   . HOH H 6 .   ? 7.780   -0.736  10.773  1.00 12.54 ? 1041 HOH A O   1 
HETATM 1392 O  O   . HOH H 6 .   ? -7.491  9.035   8.027   1.00 12.83 ? 1042 HOH A O   1 
HETATM 1393 O  O   . HOH H 6 .   ? -1.644  -17.367 2.903   1.00 8.51  ? 1043 HOH A O   1 
HETATM 1394 O  O   . HOH H 6 .   ? 2.379   9.087   11.886  1.00 7.55  ? 1044 HOH A O   1 
HETATM 1395 O  O   . HOH H 6 .   ? -2.674  -0.972  -11.903 1.00 9.54  ? 1045 HOH A O   1 
HETATM 1396 O  O   . HOH H 6 .   ? 20.878  0.910   6.815   1.00 11.84 ? 1046 HOH A O   1 
HETATM 1397 O  O   . HOH H 6 .   ? 17.455  -5.059  4.185   1.00 11.48 ? 1047 HOH A O   1 
HETATM 1398 O  O   . HOH H 6 .   ? -4.281  5.130   -16.226 1.00 8.78  ? 1048 HOH A O   1 
HETATM 1399 O  O   . HOH H 6 .   ? -0.708  8.706   9.183   1.00 5.22  ? 1049 HOH A O   1 
HETATM 1400 O  O   . HOH H 6 .   ? -9.089  6.114   8.424   1.00 10.20 ? 1050 HOH A O   1 
HETATM 1401 O  O   . HOH H 6 .   ? 10.882  12.441  1.497   1.00 8.61  ? 1051 HOH A O   1 
HETATM 1402 O  O   . HOH H 6 .   ? -6.249  0.547   12.582  1.00 15.95 ? 1052 HOH A O   1 
HETATM 1403 O  O   . HOH H 6 .   ? 5.739   -12.806 -3.811  1.00 11.05 ? 1053 HOH A O   1 
HETATM 1404 O  O   . HOH H 6 .   ? 3.564   -11.420 -9.913  1.00 17.69 ? 1054 HOH A O   1 
HETATM 1405 O  O   . HOH H 6 .   ? 4.073   18.336  2.103   1.00 14.19 ? 1055 HOH A O   1 
HETATM 1406 O  O   . HOH H 6 .   ? -6.828  4.348   -11.510 1.00 19.01 ? 1056 HOH A O   1 
HETATM 1407 O  O   . HOH H 6 .   ? 8.680   -10.597 -13.325 1.00 22.33 ? 1057 HOH A O   1 
HETATM 1408 O  O   . HOH H 6 .   ? -1.917  -19.120 0.796   1.00 33.30 ? 1058 HOH A O   1 
HETATM 1409 O  O   . HOH H 6 .   ? -6.556  4.420   -8.547  1.00 12.43 ? 1059 HOH A O   1 
HETATM 1410 O  O   . HOH H 6 .   ? -1.342  -15.671 -10.122 1.00 12.99 ? 1060 HOH A O   1 
HETATM 1411 O  O   . HOH H 6 .   ? 14.452  6.815   -8.491  1.00 13.50 ? 1061 HOH A O   1 
HETATM 1412 O  O   . HOH H 6 .   ? 8.321   16.846  -9.506  1.00 15.22 ? 1062 HOH A O   1 
HETATM 1413 O  O   . HOH H 6 .   ? -1.989  -7.798  9.228   1.00 15.07 ? 1063 HOH A O   1 
HETATM 1414 O  O   . HOH H 6 .   ? -10.886 -6.546  -13.564 1.00 15.35 ? 1064 HOH A O   1 
HETATM 1415 O  O   . HOH H 6 .   ? 18.844  -1.991  -1.963  1.00 14.31 ? 1065 HOH A O   1 
HETATM 1416 O  O   . HOH H 6 .   ? -18.601 -0.638  -6.537  1.00 20.87 ? 1066 HOH A O   1 
HETATM 1417 O  O   . HOH H 6 .   ? 10.517  15.536  -3.069  1.00 24.96 ? 1067 HOH A O   1 
HETATM 1418 O  O   . HOH H 6 .   ? 2.636   -3.005  7.523   1.00 5.76  ? 1068 HOH A O   1 
HETATM 1419 O  O   . HOH H 6 .   ? 7.748   -3.521  -16.493 1.00 19.55 ? 1069 HOH A O   1 
HETATM 1420 O  O   . HOH H 6 .   ? 0.742   11.374  -11.979 1.00 16.39 ? 1070 HOH A O   1 
HETATM 1421 O  O   . HOH H 6 .   ? 10.045  12.916  4.164   1.00 8.58  ? 1071 HOH A O   1 
HETATM 1422 O  O   . HOH H 6 .   ? -15.528 9.867   -5.722  1.00 22.21 ? 1072 HOH A O   1 
HETATM 1423 O  O   . HOH H 6 .   ? -8.147  2.851   13.685  1.00 28.25 ? 1073 HOH A O   1 
HETATM 1424 O  O   . HOH H 6 .   ? -5.511  -18.543 -2.338  1.00 10.69 ? 1074 HOH A O   1 
HETATM 1425 O  O   . HOH H 6 .   ? 0.883   -11.316 8.592   1.00 21.18 ? 1075 HOH A O   1 
HETATM 1426 O  O   . HOH H 6 .   ? 13.774  1.232   14.101  1.00 29.98 ? 1076 HOH A O   1 
HETATM 1427 O  O   . HOH H 6 .   ? 11.331  9.389   20.287  1.00 15.46 ? 1077 HOH A O   1 
HETATM 1428 O  O   . HOH H 6 .   ? 7.400   12.994  -14.300 1.00 10.23 ? 1078 HOH A O   1 
HETATM 1429 O  O   . HOH H 6 .   ? -2.422  -19.507 -3.080  1.00 14.98 ? 1079 HOH A O   1 
HETATM 1430 O  O   . HOH H 6 .   ? -0.980  -16.356 -6.367  1.00 11.16 ? 1080 HOH A O   1 
HETATM 1431 O  O   . HOH H 6 .   ? -3.312  10.971  -9.117  1.00 10.67 ? 1081 HOH A O   1 
HETATM 1432 O  O   . HOH H 6 .   ? 17.840  3.785   -8.831  1.00 18.55 ? 1082 HOH A O   1 
HETATM 1433 O  O   . HOH H 6 .   ? -10.902 3.328   -8.056  1.00 15.20 ? 1083 HOH A O   1 
HETATM 1434 O  O   . HOH H 6 .   ? 16.358  3.244   -11.058 1.00 22.38 ? 1084 HOH A O   1 
HETATM 1435 O  O   . HOH H 6 .   ? 0.154   -11.466 -11.369 1.00 30.11 ? 1085 HOH A O   1 
HETATM 1436 O  O   . HOH H 6 .   ? -8.346  2.415   -8.265  1.00 19.12 ? 1086 HOH A O   1 
HETATM 1437 O  O   . HOH H 6 .   ? -5.511  -7.163  14.111  1.00 17.96 ? 1087 HOH A O   1 
HETATM 1438 O  O   . HOH H 6 .   ? 9.623   -13.232 -3.490  1.00 33.30 ? 1088 HOH A O   1 
HETATM 1439 O  O   . HOH H 6 .   ? -14.446 -15.446 -1.292  1.00 17.49 ? 1089 HOH A O   1 
HETATM 1440 O  O   . HOH H 6 .   ? -1.550  16.839  0.546   1.00 21.68 ? 1090 HOH A O   1 
HETATM 1441 O  O   . HOH H 6 .   ? 3.521   -15.543 5.686   1.00 19.43 ? 1091 HOH A O   1 
HETATM 1442 O  O   . HOH H 6 .   ? 8.692   6.027   16.892  1.00 20.59 ? 1092 HOH A O   1 
HETATM 1443 O  O   . HOH H 6 .   ? -1.161  15.765  -2.859  1.00 15.73 ? 1093 HOH A O   1 
HETATM 1444 O  O   . HOH H 6 .   ? 10.596  0.020   10.879  1.00 15.59 ? 1094 HOH A O   1 
HETATM 1445 O  O   . HOH H 6 .   ? 3.629   -6.396  -16.338 1.00 14.22 ? 1095 HOH A O   1 
HETATM 1446 O  O   . HOH H 6 .   ? 11.734  -7.714  2.036   1.00 23.69 ? 1096 HOH A O   1 
HETATM 1447 O  O   . HOH H 6 .   ? -9.270  12.664  -7.432  1.00 54.44 ? 1097 HOH A O   1 
HETATM 1448 O  O   . HOH H 6 .   ? 0.735   -8.470  8.265   1.00 20.20 ? 1098 HOH A O   1 
HETATM 1449 O  O   . HOH H 6 .   ? -2.510  -4.801  9.430   1.00 18.81 ? 1099 HOH A O   1 
HETATM 1450 O  O   . HOH H 6 .   ? -6.697  7.257   -8.096  1.00 17.60 ? 1100 HOH A O   1 
HETATM 1451 O  O   . HOH H 6 .   ? 8.333   12.948  -5.612  1.00 14.04 ? 1101 HOH A O   1 
HETATM 1452 O  O   . HOH H 6 .   ? -4.364  -5.105  -12.819 1.00 15.31 ? 1102 HOH A O   1 
HETATM 1453 O  O   . HOH H 6 .   ? 0.526   10.125  6.962   1.00 16.04 ? 1103 HOH A O   1 
HETATM 1454 O  O   . HOH H 6 .   ? 15.853  8.778   0.314   1.00 16.95 ? 1104 HOH A O   1 
HETATM 1455 O  O   . HOH H 6 .   ? -19.713 -10.937 3.282   1.00 49.89 ? 1105 HOH A O   1 
HETATM 1456 O  O   . HOH H 6 .   ? -5.841  6.843   15.259  1.00 20.55 ? 1106 HOH A O   1 
HETATM 1457 O  O   . HOH H 6 .   ? 12.200  15.002  1.295   1.00 24.20 ? 1107 HOH A O   1 
HETATM 1458 O  O   . HOH H 6 .   ? 8.027   17.770  -4.128  1.00 20.82 ? 1108 HOH A O   1 
HETATM 1459 O  O   . HOH H 6 .   ? 0.309   8.936   14.044  1.00 28.86 ? 1109 HOH A O   1 
HETATM 1460 O  O   . HOH H 6 .   ? 16.095  0.661   -15.731 1.00 17.23 ? 1110 HOH A O   1 
HETATM 1461 O  O   . HOH H 6 .   ? 17.897  0.698   -2.651  1.00 18.40 ? 1111 HOH A O   1 
HETATM 1462 O  O   . HOH H 6 .   ? 2.125   11.317  17.326  1.00 24.91 ? 1112 HOH A O   1 
HETATM 1463 O  O   . HOH H 6 .   ? 9.085   15.519  -5.282  1.00 21.89 ? 1113 HOH A O   1 
HETATM 1464 O  O   . HOH H 6 .   ? 6.393   5.591   -10.230 1.00 13.05 ? 1114 HOH A O   1 
HETATM 1465 O  O   . HOH H 6 .   ? 12.742  -1.796  11.598  1.00 25.50 ? 1115 HOH A O   1 
HETATM 1466 O  O   . HOH H 6 .   ? 16.297  -0.919  -13.473 1.00 29.89 ? 1116 HOH A O   1 
HETATM 1467 O  O   . HOH H 6 .   ? 1.929   17.221  -8.503  1.00 22.48 ? 1117 HOH A O   1 
HETATM 1468 O  O   . HOH H 6 .   ? 5.287   -6.704  -18.363 1.00 38.12 ? 1118 HOH A O   1 
HETATM 1469 O  O   . HOH H 6 .   ? 1.378   -9.354  -13.200 1.00 33.83 ? 1119 HOH A O   1 
HETATM 1470 O  O   . HOH H 6 .   ? -4.520  -11.275 -12.252 1.00 24.46 ? 1120 HOH A O   1 
HETATM 1471 O  O   . HOH H 6 .   ? -2.425  -5.126  -19.893 1.00 70.54 ? 1121 HOH A O   1 
HETATM 1472 O  O   . HOH H 6 .   ? -9.645  -13.053 13.260  1.00 30.15 ? 1122 HOH A O   1 
HETATM 1473 O  O   . HOH H 6 .   ? -4.712  7.787   -17.290 1.00 33.16 ? 1123 HOH A O   1 
HETATM 1474 O  O   . HOH H 6 .   ? 22.044  -1.139  4.560   1.00 26.33 ? 1124 HOH A O   1 
HETATM 1475 O  O   . HOH H 6 .   ? -2.761  -4.710  12.292  1.00 34.43 ? 1125 HOH A O   1 
HETATM 1476 O  O   . HOH H 6 .   ? -4.421  9.872   10.821  1.00 43.24 ? 1126 HOH A O   1 
HETATM 1477 O  O   . HOH H 6 .   ? -1.476  -19.310 -5.907  1.00 25.41 ? 1127 HOH A O   1 
HETATM 1478 O  O   . HOH H 6 .   ? -11.382 0.238   -11.018 1.00 23.49 ? 1128 HOH A O   1 
HETATM 1479 O  O   . HOH H 6 .   ? 1.873   -0.460  10.629  1.00 36.64 ? 1129 HOH A O   1 
HETATM 1480 O  O   . HOH H 6 .   ? 14.668  5.961   15.645  1.00 27.78 ? 1130 HOH A O   1 
HETATM 1481 O  O   . HOH H 6 .   ? 19.013  4.154   0.126   1.00 39.50 ? 1131 HOH A O   1 
HETATM 1482 O  O   . HOH H 6 .   ? 7.859   9.707   -16.029 1.00 35.78 ? 1132 HOH A O   1 
HETATM 1483 O  O   . HOH H 6 .   ? -5.034  -2.493  -12.561 1.00 17.07 ? 1133 HOH A O   1 
HETATM 1484 O  O   . HOH H 6 .   ? -6.512  -1.391  -14.563 1.00 24.26 ? 1134 HOH A O   1 
HETATM 1485 O  O   . HOH H 6 .   ? 15.566  3.568   13.703  1.00 28.15 ? 1135 HOH A O   1 
HETATM 1486 O  O   . HOH H 6 .   ? -11.706 -10.022 6.974   1.00 26.51 ? 1136 HOH A O   1 
HETATM 1487 O  O   . HOH H 6 .   ? -1.665  15.822  -9.380  1.00 40.15 ? 1137 HOH A O   1 
HETATM 1488 O  O   . HOH H 6 .   ? 4.386   -8.980  -13.771 1.00 23.78 ? 1138 HOH A O   1 
HETATM 1489 O  O   . HOH H 6 .   ? 1.720   -5.411  8.590   1.00 31.32 ? 1139 HOH A O   1 
HETATM 1490 O  O   . HOH H 6 .   ? 12.415  5.287   18.786  1.00 27.73 ? 1140 HOH A O   1 
HETATM 1491 O  O   . HOH H 6 .   ? 8.109   20.635  2.256   1.00 33.78 ? 1141 HOH A O   1 
HETATM 1492 O  O   . HOH H 6 .   ? 4.294   -11.906 8.595   1.00 44.71 ? 1142 HOH A O   1 
HETATM 1493 O  O   . HOH H 6 .   ? -16.432 -13.507 0.085   1.00 35.07 ? 1143 HOH A O   1 
HETATM 1494 O  O   . HOH H 6 .   ? 13.432  7.746   -12.470 1.00 25.31 ? 1144 HOH A O   1 
HETATM 1495 O  O   . HOH H 6 .   ? -16.511 -9.511  5.109   1.00 32.62 ? 1145 HOH A O   1 
HETATM 1496 O  O   . HOH H 6 .   ? -15.616 2.063   7.176   1.00 34.47 ? 1146 HOH A O   1 
HETATM 1497 O  O   . HOH H 6 .   ? -2.172  -3.427  -15.701 1.00 36.16 ? 1147 HOH A O   1 
HETATM 1498 O  O   . HOH H 6 .   ? 3.735   -18.247 6.928   1.00 39.60 ? 1148 HOH A O   1 
HETATM 1499 O  O   . HOH H 6 .   ? 10.280  -4.718  -19.604 1.00 20.53 ? 1149 HOH A O   1 
HETATM 1500 O  O   . HOH H 6 .   ? -1.794  0.715   -14.185 1.00 30.43 ? 1150 HOH A O   1 
HETATM 1501 O  O   . HOH H 6 .   ? -2.891  -7.801  13.927  1.00 30.66 ? 1151 HOH A O   1 
HETATM 1502 O  O   . HOH H 6 .   ? -17.900 -7.686  -4.651  1.00 27.21 ? 1152 HOH A O   1 
HETATM 1503 O  O   . HOH H 6 .   ? -7.129  -15.843 6.564   1.00 44.68 ? 1153 HOH A O   1 
HETATM 1504 O  O   . HOH H 6 .   ? -16.998 -12.470 3.115   1.00 41.02 ? 1154 HOH A O   1 
HETATM 1505 O  O   . HOH H 6 .   ? 11.178  7.857   -15.142 1.00 36.25 ? 1155 HOH A O   1 
HETATM 1506 O  O   . HOH H 6 .   ? -9.424  7.734   -9.287  1.00 60.60 ? 1156 HOH A O   1 
HETATM 1507 O  O   . HOH H 6 .   ? 7.790   2.510   -14.815 1.00 22.70 ? 1157 HOH A O   1 
HETATM 1508 O  O   . HOH H 6 .   ? -5.232  14.902  8.009   1.00 39.32 ? 1158 HOH A O   1 
HETATM 1509 O  O   . HOH H 6 .   ? 7.766   -19.200 1.630   1.00 28.16 ? 1159 HOH A O   1 
HETATM 1510 O  O   . HOH H 6 .   ? 13.958  -8.386  -6.750  1.00 21.93 ? 1160 HOH A O   1 
HETATM 1511 O  O   . HOH H 6 .   ? 10.695  -3.898  12.706  1.00 39.34 ? 1161 HOH A O   1 
HETATM 1512 O  O   . HOH H 6 .   ? 1.040   -14.199 -10.933 1.00 27.75 ? 1162 HOH A O   1 
HETATM 1513 O  O   . HOH H 6 .   ? 11.512  -15.477 1.899   1.00 25.58 ? 1163 HOH A O   1 
HETATM 1514 O  O   . HOH H 6 .   ? -6.068  13.123  5.065   1.00 27.26 ? 1164 HOH A O   1 
HETATM 1515 O  O   . HOH H 6 .   ? 5.473   -19.932 3.059   1.00 24.09 ? 1165 HOH A O   1 
HETATM 1516 O  O   . HOH H 6 .   ? -12.463 -3.504  -13.900 1.00 50.38 ? 1166 HOH A O   1 
HETATM 1517 O  O   . HOH H 6 .   ? -12.783 11.198  3.517   1.00 36.73 ? 1167 HOH A O   1 
HETATM 1518 O  O   . HOH H 6 .   ? -6.033  -18.797 2.616   1.00 25.15 ? 1168 HOH A O   1 
HETATM 1519 O  O   . HOH H 6 .   ? 5.965   -9.801  -17.994 1.00 28.61 ? 1169 HOH A O   1 
HETATM 1520 O  O   . HOH H 6 .   ? -8.375  -6.368  14.823  1.00 32.52 ? 1170 HOH A O   1 
HETATM 1521 O  O   . HOH H 6 .   ? 6.063   0.301   -15.356 1.00 28.16 ? 1171 HOH A O   1 
HETATM 1522 O  O   . HOH H 6 .   ? 3.969   14.121  -15.989 1.00 38.68 ? 1172 HOH A O   1 
HETATM 1523 O  O   . HOH H 6 .   ? -14.459 -10.611 6.516   1.00 31.17 ? 1173 HOH A O   1 
HETATM 1524 O  O   . HOH H 6 .   ? -19.358 -3.616  -7.616  1.00 29.72 ? 1174 HOH A O   1 
HETATM 1525 O  O   . HOH H 6 .   ? 4.759   -11.800 -12.280 1.00 35.60 ? 1175 HOH A O   1 
HETATM 1526 O  O   . HOH H 6 .   ? -15.550 -15.983 1.163   1.00 46.09 ? 1176 HOH A O   1 
HETATM 1527 O  O   . HOH H 6 .   ? -14.470 -13.403 7.043   1.00 37.30 ? 1177 HOH A O   1 
HETATM 1528 O  O   . HOH H 6 .   ? -14.667 -0.630  -7.979  1.00 16.26 ? 1178 HOH A O   1 
HETATM 1529 O  O   . HOH H 6 .   ? -13.926 0.200   9.323   1.00 31.72 ? 1179 HOH A O   1 
HETATM 1530 O  O   . HOH H 6 .   ? 11.468  15.540  -7.307  1.00 34.06 ? 1180 HOH A O   1 
HETATM 1531 O  O   . HOH H 6 .   ? -8.645  -2.420  16.742  1.00 53.94 ? 1181 HOH A O   1 
HETATM 1532 O  O   . HOH H 6 .   ? 22.318  5.244   7.061   1.00 35.85 ? 1182 HOH A O   1 
HETATM 1533 O  O   . HOH H 6 .   ? 20.615  1.333   -2.512  1.00 42.19 ? 1183 HOH A O   1 
HETATM 1534 O  O   . HOH H 6 .   ? 6.413   15.436  -14.891 1.00 40.27 ? 1184 HOH A O   1 
HETATM 1535 O  O   . HOH H 6 .   ? 1.878   15.966  -11.107 1.00 34.19 ? 1185 HOH A O   1 
HETATM 1536 O  O   . HOH H 6 .   ? -4.130  15.939  -5.629  1.00 33.38 ? 1186 HOH A O   1 
HETATM 1537 O  O   . HOH H 6 .   ? 7.750   5.933   -17.295 1.00 35.14 ? 1187 HOH A O   1 
HETATM 1538 O  O   . HOH H 6 .   ? 9.077   0.124   14.132  1.00 35.84 ? 1188 HOH A O   1 
HETATM 1539 O  O   . HOH H 6 .   ? 5.101   3.263   -10.674 1.00 51.01 ? 1189 HOH A O   1 
HETATM 1540 O  O   . HOH H 6 .   ? -3.882  -20.208 -0.694  1.00 33.84 ? 1190 HOH A O   1 
HETATM 1541 O  O   . HOH H 6 .   ? -18.260 3.736   -4.175  1.00 36.91 ? 1191 HOH A O   1 
HETATM 1542 O  O   . HOH H 6 .   ? -5.228  20.092  4.478   1.00 42.23 ? 1192 HOH A O   1 
HETATM 1543 O  O   . HOH H 6 .   ? 2.928   -14.934 -8.736  1.00 28.62 ? 1193 HOH A O   1 
HETATM 1544 O  O   . HOH H 6 .   ? 4.416   2.223   -17.553 1.00 42.50 ? 1194 HOH A O   1 
HETATM 1545 O  O   . HOH H 6 .   ? 14.893  7.238   18.388  1.00 53.56 ? 1195 HOH A O   1 
HETATM 1546 O  O   . HOH H 6 .   ? 6.776   18.233  -1.726  1.00 40.08 ? 1196 HOH A O   1 
HETATM 1547 O  O   . HOH H 6 .   ? 18.382  11.440  5.922   1.00 47.59 ? 1197 HOH A O   1 
HETATM 1548 O  O   . HOH H 6 .   ? 13.537  -8.235  -0.261  1.00 66.39 ? 1198 HOH A O   1 
HETATM 1549 O  O   . HOH H 6 .   ? 11.204  2.851   19.580  1.00 46.67 ? 1199 HOH A O   1 
HETATM 1550 O  O   . HOH H 6 .   ? -10.645 9.685   9.101   1.00 45.32 ? 1200 HOH A O   1 
HETATM 1551 O  O   . HOH H 6 .   ? 14.479  16.417  0.891   1.00 35.24 ? 1201 HOH A O   1 
HETATM 1552 O  O   . HOH H 6 .   ? 3.720   -1.001  12.293  1.00 34.56 ? 1202 HOH A O   1 
HETATM 1553 O  O   . HOH H 6 .   ? -0.427  -3.613  8.654   1.00 22.01 ? 1203 HOH A O   1 
HETATM 1554 O  O   . HOH H 6 .   ? -12.066 2.312   13.858  1.00 27.72 ? 1204 HOH A O   1 
HETATM 1555 O  O   . HOH H 6 .   ? 8.819   -15.654 -3.223  1.00 29.88 ? 1205 HOH A O   1 
HETATM 1556 O  O   . HOH H 6 .   ? 11.525  -12.642 -1.479  1.00 39.42 ? 1206 HOH A O   1 
HETATM 1557 O  O   . HOH H 6 .   ? -22.808 -16.009 1.728   1.00 43.83 ? 1207 HOH A O   1 
# 
loop_
_pdbx_poly_seq_scheme.asym_id 
_pdbx_poly_seq_scheme.entity_id 
_pdbx_poly_seq_scheme.seq_id 
_pdbx_poly_seq_scheme.mon_id 
_pdbx_poly_seq_scheme.ndb_seq_num 
_pdbx_poly_seq_scheme.pdb_seq_num 
_pdbx_poly_seq_scheme.auth_seq_num 
_pdbx_poly_seq_scheme.pdb_mon_id 
_pdbx_poly_seq_scheme.auth_mon_id 
_pdbx_poly_seq_scheme.pdb_strand_id 
_pdbx_poly_seq_scheme.pdb_ins_code 
_pdbx_poly_seq_scheme.hetero 
A 1 1   PHE 1   79  79  PHE PHE A . n 
A 1 2   MET 2   80  80  MET MET A . n 
A 1 3   LEU 3   81  81  LEU LEU A . n 
A 1 4   THR 4   82  82  THR THR A . n 
A 1 5   PRO 5   83  83  PRO PRO A . n 
A 1 6   GLY 6   84  84  GLY GLY A . n 
A 1 7   ASN 7   85  85  ASN ASN A . n 
A 1 8   PRO 8   86  86  PRO PRO A . n 
A 1 9   LYS 9   87  87  LYS LYS A . n 
A 1 10  TRP 10  88  88  TRP TRP A . n 
A 1 11  GLU 11  89  89  GLU GLU A . n 
A 1 12  ARG 12  90  90  ARG ARG A . n 
A 1 13  THR 13  91  91  THR THR A . n 
A 1 14  ASN 14  92  92  ASN ASN A . n 
A 1 15  LEU 15  93  93  LEU LEU A . n 
A 1 16  THR 16  94  94  THR THR A . n 
A 1 17  TYR 17  95  95  TYR TYR A . n 
A 1 18  ARG 18  96  96  ARG ARG A . n 
A 1 19  ILE 19  97  97  ILE ILE A . n 
A 1 20  ARG 20  98  98  ARG ARG A . n 
A 1 21  ASN 21  99  99  ASN ASN A . n 
A 1 22  TYR 22  100 100 TYR TYR A . n 
A 1 23  THR 23  101 101 THR THR A . n 
A 1 24  PRO 24  102 102 PRO PRO A . n 
A 1 25  GLN 25  103 103 GLN GLN A . n 
A 1 26  LEU 26  104 104 LEU LEU A . n 
A 1 27  SER 27  105 105 SER SER A . n 
A 1 28  GLU 28  106 106 GLU GLU A . n 
A 1 29  ALA 29  107 107 ALA ALA A . n 
A 1 30  GLU 30  108 108 GLU GLU A . n 
A 1 31  VAL 31  109 109 VAL VAL A . n 
A 1 32  GLU 32  110 110 GLU GLU A . n 
A 1 33  ARG 33  111 111 ARG ARG A . n 
A 1 34  ALA 34  112 112 ALA ALA A . n 
A 1 35  ILE 35  113 113 ILE ILE A . n 
A 1 36  LYS 36  114 114 LYS LYS A . n 
A 1 37  ASP 37  115 115 ASP ASP A . n 
A 1 38  ALA 38  116 116 ALA ALA A . n 
A 1 39  PHE 39  117 117 PHE PHE A . n 
A 1 40  GLU 40  118 118 GLU GLU A . n 
A 1 41  LEU 41  119 119 LEU LEU A . n 
A 1 42  TRP 42  120 120 TRP TRP A . n 
A 1 43  SER 43  121 121 SER SER A . n 
A 1 44  VAL 44  122 122 VAL VAL A . n 
A 1 45  ALA 45  123 123 ALA ALA A . n 
A 1 46  SER 46  124 124 SER SER A . n 
A 1 47  PRO 47  125 125 PRO PRO A . n 
A 1 48  LEU 48  126 126 LEU LEU A . n 
A 1 49  ILE 49  127 127 ILE ILE A . n 
A 1 50  PHE 50  128 128 PHE PHE A . n 
A 1 51  THR 51  129 129 THR THR A . n 
A 1 52  ARG 52  130 130 ARG ARG A . n 
A 1 53  ILE 53  131 131 ILE ILE A . n 
A 1 54  SER 54  132 132 SER SER A . n 
A 1 55  GLN 55  133 133 GLN GLN A . n 
A 1 56  GLY 56  134 134 GLY GLY A . n 
A 1 57  GLU 57  135 135 GLU GLU A . n 
A 1 58  ALA 58  136 136 ALA ALA A . n 
A 1 59  ASP 59  137 137 ASP ASP A . n 
A 1 60  ILE 60  138 138 ILE ILE A . n 
A 1 61  ASN 61  139 139 ASN ASN A . n 
A 1 62  ILE 62  140 140 ILE ILE A . n 
A 1 63  ALA 63  141 141 ALA ALA A . n 
A 1 64  PHE 64  142 142 PHE PHE A . n 
A 1 65  TYR 65  143 143 TYR TYR A . n 
A 1 66  GLN 66  144 144 GLN GLN A . n 
A 1 67  ARG 67  145 145 ARG ARG A . n 
A 1 68  ASP 68  146 146 ASP ASP A . n 
A 1 69  HIS 69  147 147 HIS HIS A . n 
A 1 70  GLY 70  148 148 GLY GLY A . n 
A 1 71  ASP 71  149 149 ASP ASP A . n 
A 1 72  ASN 72  150 150 ASN ASN A . n 
A 1 73  SER 73  151 151 SER SER A . n 
A 1 74  PRO 74  152 152 PRO PRO A . n 
A 1 75  PHE 75  153 153 PHE PHE A . n 
A 1 76  ASP 76  154 154 ASP ASP A . n 
A 1 77  GLY 77  155 155 GLY GLY A . n 
A 1 78  PRO 78  156 156 PRO PRO A . n 
A 1 79  ASN 79  157 157 ASN ASN A . n 
A 1 80  GLY 80  158 158 GLY GLY A . n 
A 1 81  ILE 81  159 159 ILE ILE A . n 
A 1 82  LEU 82  160 160 LEU LEU A . n 
A 1 83  ALA 83  161 161 ALA ALA A . n 
A 1 84  HIS 84  162 162 HIS HIS A . n 
A 1 85  ALA 85  163 163 ALA ALA A . n 
A 1 86  PHE 86  164 164 PHE PHE A . n 
A 1 87  GLN 87  165 165 GLN GLN A . n 
A 1 88  PRO 88  166 166 PRO PRO A . n 
A 1 89  GLY 89  167 167 GLY GLY A . n 
A 1 90  GLN 90  168 168 GLN GLN A . n 
A 1 91  GLY 91  169 169 GLY GLY A . n 
A 1 92  ILE 92  170 170 ILE ILE A . n 
A 1 93  GLY 93  171 171 GLY GLY A . n 
A 1 94  GLY 94  172 172 GLY GLY A . n 
A 1 95  ASP 95  173 173 ASP ASP A . n 
A 1 96  ALA 96  174 174 ALA ALA A . n 
A 1 97  HIS 97  175 175 HIS HIS A . n 
A 1 98  PHE 98  176 176 PHE PHE A . n 
A 1 99  ASP 99  177 177 ASP ASP A . n 
A 1 100 ALA 100 178 178 ALA ALA A . n 
A 1 101 GLU 101 179 179 GLU GLU A . n 
A 1 102 GLU 102 180 180 GLU GLU A . n 
A 1 103 THR 103 181 181 THR THR A . n 
A 1 104 TRP 104 182 182 TRP TRP A . n 
A 1 105 THR 105 183 183 THR THR A . n 
A 1 106 ASN 106 184 184 ASN ASN A . n 
A 1 107 THR 107 185 185 THR THR A . n 
A 1 108 SER 108 186 186 SER SER A . n 
A 1 109 ALA 109 187 187 ALA ALA A . n 
A 1 110 ASN 110 188 188 ASN ASN A . n 
A 1 111 TYR 111 189 189 TYR TYR A . n 
A 1 112 ASN 112 190 190 ASN ASN A . n 
A 1 113 LEU 113 191 191 LEU LEU A . n 
A 1 114 PHE 114 192 192 PHE PHE A . n 
A 1 115 LEU 115 193 193 LEU LEU A . n 
A 1 116 VAL 116 194 194 VAL VAL A . n 
A 1 117 ALA 117 195 195 ALA ALA A . n 
A 1 118 ALA 118 196 196 ALA ALA A . n 
A 1 119 HIS 119 197 197 HIS HIS A . n 
A 1 120 GLU 120 198 198 GLU GLU A . n 
A 1 121 PHE 121 199 199 PHE PHE A . n 
A 1 122 GLY 122 200 200 GLY GLY A . n 
A 1 123 HIS 123 201 201 HIS HIS A . n 
A 1 124 SER 124 202 202 SER SER A . n 
A 1 125 LEU 125 203 203 LEU LEU A . n 
A 1 126 GLY 126 204 204 GLY GLY A . n 
A 1 127 LEU 127 205 205 LEU LEU A . n 
A 1 128 ALA 128 206 206 ALA ALA A . n 
A 1 129 HIS 129 207 207 HIS HIS A . n 
A 1 130 SER 130 208 208 SER SER A . n 
A 1 131 SER 131 209 209 SER SER A . n 
A 1 132 ASP 132 210 210 ASP ASP A . n 
A 1 133 PRO 133 211 211 PRO PRO A . n 
A 1 134 GLY 134 212 212 GLY GLY A . n 
A 1 135 ALA 135 213 213 ALA ALA A . n 
A 1 136 LEU 136 214 214 LEU LEU A . n 
A 1 137 MET 137 215 215 MET MET A . n 
A 1 138 TYR 138 216 216 TYR TYR A . n 
A 1 139 PRO 139 217 217 PRO PRO A . n 
A 1 140 ASN 140 218 218 ASN ASN A . n 
A 1 141 TYR 141 219 219 TYR TYR A . n 
A 1 142 ALA 142 220 220 ALA ALA A . n 
A 1 143 PHE 143 221 221 PHE PHE A . n 
A 1 144 ARG 144 222 222 ARG ARG A . n 
A 1 145 GLU 145 223 223 GLU GLU A . n 
A 1 146 THR 146 224 224 THR THR A . n 
A 1 147 SER 147 225 225 SER SER A . n 
A 1 148 ASN 148 226 226 ASN ASN A . n 
A 1 149 TYR 149 227 227 TYR TYR A . n 
A 1 150 SER 150 228 228 SER SER A . n 
A 1 151 LEU 151 229 229 LEU LEU A . n 
A 1 152 PRO 152 230 230 PRO PRO A . n 
A 1 153 GLN 153 231 231 GLN GLN A . n 
A 1 154 ASP 154 232 232 ASP ASP A . n 
A 1 155 ASP 155 233 233 ASP ASP A . n 
A 1 156 ILE 156 234 234 ILE ILE A . n 
A 1 157 ASP 157 235 235 ASP ASP A . n 
A 1 158 GLY 158 236 236 GLY GLY A . n 
A 1 159 ILE 159 237 237 ILE ILE A . n 
A 1 160 GLN 160 238 238 GLN GLN A . n 
A 1 161 ALA 161 239 239 ALA ALA A . n 
A 1 162 ILE 162 240 240 ILE ILE A . n 
A 1 163 TYR 163 241 241 TYR TYR A . n 
A 1 164 GLY 164 242 242 GLY GLY A . n 
A 1 165 ASP 165 243 243 ASP ASP A . n 
# 
loop_
_pdbx_nonpoly_scheme.asym_id 
_pdbx_nonpoly_scheme.entity_id 
_pdbx_nonpoly_scheme.mon_id 
_pdbx_nonpoly_scheme.ndb_seq_num 
_pdbx_nonpoly_scheme.pdb_seq_num 
_pdbx_nonpoly_scheme.auth_seq_num 
_pdbx_nonpoly_scheme.pdb_mon_id 
_pdbx_nonpoly_scheme.auth_mon_id 
_pdbx_nonpoly_scheme.pdb_strand_id 
_pdbx_nonpoly_scheme.pdb_ins_code 
B 2 CA  1   996  996 CA  CA  A . 
C 2 CA  1   997  997 CA  CA  A . 
D 3 ZN  1   998  998 ZN  ZN  A . 
E 3 ZN  1   999  999 ZN  ZN  A . 
F 4 BSI 1   250  250 BSI INN A . 
G 5 EPE 1   260  260 EPE EPE A . 
H 6 HOH 1   1000 1   HOH HOH A . 
H 6 HOH 2   1001 2   HOH HOH A . 
H 6 HOH 3   1002 3   HOH HOH A . 
H 6 HOH 4   1003 4   HOH HOH A . 
H 6 HOH 5   1004 5   HOH HOH A . 
H 6 HOH 6   1005 6   HOH HOH A . 
H 6 HOH 7   1006 7   HOH HOH A . 
H 6 HOH 8   1007 8   HOH HOH A . 
H 6 HOH 9   1008 9   HOH HOH A . 
H 6 HOH 10  1009 10  HOH HOH A . 
H 6 HOH 11  1010 11  HOH HOH A . 
H 6 HOH 12  1011 12  HOH HOH A . 
H 6 HOH 13  1012 13  HOH HOH A . 
H 6 HOH 14  1013 14  HOH HOH A . 
H 6 HOH 15  1014 15  HOH HOH A . 
H 6 HOH 16  1015 16  HOH HOH A . 
H 6 HOH 17  1016 17  HOH HOH A . 
H 6 HOH 18  1017 18  HOH HOH A . 
H 6 HOH 19  1018 19  HOH HOH A . 
H 6 HOH 20  1019 20  HOH HOH A . 
H 6 HOH 21  1020 21  HOH HOH A . 
H 6 HOH 22  1021 22  HOH HOH A . 
H 6 HOH 23  1022 23  HOH HOH A . 
H 6 HOH 24  1023 24  HOH HOH A . 
H 6 HOH 25  1024 25  HOH HOH A . 
H 6 HOH 26  1025 26  HOH HOH A . 
H 6 HOH 27  1026 27  HOH HOH A . 
H 6 HOH 28  1027 28  HOH HOH A . 
H 6 HOH 29  1028 29  HOH HOH A . 
H 6 HOH 30  1029 30  HOH HOH A . 
H 6 HOH 31  1030 31  HOH HOH A . 
H 6 HOH 32  1031 32  HOH HOH A . 
H 6 HOH 33  1032 33  HOH HOH A . 
H 6 HOH 34  1033 34  HOH HOH A . 
H 6 HOH 35  1034 35  HOH HOH A . 
H 6 HOH 36  1035 36  HOH HOH A . 
H 6 HOH 37  1036 37  HOH HOH A . 
H 6 HOH 38  1037 38  HOH HOH A . 
H 6 HOH 39  1038 39  HOH HOH A . 
H 6 HOH 40  1039 40  HOH HOH A . 
H 6 HOH 41  1040 41  HOH HOH A . 
H 6 HOH 42  1041 42  HOH HOH A . 
H 6 HOH 43  1042 43  HOH HOH A . 
H 6 HOH 44  1043 44  HOH HOH A . 
H 6 HOH 45  1044 45  HOH HOH A . 
H 6 HOH 46  1045 46  HOH HOH A . 
H 6 HOH 47  1046 47  HOH HOH A . 
H 6 HOH 48  1047 48  HOH HOH A . 
H 6 HOH 49  1048 49  HOH HOH A . 
H 6 HOH 50  1049 50  HOH HOH A . 
H 6 HOH 51  1050 51  HOH HOH A . 
H 6 HOH 52  1051 52  HOH HOH A . 
H 6 HOH 53  1052 53  HOH HOH A . 
H 6 HOH 54  1053 54  HOH HOH A . 
H 6 HOH 55  1054 55  HOH HOH A . 
H 6 HOH 56  1055 56  HOH HOH A . 
H 6 HOH 57  1056 57  HOH HOH A . 
H 6 HOH 58  1057 58  HOH HOH A . 
H 6 HOH 59  1058 59  HOH HOH A . 
H 6 HOH 60  1059 60  HOH HOH A . 
H 6 HOH 61  1060 61  HOH HOH A . 
H 6 HOH 62  1061 62  HOH HOH A . 
H 6 HOH 63  1062 63  HOH HOH A . 
H 6 HOH 64  1063 64  HOH HOH A . 
H 6 HOH 65  1064 65  HOH HOH A . 
H 6 HOH 66  1065 66  HOH HOH A . 
H 6 HOH 67  1066 67  HOH HOH A . 
H 6 HOH 68  1067 68  HOH HOH A . 
H 6 HOH 69  1068 69  HOH HOH A . 
H 6 HOH 70  1069 70  HOH HOH A . 
H 6 HOH 71  1070 71  HOH HOH A . 
H 6 HOH 72  1071 72  HOH HOH A . 
H 6 HOH 73  1072 73  HOH HOH A . 
H 6 HOH 74  1073 74  HOH HOH A . 
H 6 HOH 75  1074 75  HOH HOH A . 
H 6 HOH 76  1075 76  HOH HOH A . 
H 6 HOH 77  1076 77  HOH HOH A . 
H 6 HOH 78  1077 78  HOH HOH A . 
H 6 HOH 79  1078 79  HOH HOH A . 
H 6 HOH 80  1079 80  HOH HOH A . 
H 6 HOH 81  1080 81  HOH HOH A . 
H 6 HOH 82  1081 82  HOH HOH A . 
H 6 HOH 83  1082 83  HOH HOH A . 
H 6 HOH 84  1083 84  HOH HOH A . 
H 6 HOH 85  1084 85  HOH HOH A . 
H 6 HOH 86  1085 86  HOH HOH A . 
H 6 HOH 87  1086 87  HOH HOH A . 
H 6 HOH 88  1087 88  HOH HOH A . 
H 6 HOH 89  1088 89  HOH HOH A . 
H 6 HOH 90  1089 90  HOH HOH A . 
H 6 HOH 91  1090 91  HOH HOH A . 
H 6 HOH 92  1091 92  HOH HOH A . 
H 6 HOH 93  1092 93  HOH HOH A . 
H 6 HOH 94  1093 94  HOH HOH A . 
H 6 HOH 95  1094 95  HOH HOH A . 
H 6 HOH 96  1095 96  HOH HOH A . 
H 6 HOH 97  1096 97  HOH HOH A . 
H 6 HOH 98  1097 98  HOH HOH A . 
H 6 HOH 99  1098 99  HOH HOH A . 
H 6 HOH 100 1099 100 HOH HOH A . 
H 6 HOH 101 1100 101 HOH HOH A . 
H 6 HOH 102 1101 102 HOH HOH A . 
H 6 HOH 103 1102 103 HOH HOH A . 
H 6 HOH 104 1103 104 HOH HOH A . 
H 6 HOH 105 1104 105 HOH HOH A . 
H 6 HOH 106 1105 106 HOH HOH A . 
H 6 HOH 107 1106 107 HOH HOH A . 
H 6 HOH 108 1107 108 HOH HOH A . 
H 6 HOH 109 1108 109 HOH HOH A . 
H 6 HOH 110 1109 110 HOH HOH A . 
H 6 HOH 111 1110 111 HOH HOH A . 
H 6 HOH 112 1111 112 HOH HOH A . 
H 6 HOH 113 1112 113 HOH HOH A . 
H 6 HOH 114 1113 114 HOH HOH A . 
H 6 HOH 115 1114 115 HOH HOH A . 
H 6 HOH 116 1115 116 HOH HOH A . 
H 6 HOH 117 1116 117 HOH HOH A . 
H 6 HOH 118 1117 118 HOH HOH A . 
H 6 HOH 119 1118 119 HOH HOH A . 
H 6 HOH 120 1119 120 HOH HOH A . 
H 6 HOH 121 1120 121 HOH HOH A . 
H 6 HOH 122 1121 122 HOH HOH A . 
H 6 HOH 123 1122 123 HOH HOH A . 
H 6 HOH 124 1123 124 HOH HOH A . 
H 6 HOH 125 1124 125 HOH HOH A . 
H 6 HOH 126 1125 126 HOH HOH A . 
H 6 HOH 127 1126 127 HOH HOH A . 
H 6 HOH 128 1127 128 HOH HOH A . 
H 6 HOH 129 1128 129 HOH HOH A . 
H 6 HOH 130 1129 130 HOH HOH A . 
H 6 HOH 131 1130 131 HOH HOH A . 
H 6 HOH 132 1131 132 HOH HOH A . 
H 6 HOH 133 1132 133 HOH HOH A . 
H 6 HOH 134 1133 134 HOH HOH A . 
H 6 HOH 135 1134 135 HOH HOH A . 
H 6 HOH 136 1135 136 HOH HOH A . 
H 6 HOH 137 1136 137 HOH HOH A . 
H 6 HOH 138 1137 138 HOH HOH A . 
H 6 HOH 139 1138 139 HOH HOH A . 
H 6 HOH 140 1139 140 HOH HOH A . 
H 6 HOH 141 1140 141 HOH HOH A . 
H 6 HOH 142 1141 142 HOH HOH A . 
H 6 HOH 143 1142 143 HOH HOH A . 
H 6 HOH 144 1143 144 HOH HOH A . 
H 6 HOH 145 1144 145 HOH HOH A . 
H 6 HOH 146 1145 146 HOH HOH A . 
H 6 HOH 147 1146 147 HOH HOH A . 
H 6 HOH 148 1147 148 HOH HOH A . 
H 6 HOH 149 1148 149 HOH HOH A . 
H 6 HOH 150 1149 150 HOH HOH A . 
H 6 HOH 151 1150 151 HOH HOH A . 
H 6 HOH 152 1151 152 HOH HOH A . 
H 6 HOH 153 1152 153 HOH HOH A . 
H 6 HOH 154 1153 154 HOH HOH A . 
H 6 HOH 155 1154 155 HOH HOH A . 
H 6 HOH 156 1155 156 HOH HOH A . 
H 6 HOH 157 1156 157 HOH HOH A . 
H 6 HOH 158 1157 158 HOH HOH A . 
H 6 HOH 159 1158 159 HOH HOH A . 
H 6 HOH 160 1159 160 HOH HOH A . 
H 6 HOH 161 1160 161 HOH HOH A . 
H 6 HOH 162 1161 162 HOH HOH A . 
H 6 HOH 163 1162 163 HOH HOH A . 
H 6 HOH 164 1163 164 HOH HOH A . 
H 6 HOH 165 1164 165 HOH HOH A . 
H 6 HOH 166 1165 166 HOH HOH A . 
H 6 HOH 167 1166 167 HOH HOH A . 
H 6 HOH 168 1167 168 HOH HOH A . 
H 6 HOH 169 1168 169 HOH HOH A . 
H 6 HOH 170 1169 170 HOH HOH A . 
H 6 HOH 171 1170 171 HOH HOH A . 
H 6 HOH 172 1171 172 HOH HOH A . 
H 6 HOH 173 1172 173 HOH HOH A . 
H 6 HOH 174 1173 174 HOH HOH A . 
H 6 HOH 175 1174 175 HOH HOH A . 
H 6 HOH 176 1175 176 HOH HOH A . 
H 6 HOH 177 1176 177 HOH HOH A . 
H 6 HOH 178 1177 178 HOH HOH A . 
H 6 HOH 179 1178 179 HOH HOH A . 
H 6 HOH 180 1179 180 HOH HOH A . 
H 6 HOH 181 1180 181 HOH HOH A . 
H 6 HOH 182 1181 182 HOH HOH A . 
H 6 HOH 183 1182 183 HOH HOH A . 
H 6 HOH 184 1183 184 HOH HOH A . 
H 6 HOH 185 1184 185 HOH HOH A . 
H 6 HOH 186 1185 186 HOH HOH A . 
H 6 HOH 187 1186 187 HOH HOH A . 
H 6 HOH 188 1187 188 HOH HOH A . 
H 6 HOH 189 1188 189 HOH HOH A . 
H 6 HOH 190 1189 192 HOH HOH A . 
H 6 HOH 191 1190 193 HOH HOH A . 
H 6 HOH 192 1191 194 HOH HOH A . 
H 6 HOH 193 1192 196 HOH HOH A . 
H 6 HOH 194 1193 197 HOH HOH A . 
H 6 HOH 195 1194 198 HOH HOH A . 
H 6 HOH 196 1195 199 HOH HOH A . 
H 6 HOH 197 1196 200 HOH HOH A . 
H 6 HOH 198 1197 201 HOH HOH A . 
H 6 HOH 199 1198 202 HOH HOH A . 
H 6 HOH 200 1199 203 HOH HOH A . 
H 6 HOH 201 1200 204 HOH HOH A . 
H 6 HOH 202 1201 205 HOH HOH A . 
H 6 HOH 203 1202 206 HOH HOH A . 
H 6 HOH 204 1203 207 HOH HOH A . 
H 6 HOH 205 1204 208 HOH HOH A . 
H 6 HOH 206 1205 209 HOH HOH A . 
H 6 HOH 207 1206 210 HOH HOH A . 
H 6 HOH 208 1207 211 HOH HOH A . 
# 
_pdbx_struct_assembly.id                   1 
_pdbx_struct_assembly.details              author_defined_assembly 
_pdbx_struct_assembly.method_details       ? 
_pdbx_struct_assembly.oligomeric_details   monomeric 
_pdbx_struct_assembly.oligomeric_count     1 
# 
_pdbx_struct_assembly_gen.assembly_id       1 
_pdbx_struct_assembly_gen.oper_expression   1 
_pdbx_struct_assembly_gen.asym_id_list      A,B,C,D,E,F,G,H 
# 
_pdbx_struct_oper_list.id                   1 
_pdbx_struct_oper_list.type                 'identity operation' 
_pdbx_struct_oper_list.name                 1_555 
_pdbx_struct_oper_list.symmetry_operation   x,y,z 
_pdbx_struct_oper_list.matrix[1][1]         1.0000000000 
_pdbx_struct_oper_list.matrix[1][2]         0.0000000000 
_pdbx_struct_oper_list.matrix[1][3]         0.0000000000 
_pdbx_struct_oper_list.vector[1]            0.0000000000 
_pdbx_struct_oper_list.matrix[2][1]         0.0000000000 
_pdbx_struct_oper_list.matrix[2][2]         1.0000000000 
_pdbx_struct_oper_list.matrix[2][3]         0.0000000000 
_pdbx_struct_oper_list.vector[2]            0.0000000000 
_pdbx_struct_oper_list.matrix[3][1]         0.0000000000 
_pdbx_struct_oper_list.matrix[3][2]         0.0000000000 
_pdbx_struct_oper_list.matrix[3][3]         1.0000000000 
_pdbx_struct_oper_list.vector[3]            0.0000000000 
# 
loop_
_pdbx_struct_conn_angle.id 
_pdbx_struct_conn_angle.ptnr1_label_atom_id 
_pdbx_struct_conn_angle.ptnr1_label_alt_id 
_pdbx_struct_conn_angle.ptnr1_label_asym_id 
_pdbx_struct_conn_angle.ptnr1_label_comp_id 
_pdbx_struct_conn_angle.ptnr1_label_seq_id 
_pdbx_struct_conn_angle.ptnr1_auth_atom_id 
_pdbx_struct_conn_angle.ptnr1_auth_asym_id 
_pdbx_struct_conn_angle.ptnr1_auth_comp_id 
_pdbx_struct_conn_angle.ptnr1_auth_seq_id 
_pdbx_struct_conn_angle.ptnr1_PDB_ins_code 
_pdbx_struct_conn_angle.ptnr1_symmetry 
_pdbx_struct_conn_angle.ptnr2_label_atom_id 
_pdbx_struct_conn_angle.ptnr2_label_alt_id 
_pdbx_struct_conn_angle.ptnr2_label_asym_id 
_pdbx_struct_conn_angle.ptnr2_label_comp_id 
_pdbx_struct_conn_angle.ptnr2_label_seq_id 
_pdbx_struct_conn_angle.ptnr2_auth_atom_id 
_pdbx_struct_conn_angle.ptnr2_auth_asym_id 
_pdbx_struct_conn_angle.ptnr2_auth_comp_id 
_pdbx_struct_conn_angle.ptnr2_auth_seq_id 
_pdbx_struct_conn_angle.ptnr2_PDB_ins_code 
_pdbx_struct_conn_angle.ptnr2_symmetry 
_pdbx_struct_conn_angle.ptnr3_label_atom_id 
_pdbx_struct_conn_angle.ptnr3_label_alt_id 
_pdbx_struct_conn_angle.ptnr3_label_asym_id 
_pdbx_struct_conn_angle.ptnr3_label_comp_id 
_pdbx_struct_conn_angle.ptnr3_label_seq_id 
_pdbx_struct_conn_angle.ptnr3_auth_atom_id 
_pdbx_struct_conn_angle.ptnr3_auth_asym_id 
_pdbx_struct_conn_angle.ptnr3_auth_comp_id 
_pdbx_struct_conn_angle.ptnr3_auth_seq_id 
_pdbx_struct_conn_angle.ptnr3_PDB_ins_code 
_pdbx_struct_conn_angle.ptnr3_symmetry 
_pdbx_struct_conn_angle.value 
_pdbx_struct_conn_angle.value_esd 
1  O   ? A ASP 59  ? A ASP 137  ? 1_555 CA ? B CA . ? A CA 996 ? 1_555 O   ? A GLY 91  ? A GLY 169  ? 1_555 166.3 ? 
2  O   ? A ASP 59  ? A ASP 137  ? 1_555 CA ? B CA . ? A CA 996 ? 1_555 O   ? A GLY 93  ? A GLY 171  ? 1_555 95.3  ? 
3  O   ? A GLY 91  ? A GLY 169  ? 1_555 CA ? B CA . ? A CA 996 ? 1_555 O   ? A GLY 93  ? A GLY 171  ? 1_555 96.5  ? 
4  O   ? A ASP 59  ? A ASP 137  ? 1_555 CA ? B CA . ? A CA 996 ? 1_555 OD1 ? A ASP 95  ? A ASP 173  ? 1_555 88.9  ? 
5  O   ? A GLY 91  ? A GLY 169  ? 1_555 CA ? B CA . ? A CA 996 ? 1_555 OD1 ? A ASP 95  ? A ASP 173  ? 1_555 98.7  ? 
6  O   ? A GLY 93  ? A GLY 171  ? 1_555 CA ? B CA . ? A CA 996 ? 1_555 OD1 ? A ASP 95  ? A ASP 173  ? 1_555 86.3  ? 
7  O   ? A ASP 59  ? A ASP 137  ? 1_555 CA ? B CA . ? A CA 996 ? 1_555 O   ? H HOH .   ? A HOH 1042 ? 1_555 86.2  ? 
8  O   ? A GLY 91  ? A GLY 169  ? 1_555 CA ? B CA . ? A CA 996 ? 1_555 O   ? H HOH .   ? A HOH 1042 ? 1_555 81.3  ? 
9  O   ? A GLY 93  ? A GLY 171  ? 1_555 CA ? B CA . ? A CA 996 ? 1_555 O   ? H HOH .   ? A HOH 1042 ? 1_555 173.4 ? 
10 OD1 ? A ASP 95  ? A ASP 173  ? 1_555 CA ? B CA . ? A CA 996 ? 1_555 O   ? H HOH .   ? A HOH 1042 ? 1_555 100.2 ? 
11 O   ? A ASP 59  ? A ASP 137  ? 1_555 CA ? B CA . ? A CA 996 ? 1_555 O   ? H HOH .   ? A HOH 1050 ? 1_555 81.6  ? 
12 O   ? A GLY 91  ? A GLY 169  ? 1_555 CA ? B CA . ? A CA 996 ? 1_555 O   ? H HOH .   ? A HOH 1050 ? 1_555 94.0  ? 
13 O   ? A GLY 93  ? A GLY 171  ? 1_555 CA ? B CA . ? A CA 996 ? 1_555 O   ? H HOH .   ? A HOH 1050 ? 1_555 78.6  ? 
14 OD1 ? A ASP 95  ? A ASP 173  ? 1_555 CA ? B CA . ? A CA 996 ? 1_555 O   ? H HOH .   ? A HOH 1050 ? 1_555 161.2 ? 
15 O   ? H HOH .   ? A HOH 1042 ? 1_555 CA ? B CA . ? A CA 996 ? 1_555 O   ? H HOH .   ? A HOH 1050 ? 1_555 95.3  ? 
16 NE2 ? A HIS 69  ? A HIS 147  ? 1_555 ZN ? D ZN . ? A ZN 998 ? 1_555 OD2 ? A ASP 71  ? A ASP 149  ? 1_555 110.5 ? 
17 NE2 ? A HIS 69  ? A HIS 147  ? 1_555 ZN ? D ZN . ? A ZN 998 ? 1_555 NE2 ? A HIS 84  ? A HIS 162  ? 1_555 106.8 ? 
18 OD2 ? A ASP 71  ? A ASP 149  ? 1_555 ZN ? D ZN . ? A ZN 998 ? 1_555 NE2 ? A HIS 84  ? A HIS 162  ? 1_555 108.8 ? 
19 NE2 ? A HIS 69  ? A HIS 147  ? 1_555 ZN ? D ZN . ? A ZN 998 ? 1_555 ND1 ? A HIS 97  ? A HIS 175  ? 1_555 121.6 ? 
20 OD2 ? A ASP 71  ? A ASP 149  ? 1_555 ZN ? D ZN . ? A ZN 998 ? 1_555 ND1 ? A HIS 97  ? A HIS 175  ? 1_555 94.3  ? 
21 NE2 ? A HIS 84  ? A HIS 162  ? 1_555 ZN ? D ZN . ? A ZN 998 ? 1_555 ND1 ? A HIS 97  ? A HIS 175  ? 1_555 113.9 ? 
22 OD1 ? A ASP 76  ? A ASP 154  ? 1_555 CA ? C CA . ? A CA 997 ? 1_555 O   ? A GLY 77  ? A GLY 155  ? 1_555 89.4  ? 
23 OD1 ? A ASP 76  ? A ASP 154  ? 1_555 CA ? C CA . ? A CA 997 ? 1_555 O   ? A ASN 79  ? A ASN 157  ? 1_555 88.3  ? 
24 O   ? A GLY 77  ? A GLY 155  ? 1_555 CA ? C CA . ? A CA 997 ? 1_555 O   ? A ASN 79  ? A ASN 157  ? 1_555 85.9  ? 
25 OD1 ? A ASP 76  ? A ASP 154  ? 1_555 CA ? C CA . ? A CA 997 ? 1_555 O   ? A ILE 81  ? A ILE 159  ? 1_555 89.0  ? 
26 O   ? A GLY 77  ? A GLY 155  ? 1_555 CA ? C CA . ? A CA 997 ? 1_555 O   ? A ILE 81  ? A ILE 159  ? 1_555 177.1 ? 
27 O   ? A ASN 79  ? A ASN 157  ? 1_555 CA ? C CA . ? A CA 997 ? 1_555 O   ? A ILE 81  ? A ILE 159  ? 1_555 96.6  ? 
28 OD1 ? A ASP 76  ? A ASP 154  ? 1_555 CA ? C CA . ? A CA 997 ? 1_555 OD2 ? A ASP 99  ? A ASP 177  ? 1_555 88.6  ? 
29 O   ? A GLY 77  ? A GLY 155  ? 1_555 CA ? C CA . ? A CA 997 ? 1_555 OD2 ? A ASP 99  ? A ASP 177  ? 1_555 83.1  ? 
30 O   ? A ASN 79  ? A ASN 157  ? 1_555 CA ? C CA . ? A CA 997 ? 1_555 OD2 ? A ASP 99  ? A ASP 177  ? 1_555 168.6 ? 
31 O   ? A ILE 81  ? A ILE 159  ? 1_555 CA ? C CA . ? A CA 997 ? 1_555 OD2 ? A ASP 99  ? A ASP 177  ? 1_555 94.4  ? 
32 OD1 ? A ASP 76  ? A ASP 154  ? 1_555 CA ? C CA . ? A CA 997 ? 1_555 OE2 ? A GLU 102 ? A GLU 180  ? 1_555 177.6 ? 
33 O   ? A GLY 77  ? A GLY 155  ? 1_555 CA ? C CA . ? A CA 997 ? 1_555 OE2 ? A GLU 102 ? A GLU 180  ? 1_555 91.2  ? 
34 O   ? A ASN 79  ? A ASN 157  ? 1_555 CA ? C CA . ? A CA 997 ? 1_555 OE2 ? A GLU 102 ? A GLU 180  ? 1_555 89.4  ? 
35 O   ? A ILE 81  ? A ILE 159  ? 1_555 CA ? C CA . ? A CA 997 ? 1_555 OE2 ? A GLU 102 ? A GLU 180  ? 1_555 90.5  ? 
36 OD2 ? A ASP 99  ? A ASP 177  ? 1_555 CA ? C CA . ? A CA 997 ? 1_555 OE2 ? A GLU 102 ? A GLU 180  ? 1_555 93.7  ? 
37 NE2 ? A HIS 119 ? A HIS 197  ? 1_555 ZN ? E ZN . ? A ZN 999 ? 1_555 NE2 ? A HIS 123 ? A HIS 201  ? 1_555 113.4 ? 
38 NE2 ? A HIS 119 ? A HIS 197  ? 1_555 ZN ? E ZN . ? A ZN 999 ? 1_555 NE2 ? A HIS 129 ? A HIS 207  ? 1_555 108.2 ? 
39 NE2 ? A HIS 123 ? A HIS 201  ? 1_555 ZN ? E ZN . ? A ZN 999 ? 1_555 NE2 ? A HIS 129 ? A HIS 207  ? 1_555 106.4 ? 
40 NE2 ? A HIS 119 ? A HIS 197  ? 1_555 ZN ? E ZN . ? A ZN 999 ? 1_555 O46 ? F BSI .   ? A BSI 250  ? 1_555 114.2 ? 
41 NE2 ? A HIS 123 ? A HIS 201  ? 1_555 ZN ? E ZN . ? A ZN 999 ? 1_555 O46 ? F BSI .   ? A BSI 250  ? 1_555 122.7 ? 
42 NE2 ? A HIS 129 ? A HIS 207  ? 1_555 ZN ? E ZN . ? A ZN 999 ? 1_555 O46 ? F BSI .   ? A BSI 250  ? 1_555 87.0  ? 
43 NE2 ? A HIS 119 ? A HIS 197  ? 1_555 ZN ? E ZN . ? A ZN 999 ? 1_555 O45 ? F BSI .   ? A BSI 250  ? 1_555 101.3 ? 
44 NE2 ? A HIS 123 ? A HIS 201  ? 1_555 ZN ? E ZN . ? A ZN 999 ? 1_555 O45 ? F BSI .   ? A BSI 250  ? 1_555 87.6  ? 
45 NE2 ? A HIS 129 ? A HIS 207  ? 1_555 ZN ? E ZN . ? A ZN 999 ? 1_555 O45 ? F BSI .   ? A BSI 250  ? 1_555 138.1 ? 
46 O46 ? F BSI .   ? A BSI 250  ? 1_555 ZN ? E ZN . ? A ZN 999 ? 1_555 O45 ? F BSI .   ? A BSI 250  ? 1_555 53.4  ? 
# 
loop_
_pdbx_audit_revision_history.ordinal 
_pdbx_audit_revision_history.data_content_type 
_pdbx_audit_revision_history.major_revision 
_pdbx_audit_revision_history.minor_revision 
_pdbx_audit_revision_history.revision_date 
1 'Structure model' 1 0 2000-05-31 
2 'Structure model' 1 1 2008-04-27 
3 'Structure model' 1 2 2011-07-13 
4 'Structure model' 1 3 2023-08-09 
# 
_pdbx_audit_revision_details.ordinal             1 
_pdbx_audit_revision_details.revision_ordinal    1 
_pdbx_audit_revision_details.data_content_type   'Structure model' 
_pdbx_audit_revision_details.provider            repository 
_pdbx_audit_revision_details.type                'Initial release' 
_pdbx_audit_revision_details.description         ? 
_pdbx_audit_revision_details.details             ? 
# 
loop_
_pdbx_audit_revision_group.ordinal 
_pdbx_audit_revision_group.revision_ordinal 
_pdbx_audit_revision_group.data_content_type 
_pdbx_audit_revision_group.group 
1 2 'Structure model' 'Version format compliance' 
2 3 'Structure model' 'Version format compliance' 
3 4 'Structure model' 'Data collection'           
4 4 'Structure model' 'Database references'       
5 4 'Structure model' 'Derived calculations'      
6 4 'Structure model' 'Refinement description'    
# 
loop_
_pdbx_audit_revision_category.ordinal 
_pdbx_audit_revision_category.revision_ordinal 
_pdbx_audit_revision_category.data_content_type 
_pdbx_audit_revision_category.category 
1 4 'Structure model' chem_comp_atom                
2 4 'Structure model' chem_comp_bond                
3 4 'Structure model' database_2                    
4 4 'Structure model' pdbx_initial_refinement_model 
5 4 'Structure model' pdbx_struct_conn_angle        
6 4 'Structure model' struct_conn                   
7 4 'Structure model' struct_ref_seq_dif            
8 4 'Structure model' struct_site                   
# 
loop_
_pdbx_audit_revision_item.ordinal 
_pdbx_audit_revision_item.revision_ordinal 
_pdbx_audit_revision_item.data_content_type 
_pdbx_audit_revision_item.item 
1  4 'Structure model' '_database_2.pdbx_DOI'                        
2  4 'Structure model' '_database_2.pdbx_database_accession'         
3  4 'Structure model' '_pdbx_struct_conn_angle.ptnr1_auth_comp_id'  
4  4 'Structure model' '_pdbx_struct_conn_angle.ptnr1_auth_seq_id'   
5  4 'Structure model' '_pdbx_struct_conn_angle.ptnr1_label_asym_id' 
6  4 'Structure model' '_pdbx_struct_conn_angle.ptnr1_label_atom_id' 
7  4 'Structure model' '_pdbx_struct_conn_angle.ptnr1_label_comp_id' 
8  4 'Structure model' '_pdbx_struct_conn_angle.ptnr1_label_seq_id'  
9  4 'Structure model' '_pdbx_struct_conn_angle.ptnr2_auth_comp_id'  
10 4 'Structure model' '_pdbx_struct_conn_angle.ptnr2_auth_seq_id'   
11 4 'Structure model' '_pdbx_struct_conn_angle.ptnr2_label_asym_id' 
12 4 'Structure model' '_pdbx_struct_conn_angle.ptnr2_label_atom_id' 
13 4 'Structure model' '_pdbx_struct_conn_angle.ptnr2_label_comp_id' 
14 4 'Structure model' '_pdbx_struct_conn_angle.ptnr3_auth_comp_id'  
15 4 'Structure model' '_pdbx_struct_conn_angle.ptnr3_auth_seq_id'   
16 4 'Structure model' '_pdbx_struct_conn_angle.ptnr3_label_asym_id' 
17 4 'Structure model' '_pdbx_struct_conn_angle.ptnr3_label_atom_id' 
18 4 'Structure model' '_pdbx_struct_conn_angle.ptnr3_label_comp_id' 
19 4 'Structure model' '_pdbx_struct_conn_angle.ptnr3_label_seq_id'  
20 4 'Structure model' '_pdbx_struct_conn_angle.value'               
21 4 'Structure model' '_struct_conn.pdbx_dist_value'                
22 4 'Structure model' '_struct_conn.ptnr1_auth_comp_id'             
23 4 'Structure model' '_struct_conn.ptnr1_auth_seq_id'              
24 4 'Structure model' '_struct_conn.ptnr1_label_asym_id'            
25 4 'Structure model' '_struct_conn.ptnr1_label_atom_id'            
26 4 'Structure model' '_struct_conn.ptnr1_label_comp_id'            
27 4 'Structure model' '_struct_conn.ptnr1_label_seq_id'             
28 4 'Structure model' '_struct_conn.ptnr2_auth_comp_id'             
29 4 'Structure model' '_struct_conn.ptnr2_auth_seq_id'              
30 4 'Structure model' '_struct_conn.ptnr2_label_asym_id'            
31 4 'Structure model' '_struct_conn.ptnr2_label_atom_id'            
32 4 'Structure model' '_struct_conn.ptnr2_label_comp_id'            
33 4 'Structure model' '_struct_conn.ptnr2_label_seq_id'             
34 4 'Structure model' '_struct_ref_seq_dif.details'                 
35 4 'Structure model' '_struct_site.pdbx_auth_asym_id'              
36 4 'Structure model' '_struct_site.pdbx_auth_comp_id'              
37 4 'Structure model' '_struct_site.pdbx_auth_seq_id'               
# 
loop_
_software.name 
_software.classification 
_software.version 
_software.citation_id 
_software.pdbx_ordinal 
X-PLOR 'model building' .   ? 1 
X-PLOR refinement       3.1 ? 2 
XDS    'data reduction' .   ? 3 
XSCALE 'data scaling'   .   ? 4 
X-PLOR phasing          .   ? 5 
# 
loop_
_pdbx_validate_torsion.id 
_pdbx_validate_torsion.PDB_model_num 
_pdbx_validate_torsion.auth_comp_id 
_pdbx_validate_torsion.auth_asym_id 
_pdbx_validate_torsion.auth_seq_id 
_pdbx_validate_torsion.PDB_ins_code 
_pdbx_validate_torsion.label_alt_id 
_pdbx_validate_torsion.phi 
_pdbx_validate_torsion.psi 
1 1 ARG A 145 ? ? 39.18   -124.88 
2 1 HIS A 147 ? ? -146.18 34.66   
3 1 ASN A 157 ? ? 62.56   -164.03 
4 1 THR A 185 ? ? -126.24 -169.60 
5 1 ALA A 206 ? ? -100.25 -169.44 
6 1 ASN A 226 ? ? -141.06 40.25   
# 
loop_
_chem_comp_atom.comp_id 
_chem_comp_atom.atom_id 
_chem_comp_atom.type_symbol 
_chem_comp_atom.pdbx_aromatic_flag 
_chem_comp_atom.pdbx_stereo_config 
_chem_comp_atom.pdbx_ordinal 
ALA N    N  N N 1   
ALA CA   C  N S 2   
ALA C    C  N N 3   
ALA O    O  N N 4   
ALA CB   C  N N 5   
ALA OXT  O  N N 6   
ALA H    H  N N 7   
ALA H2   H  N N 8   
ALA HA   H  N N 9   
ALA HB1  H  N N 10  
ALA HB2  H  N N 11  
ALA HB3  H  N N 12  
ALA HXT  H  N N 13  
ARG N    N  N N 14  
ARG CA   C  N S 15  
ARG C    C  N N 16  
ARG O    O  N N 17  
ARG CB   C  N N 18  
ARG CG   C  N N 19  
ARG CD   C  N N 20  
ARG NE   N  N N 21  
ARG CZ   C  N N 22  
ARG NH1  N  N N 23  
ARG NH2  N  N N 24  
ARG OXT  O  N N 25  
ARG H    H  N N 26  
ARG H2   H  N N 27  
ARG HA   H  N N 28  
ARG HB2  H  N N 29  
ARG HB3  H  N N 30  
ARG HG2  H  N N 31  
ARG HG3  H  N N 32  
ARG HD2  H  N N 33  
ARG HD3  H  N N 34  
ARG HE   H  N N 35  
ARG HH11 H  N N 36  
ARG HH12 H  N N 37  
ARG HH21 H  N N 38  
ARG HH22 H  N N 39  
ARG HXT  H  N N 40  
ASN N    N  N N 41  
ASN CA   C  N S 42  
ASN C    C  N N 43  
ASN O    O  N N 44  
ASN CB   C  N N 45  
ASN CG   C  N N 46  
ASN OD1  O  N N 47  
ASN ND2  N  N N 48  
ASN OXT  O  N N 49  
ASN H    H  N N 50  
ASN H2   H  N N 51  
ASN HA   H  N N 52  
ASN HB2  H  N N 53  
ASN HB3  H  N N 54  
ASN HD21 H  N N 55  
ASN HD22 H  N N 56  
ASN HXT  H  N N 57  
ASP N    N  N N 58  
ASP CA   C  N S 59  
ASP C    C  N N 60  
ASP O    O  N N 61  
ASP CB   C  N N 62  
ASP CG   C  N N 63  
ASP OD1  O  N N 64  
ASP OD2  O  N N 65  
ASP OXT  O  N N 66  
ASP H    H  N N 67  
ASP H2   H  N N 68  
ASP HA   H  N N 69  
ASP HB2  H  N N 70  
ASP HB3  H  N N 71  
ASP HD2  H  N N 72  
ASP HXT  H  N N 73  
BSI C1   C  Y N 74  
BSI C2   C  Y N 75  
BSI C3   C  Y N 76  
BSI C7   C  N N 77  
BSI C9   C  N R 78  
BSI C10  C  N N 79  
BSI C16  C  Y N 80  
BSI C19  C  Y N 81  
BSI C20  C  Y N 82  
BSI C21  C  Y N 83  
BSI C22  C  Y N 84  
BSI C24  C  Y N 85  
BSI C27  C  Y N 86  
BSI O28  O  N N 87  
BSI C4   C  Y N 88  
BSI C5   C  Y N 89  
BSI C6   C  Y N 90  
BSI N8   N  N N 91  
BSI S15  S  N N 92  
BSI C17  C  Y N 93  
BSI C18  C  Y N 94  
BSI C23  C  Y N 95  
BSI C25  C  Y N 96  
BSI C26  C  Y N 97  
BSI O29  O  N N 98  
BSI C43  C  N N 99  
BSI O45  O  N N 100 
BSI O46  O  N N 101 
BSI HC1  H  N N 102 
BSI HC2  H  N N 103 
BSI HC71 H  N N 104 
BSI HC72 H  N N 105 
BSI HC9  H  N N 106 
BSI HC01 H  N N 107 
BSI HC02 H  N N 108 
BSI HC20 H  N N 109 
BSI HC21 H  N N 110 
BSI HC24 H  N N 111 
BSI HC27 H  N N 112 
BSI HC5  H  N N 113 
BSI HC6  H  N N 114 
BSI HC17 H  N N 115 
BSI HC18 H  N N 116 
BSI HC23 H  N N 117 
BSI HC25 H  N N 118 
BSI HC26 H  N N 119 
BSI HO46 H  N N 120 
CA  CA   CA N N 121 
EPE N1   N  N N 122 
EPE C2   C  N N 123 
EPE C3   C  N N 124 
EPE N4   N  N N 125 
EPE C5   C  N N 126 
EPE C6   C  N N 127 
EPE C7   C  N N 128 
EPE C8   C  N N 129 
EPE O8   O  N N 130 
EPE C9   C  N N 131 
EPE C10  C  N N 132 
EPE S    S  N N 133 
EPE O1S  O  N N 134 
EPE O2S  O  N N 135 
EPE O3S  O  N N 136 
EPE H21  H  N N 137 
EPE H22  H  N N 138 
EPE H31  H  N N 139 
EPE H32  H  N N 140 
EPE H51  H  N N 141 
EPE H52  H  N N 142 
EPE H61  H  N N 143 
EPE H62  H  N N 144 
EPE H71  H  N N 145 
EPE H72  H  N N 146 
EPE H81  H  N N 147 
EPE H82  H  N N 148 
EPE HO8  H  N N 149 
EPE H91  H  N N 150 
EPE H92  H  N N 151 
EPE H101 H  N N 152 
EPE H102 H  N N 153 
EPE HOS3 H  N N 154 
GLN N    N  N N 155 
GLN CA   C  N S 156 
GLN C    C  N N 157 
GLN O    O  N N 158 
GLN CB   C  N N 159 
GLN CG   C  N N 160 
GLN CD   C  N N 161 
GLN OE1  O  N N 162 
GLN NE2  N  N N 163 
GLN OXT  O  N N 164 
GLN H    H  N N 165 
GLN H2   H  N N 166 
GLN HA   H  N N 167 
GLN HB2  H  N N 168 
GLN HB3  H  N N 169 
GLN HG2  H  N N 170 
GLN HG3  H  N N 171 
GLN HE21 H  N N 172 
GLN HE22 H  N N 173 
GLN HXT  H  N N 174 
GLU N    N  N N 175 
GLU CA   C  N S 176 
GLU C    C  N N 177 
GLU O    O  N N 178 
GLU CB   C  N N 179 
GLU CG   C  N N 180 
GLU CD   C  N N 181 
GLU OE1  O  N N 182 
GLU OE2  O  N N 183 
GLU OXT  O  N N 184 
GLU H    H  N N 185 
GLU H2   H  N N 186 
GLU HA   H  N N 187 
GLU HB2  H  N N 188 
GLU HB3  H  N N 189 
GLU HG2  H  N N 190 
GLU HG3  H  N N 191 
GLU HE2  H  N N 192 
GLU HXT  H  N N 193 
GLY N    N  N N 194 
GLY CA   C  N N 195 
GLY C    C  N N 196 
GLY O    O  N N 197 
GLY OXT  O  N N 198 
GLY H    H  N N 199 
GLY H2   H  N N 200 
GLY HA2  H  N N 201 
GLY HA3  H  N N 202 
GLY HXT  H  N N 203 
HIS N    N  N N 204 
HIS CA   C  N S 205 
HIS C    C  N N 206 
HIS O    O  N N 207 
HIS CB   C  N N 208 
HIS CG   C  Y N 209 
HIS ND1  N  Y N 210 
HIS CD2  C  Y N 211 
HIS CE1  C  Y N 212 
HIS NE2  N  Y N 213 
HIS OXT  O  N N 214 
HIS H    H  N N 215 
HIS H2   H  N N 216 
HIS HA   H  N N 217 
HIS HB2  H  N N 218 
HIS HB3  H  N N 219 
HIS HD1  H  N N 220 
HIS HD2  H  N N 221 
HIS HE1  H  N N 222 
HIS HE2  H  N N 223 
HIS HXT  H  N N 224 
HOH O    O  N N 225 
HOH H1   H  N N 226 
HOH H2   H  N N 227 
ILE N    N  N N 228 
ILE CA   C  N S 229 
ILE C    C  N N 230 
ILE O    O  N N 231 
ILE CB   C  N S 232 
ILE CG1  C  N N 233 
ILE CG2  C  N N 234 
ILE CD1  C  N N 235 
ILE OXT  O  N N 236 
ILE H    H  N N 237 
ILE H2   H  N N 238 
ILE HA   H  N N 239 
ILE HB   H  N N 240 
ILE HG12 H  N N 241 
ILE HG13 H  N N 242 
ILE HG21 H  N N 243 
ILE HG22 H  N N 244 
ILE HG23 H  N N 245 
ILE HD11 H  N N 246 
ILE HD12 H  N N 247 
ILE HD13 H  N N 248 
ILE HXT  H  N N 249 
LEU N    N  N N 250 
LEU CA   C  N S 251 
LEU C    C  N N 252 
LEU O    O  N N 253 
LEU CB   C  N N 254 
LEU CG   C  N N 255 
LEU CD1  C  N N 256 
LEU CD2  C  N N 257 
LEU OXT  O  N N 258 
LEU H    H  N N 259 
LEU H2   H  N N 260 
LEU HA   H  N N 261 
LEU HB2  H  N N 262 
LEU HB3  H  N N 263 
LEU HG   H  N N 264 
LEU HD11 H  N N 265 
LEU HD12 H  N N 266 
LEU HD13 H  N N 267 
LEU HD21 H  N N 268 
LEU HD22 H  N N 269 
LEU HD23 H  N N 270 
LEU HXT  H  N N 271 
LYS N    N  N N 272 
LYS CA   C  N S 273 
LYS C    C  N N 274 
LYS O    O  N N 275 
LYS CB   C  N N 276 
LYS CG   C  N N 277 
LYS CD   C  N N 278 
LYS CE   C  N N 279 
LYS NZ   N  N N 280 
LYS OXT  O  N N 281 
LYS H    H  N N 282 
LYS H2   H  N N 283 
LYS HA   H  N N 284 
LYS HB2  H  N N 285 
LYS HB3  H  N N 286 
LYS HG2  H  N N 287 
LYS HG3  H  N N 288 
LYS HD2  H  N N 289 
LYS HD3  H  N N 290 
LYS HE2  H  N N 291 
LYS HE3  H  N N 292 
LYS HZ1  H  N N 293 
LYS HZ2  H  N N 294 
LYS HZ3  H  N N 295 
LYS HXT  H  N N 296 
MET N    N  N N 297 
MET CA   C  N S 298 
MET C    C  N N 299 
MET O    O  N N 300 
MET CB   C  N N 301 
MET CG   C  N N 302 
MET SD   S  N N 303 
MET CE   C  N N 304 
MET OXT  O  N N 305 
MET H    H  N N 306 
MET H2   H  N N 307 
MET HA   H  N N 308 
MET HB2  H  N N 309 
MET HB3  H  N N 310 
MET HG2  H  N N 311 
MET HG3  H  N N 312 
MET HE1  H  N N 313 
MET HE2  H  N N 314 
MET HE3  H  N N 315 
MET HXT  H  N N 316 
PHE N    N  N N 317 
PHE CA   C  N S 318 
PHE C    C  N N 319 
PHE O    O  N N 320 
PHE CB   C  N N 321 
PHE CG   C  Y N 322 
PHE CD1  C  Y N 323 
PHE CD2  C  Y N 324 
PHE CE1  C  Y N 325 
PHE CE2  C  Y N 326 
PHE CZ   C  Y N 327 
PHE OXT  O  N N 328 
PHE H    H  N N 329 
PHE H2   H  N N 330 
PHE HA   H  N N 331 
PHE HB2  H  N N 332 
PHE HB3  H  N N 333 
PHE HD1  H  N N 334 
PHE HD2  H  N N 335 
PHE HE1  H  N N 336 
PHE HE2  H  N N 337 
PHE HZ   H  N N 338 
PHE HXT  H  N N 339 
PRO N    N  N N 340 
PRO CA   C  N S 341 
PRO C    C  N N 342 
PRO O    O  N N 343 
PRO CB   C  N N 344 
PRO CG   C  N N 345 
PRO CD   C  N N 346 
PRO OXT  O  N N 347 
PRO H    H  N N 348 
PRO HA   H  N N 349 
PRO HB2  H  N N 350 
PRO HB3  H  N N 351 
PRO HG2  H  N N 352 
PRO HG3  H  N N 353 
PRO HD2  H  N N 354 
PRO HD3  H  N N 355 
PRO HXT  H  N N 356 
SER N    N  N N 357 
SER CA   C  N S 358 
SER C    C  N N 359 
SER O    O  N N 360 
SER CB   C  N N 361 
SER OG   O  N N 362 
SER OXT  O  N N 363 
SER H    H  N N 364 
SER H2   H  N N 365 
SER HA   H  N N 366 
SER HB2  H  N N 367 
SER HB3  H  N N 368 
SER HG   H  N N 369 
SER HXT  H  N N 370 
THR N    N  N N 371 
THR CA   C  N S 372 
THR C    C  N N 373 
THR O    O  N N 374 
THR CB   C  N R 375 
THR OG1  O  N N 376 
THR CG2  C  N N 377 
THR OXT  O  N N 378 
THR H    H  N N 379 
THR H2   H  N N 380 
THR HA   H  N N 381 
THR HB   H  N N 382 
THR HG1  H  N N 383 
THR HG21 H  N N 384 
THR HG22 H  N N 385 
THR HG23 H  N N 386 
THR HXT  H  N N 387 
TRP N    N  N N 388 
TRP CA   C  N S 389 
TRP C    C  N N 390 
TRP O    O  N N 391 
TRP CB   C  N N 392 
TRP CG   C  Y N 393 
TRP CD1  C  Y N 394 
TRP CD2  C  Y N 395 
TRP NE1  N  Y N 396 
TRP CE2  C  Y N 397 
TRP CE3  C  Y N 398 
TRP CZ2  C  Y N 399 
TRP CZ3  C  Y N 400 
TRP CH2  C  Y N 401 
TRP OXT  O  N N 402 
TRP H    H  N N 403 
TRP H2   H  N N 404 
TRP HA   H  N N 405 
TRP HB2  H  N N 406 
TRP HB3  H  N N 407 
TRP HD1  H  N N 408 
TRP HE1  H  N N 409 
TRP HE3  H  N N 410 
TRP HZ2  H  N N 411 
TRP HZ3  H  N N 412 
TRP HH2  H  N N 413 
TRP HXT  H  N N 414 
TYR N    N  N N 415 
TYR CA   C  N S 416 
TYR C    C  N N 417 
TYR O    O  N N 418 
TYR CB   C  N N 419 
TYR CG   C  Y N 420 
TYR CD1  C  Y N 421 
TYR CD2  C  Y N 422 
TYR CE1  C  Y N 423 
TYR CE2  C  Y N 424 
TYR CZ   C  Y N 425 
TYR OH   O  N N 426 
TYR OXT  O  N N 427 
TYR H    H  N N 428 
TYR H2   H  N N 429 
TYR HA   H  N N 430 
TYR HB2  H  N N 431 
TYR HB3  H  N N 432 
TYR HD1  H  N N 433 
TYR HD2  H  N N 434 
TYR HE1  H  N N 435 
TYR HE2  H  N N 436 
TYR HH   H  N N 437 
TYR HXT  H  N N 438 
VAL N    N  N N 439 
VAL CA   C  N S 440 
VAL C    C  N N 441 
VAL O    O  N N 442 
VAL CB   C  N N 443 
VAL CG1  C  N N 444 
VAL CG2  C  N N 445 
VAL OXT  O  N N 446 
VAL H    H  N N 447 
VAL H2   H  N N 448 
VAL HA   H  N N 449 
VAL HB   H  N N 450 
VAL HG11 H  N N 451 
VAL HG12 H  N N 452 
VAL HG13 H  N N 453 
VAL HG21 H  N N 454 
VAL HG22 H  N N 455 
VAL HG23 H  N N 456 
VAL HXT  H  N N 457 
ZN  ZN   ZN N N 458 
# 
loop_
_chem_comp_bond.comp_id 
_chem_comp_bond.atom_id_1 
_chem_comp_bond.atom_id_2 
_chem_comp_bond.value_order 
_chem_comp_bond.pdbx_aromatic_flag 
_chem_comp_bond.pdbx_stereo_config 
_chem_comp_bond.pdbx_ordinal 
ALA N   CA   sing N N 1   
ALA N   H    sing N N 2   
ALA N   H2   sing N N 3   
ALA CA  C    sing N N 4   
ALA CA  CB   sing N N 5   
ALA CA  HA   sing N N 6   
ALA C   O    doub N N 7   
ALA C   OXT  sing N N 8   
ALA CB  HB1  sing N N 9   
ALA CB  HB2  sing N N 10  
ALA CB  HB3  sing N N 11  
ALA OXT HXT  sing N N 12  
ARG N   CA   sing N N 13  
ARG N   H    sing N N 14  
ARG N   H2   sing N N 15  
ARG CA  C    sing N N 16  
ARG CA  CB   sing N N 17  
ARG CA  HA   sing N N 18  
ARG C   O    doub N N 19  
ARG C   OXT  sing N N 20  
ARG CB  CG   sing N N 21  
ARG CB  HB2  sing N N 22  
ARG CB  HB3  sing N N 23  
ARG CG  CD   sing N N 24  
ARG CG  HG2  sing N N 25  
ARG CG  HG3  sing N N 26  
ARG CD  NE   sing N N 27  
ARG CD  HD2  sing N N 28  
ARG CD  HD3  sing N N 29  
ARG NE  CZ   sing N N 30  
ARG NE  HE   sing N N 31  
ARG CZ  NH1  sing N N 32  
ARG CZ  NH2  doub N N 33  
ARG NH1 HH11 sing N N 34  
ARG NH1 HH12 sing N N 35  
ARG NH2 HH21 sing N N 36  
ARG NH2 HH22 sing N N 37  
ARG OXT HXT  sing N N 38  
ASN N   CA   sing N N 39  
ASN N   H    sing N N 40  
ASN N   H2   sing N N 41  
ASN CA  C    sing N N 42  
ASN CA  CB   sing N N 43  
ASN CA  HA   sing N N 44  
ASN C   O    doub N N 45  
ASN C   OXT  sing N N 46  
ASN CB  CG   sing N N 47  
ASN CB  HB2  sing N N 48  
ASN CB  HB3  sing N N 49  
ASN CG  OD1  doub N N 50  
ASN CG  ND2  sing N N 51  
ASN ND2 HD21 sing N N 52  
ASN ND2 HD22 sing N N 53  
ASN OXT HXT  sing N N 54  
ASP N   CA   sing N N 55  
ASP N   H    sing N N 56  
ASP N   H2   sing N N 57  
ASP CA  C    sing N N 58  
ASP CA  CB   sing N N 59  
ASP CA  HA   sing N N 60  
ASP C   O    doub N N 61  
ASP C   OXT  sing N N 62  
ASP CB  CG   sing N N 63  
ASP CB  HB2  sing N N 64  
ASP CB  HB3  sing N N 65  
ASP CG  OD1  doub N N 66  
ASP CG  OD2  sing N N 67  
ASP OD2 HD2  sing N N 68  
ASP OXT HXT  sing N N 69  
BSI C1  C2   doub Y N 70  
BSI C1  C6   sing Y N 71  
BSI C1  HC1  sing N N 72  
BSI C2  C3   sing Y N 73  
BSI C2  HC2  sing N N 74  
BSI C3  C7   sing N N 75  
BSI C3  C4   doub Y N 76  
BSI C7  N8   sing N N 77  
BSI C7  HC71 sing N N 78  
BSI C7  HC72 sing N N 79  
BSI C9  C10  sing N N 80  
BSI C9  N8   sing N N 81  
BSI C9  C43  sing N N 82  
BSI C9  HC9  sing N N 83  
BSI C10 C4   sing N N 84  
BSI C10 HC01 sing N N 85  
BSI C10 HC02 sing N N 86  
BSI C16 C21  doub Y N 87  
BSI C16 S15  sing N N 88  
BSI C16 C17  sing Y N 89  
BSI C19 C20  doub Y N 90  
BSI C19 C22  sing Y N 91  
BSI C19 C18  sing Y N 92  
BSI C20 C21  sing Y N 93  
BSI C20 HC20 sing N N 94  
BSI C21 HC21 sing N N 95  
BSI C22 C27  doub Y N 96  
BSI C22 C23  sing Y N 97  
BSI C24 C23  doub Y N 98  
BSI C24 C25  sing Y N 99  
BSI C24 HC24 sing N N 100 
BSI C27 C26  sing Y N 101 
BSI C27 HC27 sing N N 102 
BSI O28 S15  doub N N 103 
BSI C4  C5   sing Y N 104 
BSI C5  C6   doub Y N 105 
BSI C5  HC5  sing N N 106 
BSI C6  HC6  sing N N 107 
BSI N8  S15  sing N N 108 
BSI S15 O29  doub N N 109 
BSI C17 C18  doub Y N 110 
BSI C17 HC17 sing N N 111 
BSI C18 HC18 sing N N 112 
BSI C23 HC23 sing N N 113 
BSI C25 C26  doub Y N 114 
BSI C25 HC25 sing N N 115 
BSI C26 HC26 sing N N 116 
BSI C43 O45  doub N N 117 
BSI C43 O46  sing N N 118 
BSI O46 HO46 sing N N 119 
EPE N1  C2   sing N N 120 
EPE N1  C6   sing N N 121 
EPE N1  C9   sing N N 122 
EPE C2  C3   sing N N 123 
EPE C2  H21  sing N N 124 
EPE C2  H22  sing N N 125 
EPE C3  N4   sing N N 126 
EPE C3  H31  sing N N 127 
EPE C3  H32  sing N N 128 
EPE N4  C5   sing N N 129 
EPE N4  C7   sing N N 130 
EPE C5  C6   sing N N 131 
EPE C5  H51  sing N N 132 
EPE C5  H52  sing N N 133 
EPE C6  H61  sing N N 134 
EPE C6  H62  sing N N 135 
EPE C7  C8   sing N N 136 
EPE C7  H71  sing N N 137 
EPE C7  H72  sing N N 138 
EPE C8  O8   sing N N 139 
EPE C8  H81  sing N N 140 
EPE C8  H82  sing N N 141 
EPE O8  HO8  sing N N 142 
EPE C9  C10  sing N N 143 
EPE C9  H91  sing N N 144 
EPE C9  H92  sing N N 145 
EPE C10 S    sing N N 146 
EPE C10 H101 sing N N 147 
EPE C10 H102 sing N N 148 
EPE S   O1S  doub N N 149 
EPE S   O2S  doub N N 150 
EPE S   O3S  sing N N 151 
EPE O3S HOS3 sing N N 152 
GLN N   CA   sing N N 153 
GLN N   H    sing N N 154 
GLN N   H2   sing N N 155 
GLN CA  C    sing N N 156 
GLN CA  CB   sing N N 157 
GLN CA  HA   sing N N 158 
GLN C   O    doub N N 159 
GLN C   OXT  sing N N 160 
GLN CB  CG   sing N N 161 
GLN CB  HB2  sing N N 162 
GLN CB  HB3  sing N N 163 
GLN CG  CD   sing N N 164 
GLN CG  HG2  sing N N 165 
GLN CG  HG3  sing N N 166 
GLN CD  OE1  doub N N 167 
GLN CD  NE2  sing N N 168 
GLN NE2 HE21 sing N N 169 
GLN NE2 HE22 sing N N 170 
GLN OXT HXT  sing N N 171 
GLU N   CA   sing N N 172 
GLU N   H    sing N N 173 
GLU N   H2   sing N N 174 
GLU CA  C    sing N N 175 
GLU CA  CB   sing N N 176 
GLU CA  HA   sing N N 177 
GLU C   O    doub N N 178 
GLU C   OXT  sing N N 179 
GLU CB  CG   sing N N 180 
GLU CB  HB2  sing N N 181 
GLU CB  HB3  sing N N 182 
GLU CG  CD   sing N N 183 
GLU CG  HG2  sing N N 184 
GLU CG  HG3  sing N N 185 
GLU CD  OE1  doub N N 186 
GLU CD  OE2  sing N N 187 
GLU OE2 HE2  sing N N 188 
GLU OXT HXT  sing N N 189 
GLY N   CA   sing N N 190 
GLY N   H    sing N N 191 
GLY N   H2   sing N N 192 
GLY CA  C    sing N N 193 
GLY CA  HA2  sing N N 194 
GLY CA  HA3  sing N N 195 
GLY C   O    doub N N 196 
GLY C   OXT  sing N N 197 
GLY OXT HXT  sing N N 198 
HIS N   CA   sing N N 199 
HIS N   H    sing N N 200 
HIS N   H2   sing N N 201 
HIS CA  C    sing N N 202 
HIS CA  CB   sing N N 203 
HIS CA  HA   sing N N 204 
HIS C   O    doub N N 205 
HIS C   OXT  sing N N 206 
HIS CB  CG   sing N N 207 
HIS CB  HB2  sing N N 208 
HIS CB  HB3  sing N N 209 
HIS CG  ND1  sing Y N 210 
HIS CG  CD2  doub Y N 211 
HIS ND1 CE1  doub Y N 212 
HIS ND1 HD1  sing N N 213 
HIS CD2 NE2  sing Y N 214 
HIS CD2 HD2  sing N N 215 
HIS CE1 NE2  sing Y N 216 
HIS CE1 HE1  sing N N 217 
HIS NE2 HE2  sing N N 218 
HIS OXT HXT  sing N N 219 
HOH O   H1   sing N N 220 
HOH O   H2   sing N N 221 
ILE N   CA   sing N N 222 
ILE N   H    sing N N 223 
ILE N   H2   sing N N 224 
ILE CA  C    sing N N 225 
ILE CA  CB   sing N N 226 
ILE CA  HA   sing N N 227 
ILE C   O    doub N N 228 
ILE C   OXT  sing N N 229 
ILE CB  CG1  sing N N 230 
ILE CB  CG2  sing N N 231 
ILE CB  HB   sing N N 232 
ILE CG1 CD1  sing N N 233 
ILE CG1 HG12 sing N N 234 
ILE CG1 HG13 sing N N 235 
ILE CG2 HG21 sing N N 236 
ILE CG2 HG22 sing N N 237 
ILE CG2 HG23 sing N N 238 
ILE CD1 HD11 sing N N 239 
ILE CD1 HD12 sing N N 240 
ILE CD1 HD13 sing N N 241 
ILE OXT HXT  sing N N 242 
LEU N   CA   sing N N 243 
LEU N   H    sing N N 244 
LEU N   H2   sing N N 245 
LEU CA  C    sing N N 246 
LEU CA  CB   sing N N 247 
LEU CA  HA   sing N N 248 
LEU C   O    doub N N 249 
LEU C   OXT  sing N N 250 
LEU CB  CG   sing N N 251 
LEU CB  HB2  sing N N 252 
LEU CB  HB3  sing N N 253 
LEU CG  CD1  sing N N 254 
LEU CG  CD2  sing N N 255 
LEU CG  HG   sing N N 256 
LEU CD1 HD11 sing N N 257 
LEU CD1 HD12 sing N N 258 
LEU CD1 HD13 sing N N 259 
LEU CD2 HD21 sing N N 260 
LEU CD2 HD22 sing N N 261 
LEU CD2 HD23 sing N N 262 
LEU OXT HXT  sing N N 263 
LYS N   CA   sing N N 264 
LYS N   H    sing N N 265 
LYS N   H2   sing N N 266 
LYS CA  C    sing N N 267 
LYS CA  CB   sing N N 268 
LYS CA  HA   sing N N 269 
LYS C   O    doub N N 270 
LYS C   OXT  sing N N 271 
LYS CB  CG   sing N N 272 
LYS CB  HB2  sing N N 273 
LYS CB  HB3  sing N N 274 
LYS CG  CD   sing N N 275 
LYS CG  HG2  sing N N 276 
LYS CG  HG3  sing N N 277 
LYS CD  CE   sing N N 278 
LYS CD  HD2  sing N N 279 
LYS CD  HD3  sing N N 280 
LYS CE  NZ   sing N N 281 
LYS CE  HE2  sing N N 282 
LYS CE  HE3  sing N N 283 
LYS NZ  HZ1  sing N N 284 
LYS NZ  HZ2  sing N N 285 
LYS NZ  HZ3  sing N N 286 
LYS OXT HXT  sing N N 287 
MET N   CA   sing N N 288 
MET N   H    sing N N 289 
MET N   H2   sing N N 290 
MET CA  C    sing N N 291 
MET CA  CB   sing N N 292 
MET CA  HA   sing N N 293 
MET C   O    doub N N 294 
MET C   OXT  sing N N 295 
MET CB  CG   sing N N 296 
MET CB  HB2  sing N N 297 
MET CB  HB3  sing N N 298 
MET CG  SD   sing N N 299 
MET CG  HG2  sing N N 300 
MET CG  HG3  sing N N 301 
MET SD  CE   sing N N 302 
MET CE  HE1  sing N N 303 
MET CE  HE2  sing N N 304 
MET CE  HE3  sing N N 305 
MET OXT HXT  sing N N 306 
PHE N   CA   sing N N 307 
PHE N   H    sing N N 308 
PHE N   H2   sing N N 309 
PHE CA  C    sing N N 310 
PHE CA  CB   sing N N 311 
PHE CA  HA   sing N N 312 
PHE C   O    doub N N 313 
PHE C   OXT  sing N N 314 
PHE CB  CG   sing N N 315 
PHE CB  HB2  sing N N 316 
PHE CB  HB3  sing N N 317 
PHE CG  CD1  doub Y N 318 
PHE CG  CD2  sing Y N 319 
PHE CD1 CE1  sing Y N 320 
PHE CD1 HD1  sing N N 321 
PHE CD2 CE2  doub Y N 322 
PHE CD2 HD2  sing N N 323 
PHE CE1 CZ   doub Y N 324 
PHE CE1 HE1  sing N N 325 
PHE CE2 CZ   sing Y N 326 
PHE CE2 HE2  sing N N 327 
PHE CZ  HZ   sing N N 328 
PHE OXT HXT  sing N N 329 
PRO N   CA   sing N N 330 
PRO N   CD   sing N N 331 
PRO N   H    sing N N 332 
PRO CA  C    sing N N 333 
PRO CA  CB   sing N N 334 
PRO CA  HA   sing N N 335 
PRO C   O    doub N N 336 
PRO C   OXT  sing N N 337 
PRO CB  CG   sing N N 338 
PRO CB  HB2  sing N N 339 
PRO CB  HB3  sing N N 340 
PRO CG  CD   sing N N 341 
PRO CG  HG2  sing N N 342 
PRO CG  HG3  sing N N 343 
PRO CD  HD2  sing N N 344 
PRO CD  HD3  sing N N 345 
PRO OXT HXT  sing N N 346 
SER N   CA   sing N N 347 
SER N   H    sing N N 348 
SER N   H2   sing N N 349 
SER CA  C    sing N N 350 
SER CA  CB   sing N N 351 
SER CA  HA   sing N N 352 
SER C   O    doub N N 353 
SER C   OXT  sing N N 354 
SER CB  OG   sing N N 355 
SER CB  HB2  sing N N 356 
SER CB  HB3  sing N N 357 
SER OG  HG   sing N N 358 
SER OXT HXT  sing N N 359 
THR N   CA   sing N N 360 
THR N   H    sing N N 361 
THR N   H2   sing N N 362 
THR CA  C    sing N N 363 
THR CA  CB   sing N N 364 
THR CA  HA   sing N N 365 
THR C   O    doub N N 366 
THR C   OXT  sing N N 367 
THR CB  OG1  sing N N 368 
THR CB  CG2  sing N N 369 
THR CB  HB   sing N N 370 
THR OG1 HG1  sing N N 371 
THR CG2 HG21 sing N N 372 
THR CG2 HG22 sing N N 373 
THR CG2 HG23 sing N N 374 
THR OXT HXT  sing N N 375 
TRP N   CA   sing N N 376 
TRP N   H    sing N N 377 
TRP N   H2   sing N N 378 
TRP CA  C    sing N N 379 
TRP CA  CB   sing N N 380 
TRP CA  HA   sing N N 381 
TRP C   O    doub N N 382 
TRP C   OXT  sing N N 383 
TRP CB  CG   sing N N 384 
TRP CB  HB2  sing N N 385 
TRP CB  HB3  sing N N 386 
TRP CG  CD1  doub Y N 387 
TRP CG  CD2  sing Y N 388 
TRP CD1 NE1  sing Y N 389 
TRP CD1 HD1  sing N N 390 
TRP CD2 CE2  doub Y N 391 
TRP CD2 CE3  sing Y N 392 
TRP NE1 CE2  sing Y N 393 
TRP NE1 HE1  sing N N 394 
TRP CE2 CZ2  sing Y N 395 
TRP CE3 CZ3  doub Y N 396 
TRP CE3 HE3  sing N N 397 
TRP CZ2 CH2  doub Y N 398 
TRP CZ2 HZ2  sing N N 399 
TRP CZ3 CH2  sing Y N 400 
TRP CZ3 HZ3  sing N N 401 
TRP CH2 HH2  sing N N 402 
TRP OXT HXT  sing N N 403 
TYR N   CA   sing N N 404 
TYR N   H    sing N N 405 
TYR N   H2   sing N N 406 
TYR CA  C    sing N N 407 
TYR CA  CB   sing N N 408 
TYR CA  HA   sing N N 409 
TYR C   O    doub N N 410 
TYR C   OXT  sing N N 411 
TYR CB  CG   sing N N 412 
TYR CB  HB2  sing N N 413 
TYR CB  HB3  sing N N 414 
TYR CG  CD1  doub Y N 415 
TYR CG  CD2  sing Y N 416 
TYR CD1 CE1  sing Y N 417 
TYR CD1 HD1  sing N N 418 
TYR CD2 CE2  doub Y N 419 
TYR CD2 HD2  sing N N 420 
TYR CE1 CZ   doub Y N 421 
TYR CE1 HE1  sing N N 422 
TYR CE2 CZ   sing Y N 423 
TYR CE2 HE2  sing N N 424 
TYR CZ  OH   sing N N 425 
TYR OH  HH   sing N N 426 
TYR OXT HXT  sing N N 427 
VAL N   CA   sing N N 428 
VAL N   H    sing N N 429 
VAL N   H2   sing N N 430 
VAL CA  C    sing N N 431 
VAL CA  CB   sing N N 432 
VAL CA  HA   sing N N 433 
VAL C   O    doub N N 434 
VAL C   OXT  sing N N 435 
VAL CB  CG1  sing N N 436 
VAL CB  CG2  sing N N 437 
VAL CB  HB   sing N N 438 
VAL CG1 HG11 sing N N 439 
VAL CG1 HG12 sing N N 440 
VAL CG1 HG13 sing N N 441 
VAL CG2 HG21 sing N N 442 
VAL CG2 HG22 sing N N 443 
VAL CG2 HG23 sing N N 444 
VAL OXT HXT  sing N N 445 
# 
loop_
_pdbx_entity_nonpoly.entity_id 
_pdbx_entity_nonpoly.name 
_pdbx_entity_nonpoly.comp_id 
2 'CALCIUM ION'                                                               CA  
3 'ZINC ION'                                                                  ZN  
4 '2-(BIPHENYL-4-SULFONYL)-1,2,3,4-TETRAHYDRO-ISOQUINOLINE-3-CARBOXYLIC ACID' BSI 
5 '4-(2-HYDROXYETHYL)-1-PIPERAZINE ETHANESULFONIC ACID'                       EPE 
6 water                                                                       HOH 
# 
_pdbx_initial_refinement_model.id               1 
_pdbx_initial_refinement_model.entity_id_list   ? 
_pdbx_initial_refinement_model.type             'experimental model' 
_pdbx_initial_refinement_model.source_name      PDB 
_pdbx_initial_refinement_model.accession_code   1JAN 
_pdbx_initial_refinement_model.details          'PDB ENTRY 1JAN' 
# 
